data_1D3I
# 
_entry.id   1D3I 
# 
_audit_conform.dict_name       mmcif_pdbx.dic 
_audit_conform.dict_version    5.390 
_audit_conform.dict_location   http://mmcif.pdb.org/dictionaries/ascii/mmcif_pdbx.dic 
# 
loop_
_database_2.database_id 
_database_2.database_code 
_database_2.pdbx_database_accession 
_database_2.pdbx_DOI 
PDB   1D3I         pdb_00001d3i 10.2210/pdb1d3i/pdb 
RCSB  RCSB009757   ?            ?                   
WWPDB D_1000009757 ?            ?                   
# 
loop_
_pdbx_audit_revision_history.ordinal 
_pdbx_audit_revision_history.data_content_type 
_pdbx_audit_revision_history.major_revision 
_pdbx_audit_revision_history.minor_revision 
_pdbx_audit_revision_history.revision_date 
1 'Structure model' 1 0 2000-01-19 
2 'Structure model' 1 1 2008-04-27 
3 'Structure model' 1 2 2011-07-13 
4 'Structure model' 1 3 2018-07-18 
5 'Structure model' 1 4 2019-12-18 
6 'Structure model' 1 5 2024-02-07 
7 'Structure model' 1 6 2024-04-17 
# 
_pdbx_audit_revision_details.ordinal             1 
_pdbx_audit_revision_details.revision_ordinal    1 
_pdbx_audit_revision_details.data_content_type   'Structure model' 
_pdbx_audit_revision_details.provider            repository 
_pdbx_audit_revision_details.type                'Initial release' 
_pdbx_audit_revision_details.description         ? 
_pdbx_audit_revision_details.details             ? 
# 
loop_
_pdbx_audit_revision_group.ordinal 
_pdbx_audit_revision_group.revision_ordinal 
_pdbx_audit_revision_group.data_content_type 
_pdbx_audit_revision_group.group 
1 2 'Structure model' 'Version format compliance' 
2 3 'Structure model' 'Version format compliance' 
3 4 'Structure model' 'Data collection'           
4 5 'Structure model' Other                       
5 6 'Structure model' 'Data collection'           
6 6 'Structure model' 'Database references'       
7 6 'Structure model' 'Derived calculations'      
8 7 'Structure model' Other                       
# 
loop_
_pdbx_audit_revision_category.ordinal 
_pdbx_audit_revision_category.revision_ordinal 
_pdbx_audit_revision_category.data_content_type 
_pdbx_audit_revision_category.category 
1 4 'Structure model' em_image_scans        
2 4 'Structure model' em_software           
3 5 'Structure model' atom_sites            
4 5 'Structure model' cell                  
5 6 'Structure model' chem_comp_atom        
6 6 'Structure model' chem_comp_bond        
7 6 'Structure model' database_2            
8 6 'Structure model' pdbx_struct_oper_list 
9 7 'Structure model' pdbx_database_status  
# 
loop_
_pdbx_audit_revision_item.ordinal 
_pdbx_audit_revision_item.revision_ordinal 
_pdbx_audit_revision_item.data_content_type 
_pdbx_audit_revision_item.item 
1  4 'Structure model' '_em_software.image_processing_id'          
2  5 'Structure model' '_atom_sites.fract_transf_matrix[1][1]'     
3  5 'Structure model' '_atom_sites.fract_transf_matrix[2][2]'     
4  5 'Structure model' '_atom_sites.fract_transf_matrix[3][3]'     
5  5 'Structure model' '_cell.length_a'                            
6  5 'Structure model' '_cell.length_b'                            
7  5 'Structure model' '_cell.length_c'                            
8  6 'Structure model' '_database_2.pdbx_DOI'                      
9  6 'Structure model' '_database_2.pdbx_database_accession'       
10 6 'Structure model' '_pdbx_struct_oper_list.name'               
11 6 'Structure model' '_pdbx_struct_oper_list.symmetry_operation' 
12 6 'Structure model' '_pdbx_struct_oper_list.type'               
13 7 'Structure model' '_pdbx_database_status.status_code_sf'      
# 
_pdbx_database_status.status_code                     REL 
_pdbx_database_status.entry_id                        1D3I 
_pdbx_database_status.recvd_initial_deposition_date   1999-09-29 
_pdbx_database_status.deposit_site                    RCSB 
_pdbx_database_status.process_site                    RCSB 
_pdbx_database_status.status_code_sf                  REL 
_pdbx_database_status.status_code_mr                  ? 
_pdbx_database_status.SG_entry                        ? 
_pdbx_database_status.pdb_format_compatible           Y 
_pdbx_database_status.status_code_cs                  ? 
_pdbx_database_status.methods_development_category    ? 
_pdbx_database_status.status_code_nmr_data            ? 
# 
loop_
_audit_author.name 
_audit_author.pdbx_ordinal 
'Bella, J.'      1 
'Rossmann, M.G.' 2 
# 
loop_
_citation.id 
_citation.title 
_citation.journal_abbrev 
_citation.journal_volume 
_citation.page_first 
_citation.page_last 
_citation.year 
_citation.journal_id_ASTM 
_citation.country 
_citation.journal_id_ISSN 
_citation.journal_id_CSD 
_citation.book_publisher 
_citation.pdbx_database_id_PubMed 
_citation.pdbx_database_id_DOI 
primary 'Structural studies of two rhinovirus serotypes complexed with fragments of their cellular receptor.' 'EMBO J.' 18  6249 
6259 1999 EMJODG UK 0261-4189 0897 ? 10562537 10.1093/emboj/18.22.6249 
1       
;The Structure of the Two Amino-Terminal Domains of Human Icam-1 Suggests How It Functions as a Rhinovirus Receptor and as an Lfa-1 Integrin Ligand.
;
Proc.Natl.Acad.Sci.USA 95  6249 6259 1998 PNASA6 US 0027-8424 0040 ? ?        10.1073/pnas.95.8.4140   
2       'Analysis of the Structure of a Common Cold Virus, Human Rhinovirus 14, Refined at a Resolution of 3.0 Angstroms.' 
J.Mol.Biol.            211 763  ?    1990 JMOBAK UK 0022-2836 0070 ? ?        ?                        
3       'Structure of a Human Common Cold Virus and Functional Relationship to Other Picornaviruses' Nature                 317 
145  ?    1985 NATUAS UK 0028-0836 0006 ? ?        ?                        
4       'Structure of a Human Rhinovirus Complexed with its Receptor Molecule' Proc.Natl.Acad.Sci.USA 90  507  ?    1993 PNASA6 US 
0027-8424 0040 ? ?        ?                        
5       'A Dimeric Crystal Structure for the N-Terminal Two Domains of Intercellular Adhesion Molecule-1' Proc.Natl.Acad.Sci.USA 
95  4134 ?    1998 PNASA6 US 0027-8424 0040 ? ?        10.1073/pnas.95.8.4134   
# 
loop_
_citation_author.citation_id 
_citation_author.name 
_citation_author.ordinal 
_citation_author.identifier_ORCID 
primary 'Kolatkar, P.R.'      1  ? 
primary 'Bella, J.'           2  ? 
primary 'Olson, N.H.'         3  ? 
primary 'Bator, C.M.'         4  ? 
primary 'Baker, T.S.'         5  ? 
primary 'Rossmann, M.G.'      6  ? 
1       'Bella, J.'           7  ? 
1       'Kolatkar, P.R.'      8  ? 
1       'Marlor, C.W.'        9  ? 
1       'Greve, J.M.'         10 ? 
1       'Rossmann, M.G.'      11 ? 
2       'Arnold, E.'          12 ? 
2       'Rossmann, M.G.'      13 ? 
3       'Rossmann, M.G.'      14 ? 
3       'Arnold, E.'          15 ? 
3       'Erickson, J.W.'      16 ? 
3       'Frankenberger, E.A.' 17 ? 
3       'Griffith, J.P.'      18 ? 
3       'Hecht, H.-J.'        19 ? 
3       'Johnson, J.E.'       20 ? 
3       'Kamer, G.'           21 ? 
3       'Luo, M.'             22 ? 
3       'Mosser, A.G.'        23 ? 
3       'Rueckert, R.R.'      24 ? 
3       'Sherry, B.'          25 ? 
3       'Vriend, G.'          26 ? 
4       'Olson, N.H.'         27 ? 
4       'Kolatkar, P.R.'      28 ? 
4       'Oliveira, M.A.'      29 ? 
4       'Cheng, R.H.'         30 ? 
4       'Greve, J.M.'         31 ? 
4       'Mcclelland, A.'      32 ? 
4       'Baker, T.S.'         33 ? 
4       'Rossmann, M.G.'      34 ? 
5       'Casasnovas, J.M.'    35 ? 
5       'Stehle, T.'          36 ? 
5       'Liu, J.H.'           37 ? 
5       'Wang, J.H.'          38 ? 
5       'Springer, T.A.'      39 ? 
# 
loop_
_entity.id 
_entity.type 
_entity.src_method 
_entity.pdbx_description 
_entity.formula_weight 
_entity.pdbx_number_of_molecules 
_entity.pdbx_ec 
_entity.pdbx_mutation 
_entity.pdbx_fragment 
_entity.details 
1 polymer nat 'PROTEIN (INTERCELLULAR ADHESION MOLECULE-1)' 20438.260 1 ? ? 'FIRST TWO DOMAINS, RESIDUES 1-185' ? 
2 polymer nat 'PROTEIN (RHINOVIRUS 14 COAT PROTEIN VP1)'    32560.549 1 ? ? ?                                   ? 
3 polymer nat 'PROTEIN (RHINOVIRUS 14 COAT PROTEIN VP2)'    28501.361 1 ? ? ?                                   ? 
4 polymer nat 'PROTEIN (RHINOVIRUS 14 COAT PROTEIN VP3)'    26236.754 1 ? ? ?                                   ? 
5 polymer nat 'PROTEIN (RHINOVIRUS 14 COAT PROTEIN VP4)'    7183.863  1 ? ? ?                                   ? 
# 
loop_
_entity_name_com.entity_id 
_entity_name_com.name 
1 D1D2-ICAM-1 
2 'HRV14 VP1' 
3 'HRV14 VP2' 
4 'HRV14 VP3' 
5 'HRV14 VP4' 
# 
loop_
_entity_poly.entity_id 
_entity_poly.type 
_entity_poly.nstd_linkage 
_entity_poly.nstd_monomer 
_entity_poly.pdbx_seq_one_letter_code 
_entity_poly.pdbx_seq_one_letter_code_can 
_entity_poly.pdbx_strand_id 
_entity_poly.pdbx_target_identifier 
1 'polypeptide(L)' no no 
;QTSVSPSKVILPRGGSVLVTCSTSCDQPKLLGIETPLPKKELLLPGNNRKVYELSNVQEDSQPMCYSNCPDGQSTAKTFL
TVYWTPERVELAPLPSWQPVGKNLTLRCQVEGGAPRANLTVVLLRGEKELKREPAVGEPAEVTTTVLVRRDHHGANFSCR
TELDLRPQGLELFENTSAPYQLQTF
;
;QTSVSPSKVILPRGGSVLVTCSTSCDQPKLLGIETPLPKKELLLPGNNRKVYELSNVQEDSQPMCYSNCPDGQSTAKTFL
TVYWTPERVELAPLPSWQPVGKNLTLRCQVEGGAPRANLTVVLLRGEKELKREPAVGEPAEVTTTVLVRRDHHGANFSCR
TELDLRPQGLELFENTSAPYQLQTF
;
I ? 
2 'polypeptide(L)' no no 
;GLGDELEEVIVEKTKQTVASISSGPKHTQKVPILTANETGATMPVLPSDSIETRTTYMHFNGSETDVECFLGRAACVHVT
EIQNKDATGIDNHREAKLFNDWKINLSSLVQLRKKLELFTYVRFDSEYTILATASQPDSANYSSNLVVQAMYVPPGAPNP
KEWDDYTWQSASNPSVFFKVGDTSRFSVPYVGLASAYNCFYDGYSHDDAETQYGITVLNHMGSMAFRIVNEHDEHKTLVK
IRVYHRAKHVEAWIPRAPRALPYTSIGRTNYPKNTEPVIKKRKGDIKSY
;
;GLGDELEEVIVEKTKQTVASISSGPKHTQKVPILTANETGATMPVLPSDSIETRTTYMHFNGSETDVECFLGRAACVHVT
EIQNKDATGIDNHREAKLFNDWKINLSSLVQLRKKLELFTYVRFDSEYTILATASQPDSANYSSNLVVQAMYVPPGAPNP
KEWDDYTWQSASNPSVFFKVGDTSRFSVPYVGLASAYNCFYDGYSHDDAETQYGITVLNHMGSMAFRIVNEHDEHKTLVK
IRVYHRAKHVEAWIPRAPRALPYTSIGRTNYPKNTEPVIKKRKGDIKSY
;
1 ? 
3 'polypeptide(L)' no no 
;SPNVEACGYSDRVQQITLGNSTITTQEAANAVVCYAEWPEYLPDVDASDVNKTSKPDTSVCRFYTLDSKTWTTGSKGWCW
KLPDALKDMGVFGQNMFFHSLGRSGYTVHVQCNATKFHSGCLLVVVIPEHQLASHEGGNVSVKYTFTHPGERGIDLSSAN
EVGGPVKDVLYNMNGTLLGNLLIFPHQFINLRTNNTATIVIPYINSVPIDSMTRHNNVSLMVIPIAPLTVPTGATPSLPI
TVTIAPMCTEFSGIRSKSIVPQ
;
;SPNVEACGYSDRVQQITLGNSTITTQEAANAVVCYAEWPEYLPDVDASDVNKTSKPDTSVCRFYTLDSKTWTTGSKGWCW
KLPDALKDMGVFGQNMFFHSLGRSGYTVHVQCNATKFHSGCLLVVVIPEHQLASHEGGNVSVKYTFTHPGERGIDLSSAN
EVGGPVKDVLYNMNGTLLGNLLIFPHQFINLRTNNTATIVIPYINSVPIDSMTRHNNVSLMVIPIAPLTVPTGATPSLPI
TVTIAPMCTEFSGIRSKSIVPQ
;
2 ? 
4 'polypeptide(L)' no no 
;GLPTTTLPGSGQFLTTDDRQSPSALPNYEPTPRIHIPGKVHNLLEIIQVDTLIPMNNTHTKDEVNSYLIPLNANRQNEQV
FGTNLFIGDGVFKTTLLGEIVQYYTHWSGSLRFSLMYTGPALSSAKLILAYTPPGARGPQDRREAMLGTHVVWDIGLQST
IVMTIPWTSGVQFRYTDPDTYTSAGFLSCWYQTSLILPPETTGQVYLLSFISACPDFKLRLMKDTQTISQTVALTE
;
;GLPTTTLPGSGQFLTTDDRQSPSALPNYEPTPRIHIPGKVHNLLEIIQVDTLIPMNNTHTKDEVNSYLIPLNANRQNEQV
FGTNLFIGDGVFKTTLLGEIVQYYTHWSGSLRFSLMYTGPALSSAKLILAYTPPGARGPQDRREAMLGTHVVWDIGLQST
IVMTIPWTSGVQFRYTDPDTYTSAGFLSCWYQTSLILPPETTGQVYLLSFISACPDFKLRLMKDTQTISQTVALTE
;
3 ? 
5 'polypeptide(L)' no no GAQVSTQKSGSHENQNILTNGSNQTFTVINYYKDAASTSSAGQSLSMDPSKFTEPVKDLMLKGAPALN 
GAQVSTQKSGSHENQNILTNGSNQTFTVINYYKDAASTSSAGQSLSMDPSKFTEPVKDLMLKGAPALN 4 ? 
# 
loop_
_entity_poly_seq.entity_id 
_entity_poly_seq.num 
_entity_poly_seq.mon_id 
_entity_poly_seq.hetero 
1 1   GLN n 
1 2   THR n 
1 3   SER n 
1 4   VAL n 
1 5   SER n 
1 6   PRO n 
1 7   SER n 
1 8   LYS n 
1 9   VAL n 
1 10  ILE n 
1 11  LEU n 
1 12  PRO n 
1 13  ARG n 
1 14  GLY n 
1 15  GLY n 
1 16  SER n 
1 17  VAL n 
1 18  LEU n 
1 19  VAL n 
1 20  THR n 
1 21  CYS n 
1 22  SER n 
1 23  THR n 
1 24  SER n 
1 25  CYS n 
1 26  ASP n 
1 27  GLN n 
1 28  PRO n 
1 29  LYS n 
1 30  LEU n 
1 31  LEU n 
1 32  GLY n 
1 33  ILE n 
1 34  GLU n 
1 35  THR n 
1 36  PRO n 
1 37  LEU n 
1 38  PRO n 
1 39  LYS n 
1 40  LYS n 
1 41  GLU n 
1 42  LEU n 
1 43  LEU n 
1 44  LEU n 
1 45  PRO n 
1 46  GLY n 
1 47  ASN n 
1 48  ASN n 
1 49  ARG n 
1 50  LYS n 
1 51  VAL n 
1 52  TYR n 
1 53  GLU n 
1 54  LEU n 
1 55  SER n 
1 56  ASN n 
1 57  VAL n 
1 58  GLN n 
1 59  GLU n 
1 60  ASP n 
1 61  SER n 
1 62  GLN n 
1 63  PRO n 
1 64  MET n 
1 65  CYS n 
1 66  TYR n 
1 67  SER n 
1 68  ASN n 
1 69  CYS n 
1 70  PRO n 
1 71  ASP n 
1 72  GLY n 
1 73  GLN n 
1 74  SER n 
1 75  THR n 
1 76  ALA n 
1 77  LYS n 
1 78  THR n 
1 79  PHE n 
1 80  LEU n 
1 81  THR n 
1 82  VAL n 
1 83  TYR n 
1 84  TRP n 
1 85  THR n 
1 86  PRO n 
1 87  GLU n 
1 88  ARG n 
1 89  VAL n 
1 90  GLU n 
1 91  LEU n 
1 92  ALA n 
1 93  PRO n 
1 94  LEU n 
1 95  PRO n 
1 96  SER n 
1 97  TRP n 
1 98  GLN n 
1 99  PRO n 
1 100 VAL n 
1 101 GLY n 
1 102 LYS n 
1 103 ASN n 
1 104 LEU n 
1 105 THR n 
1 106 LEU n 
1 107 ARG n 
1 108 CYS n 
1 109 GLN n 
1 110 VAL n 
1 111 GLU n 
1 112 GLY n 
1 113 GLY n 
1 114 ALA n 
1 115 PRO n 
1 116 ARG n 
1 117 ALA n 
1 118 ASN n 
1 119 LEU n 
1 120 THR n 
1 121 VAL n 
1 122 VAL n 
1 123 LEU n 
1 124 LEU n 
1 125 ARG n 
1 126 GLY n 
1 127 GLU n 
1 128 LYS n 
1 129 GLU n 
1 130 LEU n 
1 131 LYS n 
1 132 ARG n 
1 133 GLU n 
1 134 PRO n 
1 135 ALA n 
1 136 VAL n 
1 137 GLY n 
1 138 GLU n 
1 139 PRO n 
1 140 ALA n 
1 141 GLU n 
1 142 VAL n 
1 143 THR n 
1 144 THR n 
1 145 THR n 
1 146 VAL n 
1 147 LEU n 
1 148 VAL n 
1 149 ARG n 
1 150 ARG n 
1 151 ASP n 
1 152 HIS n 
1 153 HIS n 
1 154 GLY n 
1 155 ALA n 
1 156 ASN n 
1 157 PHE n 
1 158 SER n 
1 159 CYS n 
1 160 ARG n 
1 161 THR n 
1 162 GLU n 
1 163 LEU n 
1 164 ASP n 
1 165 LEU n 
1 166 ARG n 
1 167 PRO n 
1 168 GLN n 
1 169 GLY n 
1 170 LEU n 
1 171 GLU n 
1 172 LEU n 
1 173 PHE n 
1 174 GLU n 
1 175 ASN n 
1 176 THR n 
1 177 SER n 
1 178 ALA n 
1 179 PRO n 
1 180 TYR n 
1 181 GLN n 
1 182 LEU n 
1 183 GLN n 
1 184 THR n 
1 185 PHE n 
2 1   GLY n 
2 2   LEU n 
2 3   GLY n 
2 4   ASP n 
2 5   GLU n 
2 6   LEU n 
2 7   GLU n 
2 8   GLU n 
2 9   VAL n 
2 10  ILE n 
2 11  VAL n 
2 12  GLU n 
2 13  LYS n 
2 14  THR n 
2 15  LYS n 
2 16  GLN n 
2 17  THR n 
2 18  VAL n 
2 19  ALA n 
2 20  SER n 
2 21  ILE n 
2 22  SER n 
2 23  SER n 
2 24  GLY n 
2 25  PRO n 
2 26  LYS n 
2 27  HIS n 
2 28  THR n 
2 29  GLN n 
2 30  LYS n 
2 31  VAL n 
2 32  PRO n 
2 33  ILE n 
2 34  LEU n 
2 35  THR n 
2 36  ALA n 
2 37  ASN n 
2 38  GLU n 
2 39  THR n 
2 40  GLY n 
2 41  ALA n 
2 42  THR n 
2 43  MET n 
2 44  PRO n 
2 45  VAL n 
2 46  LEU n 
2 47  PRO n 
2 48  SER n 
2 49  ASP n 
2 50  SER n 
2 51  ILE n 
2 52  GLU n 
2 53  THR n 
2 54  ARG n 
2 55  THR n 
2 56  THR n 
2 57  TYR n 
2 58  MET n 
2 59  HIS n 
2 60  PHE n 
2 61  ASN n 
2 62  GLY n 
2 63  SER n 
2 64  GLU n 
2 65  THR n 
2 66  ASP n 
2 67  VAL n 
2 68  GLU n 
2 69  CYS n 
2 70  PHE n 
2 71  LEU n 
2 72  GLY n 
2 73  ARG n 
2 74  ALA n 
2 75  ALA n 
2 76  CYS n 
2 77  VAL n 
2 78  HIS n 
2 79  VAL n 
2 80  THR n 
2 81  GLU n 
2 82  ILE n 
2 83  GLN n 
2 84  ASN n 
2 85  LYS n 
2 86  ASP n 
2 87  ALA n 
2 88  THR n 
2 89  GLY n 
2 90  ILE n 
2 91  ASP n 
2 92  ASN n 
2 93  HIS n 
2 94  ARG n 
2 95  GLU n 
2 96  ALA n 
2 97  LYS n 
2 98  LEU n 
2 99  PHE n 
2 100 ASN n 
2 101 ASP n 
2 102 TRP n 
2 103 LYS n 
2 104 ILE n 
2 105 ASN n 
2 106 LEU n 
2 107 SER n 
2 108 SER n 
2 109 LEU n 
2 110 VAL n 
2 111 GLN n 
2 112 LEU n 
2 113 ARG n 
2 114 LYS n 
2 115 LYS n 
2 116 LEU n 
2 117 GLU n 
2 118 LEU n 
2 119 PHE n 
2 120 THR n 
2 121 TYR n 
2 122 VAL n 
2 123 ARG n 
2 124 PHE n 
2 125 ASP n 
2 126 SER n 
2 127 GLU n 
2 128 TYR n 
2 129 THR n 
2 130 ILE n 
2 131 LEU n 
2 132 ALA n 
2 133 THR n 
2 134 ALA n 
2 135 SER n 
2 136 GLN n 
2 137 PRO n 
2 138 ASP n 
2 139 SER n 
2 140 ALA n 
2 141 ASN n 
2 142 TYR n 
2 143 SER n 
2 144 SER n 
2 145 ASN n 
2 146 LEU n 
2 147 VAL n 
2 148 VAL n 
2 149 GLN n 
2 150 ALA n 
2 151 MET n 
2 152 TYR n 
2 153 VAL n 
2 154 PRO n 
2 155 PRO n 
2 156 GLY n 
2 157 ALA n 
2 158 PRO n 
2 159 ASN n 
2 160 PRO n 
2 161 LYS n 
2 162 GLU n 
2 163 TRP n 
2 164 ASP n 
2 165 ASP n 
2 166 TYR n 
2 167 THR n 
2 168 TRP n 
2 169 GLN n 
2 170 SER n 
2 171 ALA n 
2 172 SER n 
2 173 ASN n 
2 174 PRO n 
2 175 SER n 
2 176 VAL n 
2 177 PHE n 
2 178 PHE n 
2 179 LYS n 
2 180 VAL n 
2 181 GLY n 
2 182 ASP n 
2 183 THR n 
2 184 SER n 
2 185 ARG n 
2 186 PHE n 
2 187 SER n 
2 188 VAL n 
2 189 PRO n 
2 190 TYR n 
2 191 VAL n 
2 192 GLY n 
2 193 LEU n 
2 194 ALA n 
2 195 SER n 
2 196 ALA n 
2 197 TYR n 
2 198 ASN n 
2 199 CYS n 
2 200 PHE n 
2 201 TYR n 
2 202 ASP n 
2 203 GLY n 
2 204 TYR n 
2 205 SER n 
2 206 HIS n 
2 207 ASP n 
2 208 ASP n 
2 209 ALA n 
2 210 GLU n 
2 211 THR n 
2 212 GLN n 
2 213 TYR n 
2 214 GLY n 
2 215 ILE n 
2 216 THR n 
2 217 VAL n 
2 218 LEU n 
2 219 ASN n 
2 220 HIS n 
2 221 MET n 
2 222 GLY n 
2 223 SER n 
2 224 MET n 
2 225 ALA n 
2 226 PHE n 
2 227 ARG n 
2 228 ILE n 
2 229 VAL n 
2 230 ASN n 
2 231 GLU n 
2 232 HIS n 
2 233 ASP n 
2 234 GLU n 
2 235 HIS n 
2 236 LYS n 
2 237 THR n 
2 238 LEU n 
2 239 VAL n 
2 240 LYS n 
2 241 ILE n 
2 242 ARG n 
2 243 VAL n 
2 244 TYR n 
2 245 HIS n 
2 246 ARG n 
2 247 ALA n 
2 248 LYS n 
2 249 HIS n 
2 250 VAL n 
2 251 GLU n 
2 252 ALA n 
2 253 TRP n 
2 254 ILE n 
2 255 PRO n 
2 256 ARG n 
2 257 ALA n 
2 258 PRO n 
2 259 ARG n 
2 260 ALA n 
2 261 LEU n 
2 262 PRO n 
2 263 TYR n 
2 264 THR n 
2 265 SER n 
2 266 ILE n 
2 267 GLY n 
2 268 ARG n 
2 269 THR n 
2 270 ASN n 
2 271 TYR n 
2 272 PRO n 
2 273 LYS n 
2 274 ASN n 
2 275 THR n 
2 276 GLU n 
2 277 PRO n 
2 278 VAL n 
2 279 ILE n 
2 280 LYS n 
2 281 LYS n 
2 282 ARG n 
2 283 LYS n 
2 284 GLY n 
2 285 ASP n 
2 286 ILE n 
2 287 LYS n 
2 288 SER n 
2 289 TYR n 
3 1   SER n 
3 2   PRO n 
3 3   ASN n 
3 4   VAL n 
3 5   GLU n 
3 6   ALA n 
3 7   CYS n 
3 8   GLY n 
3 9   TYR n 
3 10  SER n 
3 11  ASP n 
3 12  ARG n 
3 13  VAL n 
3 14  GLN n 
3 15  GLN n 
3 16  ILE n 
3 17  THR n 
3 18  LEU n 
3 19  GLY n 
3 20  ASN n 
3 21  SER n 
3 22  THR n 
3 23  ILE n 
3 24  THR n 
3 25  THR n 
3 26  GLN n 
3 27  GLU n 
3 28  ALA n 
3 29  ALA n 
3 30  ASN n 
3 31  ALA n 
3 32  VAL n 
3 33  VAL n 
3 34  CYS n 
3 35  TYR n 
3 36  ALA n 
3 37  GLU n 
3 38  TRP n 
3 39  PRO n 
3 40  GLU n 
3 41  TYR n 
3 42  LEU n 
3 43  PRO n 
3 44  ASP n 
3 45  VAL n 
3 46  ASP n 
3 47  ALA n 
3 48  SER n 
3 49  ASP n 
3 50  VAL n 
3 51  ASN n 
3 52  LYS n 
3 53  THR n 
3 54  SER n 
3 55  LYS n 
3 56  PRO n 
3 57  ASP n 
3 58  THR n 
3 59  SER n 
3 60  VAL n 
3 61  CYS n 
3 62  ARG n 
3 63  PHE n 
3 64  TYR n 
3 65  THR n 
3 66  LEU n 
3 67  ASP n 
3 68  SER n 
3 69  LYS n 
3 70  THR n 
3 71  TRP n 
3 72  THR n 
3 73  THR n 
3 74  GLY n 
3 75  SER n 
3 76  LYS n 
3 77  GLY n 
3 78  TRP n 
3 79  CYS n 
3 80  TRP n 
3 81  LYS n 
3 82  LEU n 
3 83  PRO n 
3 84  ASP n 
3 85  ALA n 
3 86  LEU n 
3 87  LYS n 
3 88  ASP n 
3 89  MET n 
3 90  GLY n 
3 91  VAL n 
3 92  PHE n 
3 93  GLY n 
3 94  GLN n 
3 95  ASN n 
3 96  MET n 
3 97  PHE n 
3 98  PHE n 
3 99  HIS n 
3 100 SER n 
3 101 LEU n 
3 102 GLY n 
3 103 ARG n 
3 104 SER n 
3 105 GLY n 
3 106 TYR n 
3 107 THR n 
3 108 VAL n 
3 109 HIS n 
3 110 VAL n 
3 111 GLN n 
3 112 CYS n 
3 113 ASN n 
3 114 ALA n 
3 115 THR n 
3 116 LYS n 
3 117 PHE n 
3 118 HIS n 
3 119 SER n 
3 120 GLY n 
3 121 CYS n 
3 122 LEU n 
3 123 LEU n 
3 124 VAL n 
3 125 VAL n 
3 126 VAL n 
3 127 ILE n 
3 128 PRO n 
3 129 GLU n 
3 130 HIS n 
3 131 GLN n 
3 132 LEU n 
3 133 ALA n 
3 134 SER n 
3 135 HIS n 
3 136 GLU n 
3 137 GLY n 
3 138 GLY n 
3 139 ASN n 
3 140 VAL n 
3 141 SER n 
3 142 VAL n 
3 143 LYS n 
3 144 TYR n 
3 145 THR n 
3 146 PHE n 
3 147 THR n 
3 148 HIS n 
3 149 PRO n 
3 150 GLY n 
3 151 GLU n 
3 152 ARG n 
3 153 GLY n 
3 154 ILE n 
3 155 ASP n 
3 156 LEU n 
3 157 SER n 
3 158 SER n 
3 159 ALA n 
3 160 ASN n 
3 161 GLU n 
3 162 VAL n 
3 163 GLY n 
3 164 GLY n 
3 165 PRO n 
3 166 VAL n 
3 167 LYS n 
3 168 ASP n 
3 169 VAL n 
3 170 LEU n 
3 171 TYR n 
3 172 ASN n 
3 173 MET n 
3 174 ASN n 
3 175 GLY n 
3 176 THR n 
3 177 LEU n 
3 178 LEU n 
3 179 GLY n 
3 180 ASN n 
3 181 LEU n 
3 182 LEU n 
3 183 ILE n 
3 184 PHE n 
3 185 PRO n 
3 186 HIS n 
3 187 GLN n 
3 188 PHE n 
3 189 ILE n 
3 190 ASN n 
3 191 LEU n 
3 192 ARG n 
3 193 THR n 
3 194 ASN n 
3 195 ASN n 
3 196 THR n 
3 197 ALA n 
3 198 THR n 
3 199 ILE n 
3 200 VAL n 
3 201 ILE n 
3 202 PRO n 
3 203 TYR n 
3 204 ILE n 
3 205 ASN n 
3 206 SER n 
3 207 VAL n 
3 208 PRO n 
3 209 ILE n 
3 210 ASP n 
3 211 SER n 
3 212 MET n 
3 213 THR n 
3 214 ARG n 
3 215 HIS n 
3 216 ASN n 
3 217 ASN n 
3 218 VAL n 
3 219 SER n 
3 220 LEU n 
3 221 MET n 
3 222 VAL n 
3 223 ILE n 
3 224 PRO n 
3 225 ILE n 
3 226 ALA n 
3 227 PRO n 
3 228 LEU n 
3 229 THR n 
3 230 VAL n 
3 231 PRO n 
3 232 THR n 
3 233 GLY n 
3 234 ALA n 
3 235 THR n 
3 236 PRO n 
3 237 SER n 
3 238 LEU n 
3 239 PRO n 
3 240 ILE n 
3 241 THR n 
3 242 VAL n 
3 243 THR n 
3 244 ILE n 
3 245 ALA n 
3 246 PRO n 
3 247 MET n 
3 248 CYS n 
3 249 THR n 
3 250 GLU n 
3 251 PHE n 
3 252 SER n 
3 253 GLY n 
3 254 ILE n 
3 255 ARG n 
3 256 SER n 
3 257 LYS n 
3 258 SER n 
3 259 ILE n 
3 260 VAL n 
3 261 PRO n 
3 262 GLN n 
4 1   GLY n 
4 2   LEU n 
4 3   PRO n 
4 4   THR n 
4 5   THR n 
4 6   THR n 
4 7   LEU n 
4 8   PRO n 
4 9   GLY n 
4 10  SER n 
4 11  GLY n 
4 12  GLN n 
4 13  PHE n 
4 14  LEU n 
4 15  THR n 
4 16  THR n 
4 17  ASP n 
4 18  ASP n 
4 19  ARG n 
4 20  GLN n 
4 21  SER n 
4 22  PRO n 
4 23  SER n 
4 24  ALA n 
4 25  LEU n 
4 26  PRO n 
4 27  ASN n 
4 28  TYR n 
4 29  GLU n 
4 30  PRO n 
4 31  THR n 
4 32  PRO n 
4 33  ARG n 
4 34  ILE n 
4 35  HIS n 
4 36  ILE n 
4 37  PRO n 
4 38  GLY n 
4 39  LYS n 
4 40  VAL n 
4 41  HIS n 
4 42  ASN n 
4 43  LEU n 
4 44  LEU n 
4 45  GLU n 
4 46  ILE n 
4 47  ILE n 
4 48  GLN n 
4 49  VAL n 
4 50  ASP n 
4 51  THR n 
4 52  LEU n 
4 53  ILE n 
4 54  PRO n 
4 55  MET n 
4 56  ASN n 
4 57  ASN n 
4 58  THR n 
4 59  HIS n 
4 60  THR n 
4 61  LYS n 
4 62  ASP n 
4 63  GLU n 
4 64  VAL n 
4 65  ASN n 
4 66  SER n 
4 67  TYR n 
4 68  LEU n 
4 69  ILE n 
4 70  PRO n 
4 71  LEU n 
4 72  ASN n 
4 73  ALA n 
4 74  ASN n 
4 75  ARG n 
4 76  GLN n 
4 77  ASN n 
4 78  GLU n 
4 79  GLN n 
4 80  VAL n 
4 81  PHE n 
4 82  GLY n 
4 83  THR n 
4 84  ASN n 
4 85  LEU n 
4 86  PHE n 
4 87  ILE n 
4 88  GLY n 
4 89  ASP n 
4 90  GLY n 
4 91  VAL n 
4 92  PHE n 
4 93  LYS n 
4 94  THR n 
4 95  THR n 
4 96  LEU n 
4 97  LEU n 
4 98  GLY n 
4 99  GLU n 
4 100 ILE n 
4 101 VAL n 
4 102 GLN n 
4 103 TYR n 
4 104 TYR n 
4 105 THR n 
4 106 HIS n 
4 107 TRP n 
4 108 SER n 
4 109 GLY n 
4 110 SER n 
4 111 LEU n 
4 112 ARG n 
4 113 PHE n 
4 114 SER n 
4 115 LEU n 
4 116 MET n 
4 117 TYR n 
4 118 THR n 
4 119 GLY n 
4 120 PRO n 
4 121 ALA n 
4 122 LEU n 
4 123 SER n 
4 124 SER n 
4 125 ALA n 
4 126 LYS n 
4 127 LEU n 
4 128 ILE n 
4 129 LEU n 
4 130 ALA n 
4 131 TYR n 
4 132 THR n 
4 133 PRO n 
4 134 PRO n 
4 135 GLY n 
4 136 ALA n 
4 137 ARG n 
4 138 GLY n 
4 139 PRO n 
4 140 GLN n 
4 141 ASP n 
4 142 ARG n 
4 143 ARG n 
4 144 GLU n 
4 145 ALA n 
4 146 MET n 
4 147 LEU n 
4 148 GLY n 
4 149 THR n 
4 150 HIS n 
4 151 VAL n 
4 152 VAL n 
4 153 TRP n 
4 154 ASP n 
4 155 ILE n 
4 156 GLY n 
4 157 LEU n 
4 158 GLN n 
4 159 SER n 
4 160 THR n 
4 161 ILE n 
4 162 VAL n 
4 163 MET n 
4 164 THR n 
4 165 ILE n 
4 166 PRO n 
4 167 TRP n 
4 168 THR n 
4 169 SER n 
4 170 GLY n 
4 171 VAL n 
4 172 GLN n 
4 173 PHE n 
4 174 ARG n 
4 175 TYR n 
4 176 THR n 
4 177 ASP n 
4 178 PRO n 
4 179 ASP n 
4 180 THR n 
4 181 TYR n 
4 182 THR n 
4 183 SER n 
4 184 ALA n 
4 185 GLY n 
4 186 PHE n 
4 187 LEU n 
4 188 SER n 
4 189 CYS n 
4 190 TRP n 
4 191 TYR n 
4 192 GLN n 
4 193 THR n 
4 194 SER n 
4 195 LEU n 
4 196 ILE n 
4 197 LEU n 
4 198 PRO n 
4 199 PRO n 
4 200 GLU n 
4 201 THR n 
4 202 THR n 
4 203 GLY n 
4 204 GLN n 
4 205 VAL n 
4 206 TYR n 
4 207 LEU n 
4 208 LEU n 
4 209 SER n 
4 210 PHE n 
4 211 ILE n 
4 212 SER n 
4 213 ALA n 
4 214 CYS n 
4 215 PRO n 
4 216 ASP n 
4 217 PHE n 
4 218 LYS n 
4 219 LEU n 
4 220 ARG n 
4 221 LEU n 
4 222 MET n 
4 223 LYS n 
4 224 ASP n 
4 225 THR n 
4 226 GLN n 
4 227 THR n 
4 228 ILE n 
4 229 SER n 
4 230 GLN n 
4 231 THR n 
4 232 VAL n 
4 233 ALA n 
4 234 LEU n 
4 235 THR n 
4 236 GLU n 
5 1   GLY n 
5 2   ALA n 
5 3   GLN n 
5 4   VAL n 
5 5   SER n 
5 6   THR n 
5 7   GLN n 
5 8   LYS n 
5 9   SER n 
5 10  GLY n 
5 11  SER n 
5 12  HIS n 
5 13  GLU n 
5 14  ASN n 
5 15  GLN n 
5 16  ASN n 
5 17  ILE n 
5 18  LEU n 
5 19  THR n 
5 20  ASN n 
5 21  GLY n 
5 22  SER n 
5 23  ASN n 
5 24  GLN n 
5 25  THR n 
5 26  PHE n 
5 27  THR n 
5 28  VAL n 
5 29  ILE n 
5 30  ASN n 
5 31  TYR n 
5 32  TYR n 
5 33  LYS n 
5 34  ASP n 
5 35  ALA n 
5 36  ALA n 
5 37  SER n 
5 38  THR n 
5 39  SER n 
5 40  SER n 
5 41  ALA n 
5 42  GLY n 
5 43  GLN n 
5 44  SER n 
5 45  LEU n 
5 46  SER n 
5 47  MET n 
5 48  ASP n 
5 49  PRO n 
5 50  SER n 
5 51  LYS n 
5 52  PHE n 
5 53  THR n 
5 54  GLU n 
5 55  PRO n 
5 56  VAL n 
5 57  LYS n 
5 58  ASP n 
5 59  LEU n 
5 60  MET n 
5 61  LEU n 
5 62  LYS n 
5 63  GLY n 
5 64  ALA n 
5 65  PRO n 
5 66  ALA n 
5 67  LEU n 
5 68  ASN n 
# 
loop_
_entity_src_nat.entity_id 
_entity_src_nat.pdbx_src_id 
_entity_src_nat.pdbx_alt_source_flag 
_entity_src_nat.pdbx_beg_seq_num 
_entity_src_nat.pdbx_end_seq_num 
_entity_src_nat.common_name 
_entity_src_nat.pdbx_organism_scientific 
_entity_src_nat.pdbx_ncbi_taxonomy_id 
_entity_src_nat.genus 
_entity_src_nat.species 
_entity_src_nat.strain 
_entity_src_nat.tissue 
_entity_src_nat.tissue_fraction 
_entity_src_nat.pdbx_secretion 
_entity_src_nat.pdbx_fragment 
_entity_src_nat.pdbx_variant 
_entity_src_nat.pdbx_cell_line 
_entity_src_nat.pdbx_atcc 
_entity_src_nat.pdbx_cellular_location 
_entity_src_nat.pdbx_organ 
_entity_src_nat.pdbx_organelle 
_entity_src_nat.pdbx_cell 
_entity_src_nat.pdbx_plasmid_name 
_entity_src_nat.pdbx_plasmid_details 
_entity_src_nat.details 
1 1 sample ? ? human 'Homo sapiens'         9606   Homo       ? ?             ? ? ? '1 - 185' ? ? ? ? ? ? ? ? ? ? 
2 1 sample ? ? ?     'Human rhinovirus sp.' 169066 Rhinovirus ? 'SEROTYPE 14' ? ? ? ?         ? ? ? ? ? ? ? ? ? ? 
3 1 sample ? ? ?     'Human rhinovirus sp.' 169066 Rhinovirus ? 'SEROTYPE 14' ? ? ? ?         ? ? ? ? ? ? ? ? ? ? 
4 1 sample ? ? ?     'Human rhinovirus sp.' 169066 Rhinovirus ? 'SEROTYPE 14' ? ? ? ?         ? ? ? ? ? ? ? ? ? ? 
5 1 sample ? ? ?     'Human rhinovirus sp.' 169066 Rhinovirus ? 'SEROTYPE 14' ? ? ? ?         ? ? ? ? ? ? ? ? ? ? 
# 
loop_
_chem_comp.id 
_chem_comp.type 
_chem_comp.mon_nstd_flag 
_chem_comp.name 
_chem_comp.pdbx_synonyms 
_chem_comp.formula 
_chem_comp.formula_weight 
ALA 'L-peptide linking' y ALANINE         ? 'C3 H7 N O2'     89.093  
ARG 'L-peptide linking' y ARGININE        ? 'C6 H15 N4 O2 1' 175.209 
ASN 'L-peptide linking' y ASPARAGINE      ? 'C4 H8 N2 O3'    132.118 
ASP 'L-peptide linking' y 'ASPARTIC ACID' ? 'C4 H7 N O4'     133.103 
CYS 'L-peptide linking' y CYSTEINE        ? 'C3 H7 N O2 S'   121.158 
GLN 'L-peptide linking' y GLUTAMINE       ? 'C5 H10 N2 O3'   146.144 
GLU 'L-peptide linking' y 'GLUTAMIC ACID' ? 'C5 H9 N O4'     147.129 
GLY 'peptide linking'   y GLYCINE         ? 'C2 H5 N O2'     75.067  
HIS 'L-peptide linking' y HISTIDINE       ? 'C6 H10 N3 O2 1' 156.162 
ILE 'L-peptide linking' y ISOLEUCINE      ? 'C6 H13 N O2'    131.173 
LEU 'L-peptide linking' y LEUCINE         ? 'C6 H13 N O2'    131.173 
LYS 'L-peptide linking' y LYSINE          ? 'C6 H15 N2 O2 1' 147.195 
MET 'L-peptide linking' y METHIONINE      ? 'C5 H11 N O2 S'  149.211 
PHE 'L-peptide linking' y PHENYLALANINE   ? 'C9 H11 N O2'    165.189 
PRO 'L-peptide linking' y PROLINE         ? 'C5 H9 N O2'     115.130 
SER 'L-peptide linking' y SERINE          ? 'C3 H7 N O3'     105.093 
THR 'L-peptide linking' y THREONINE       ? 'C4 H9 N O3'     119.119 
TRP 'L-peptide linking' y TRYPTOPHAN      ? 'C11 H12 N2 O2'  204.225 
TYR 'L-peptide linking' y TYROSINE        ? 'C9 H11 N O3'    181.189 
VAL 'L-peptide linking' y VALINE          ? 'C5 H11 N O2'    117.146 
# 
loop_
_pdbx_poly_seq_scheme.asym_id 
_pdbx_poly_seq_scheme.entity_id 
_pdbx_poly_seq_scheme.seq_id 
_pdbx_poly_seq_scheme.mon_id 
_pdbx_poly_seq_scheme.ndb_seq_num 
_pdbx_poly_seq_scheme.pdb_seq_num 
_pdbx_poly_seq_scheme.auth_seq_num 
_pdbx_poly_seq_scheme.pdb_mon_id 
_pdbx_poly_seq_scheme.auth_mon_id 
_pdbx_poly_seq_scheme.pdb_strand_id 
_pdbx_poly_seq_scheme.pdb_ins_code 
_pdbx_poly_seq_scheme.hetero 
A 1 1   GLN 1   1   1   GLN GLN I . n 
A 1 2   THR 2   2   2   THR THR I . n 
A 1 3   SER 3   3   3   SER SER I . n 
A 1 4   VAL 4   4   4   VAL VAL I . n 
A 1 5   SER 5   5   5   SER SER I . n 
A 1 6   PRO 6   6   6   PRO PRO I . n 
A 1 7   SER 7   7   7   SER SER I . n 
A 1 8   LYS 8   8   8   LYS LYS I . n 
A 1 9   VAL 9   9   9   VAL VAL I . n 
A 1 10  ILE 10  10  10  ILE ILE I . n 
A 1 11  LEU 11  11  11  LEU LEU I . n 
A 1 12  PRO 12  12  12  PRO PRO I . n 
A 1 13  ARG 13  13  13  ARG ARG I . n 
A 1 14  GLY 14  14  14  GLY GLY I . n 
A 1 15  GLY 15  15  15  GLY GLY I . n 
A 1 16  SER 16  16  16  SER SER I . n 
A 1 17  VAL 17  17  17  VAL VAL I . n 
A 1 18  LEU 18  18  18  LEU LEU I . n 
A 1 19  VAL 19  19  19  VAL VAL I . n 
A 1 20  THR 20  20  20  THR THR I . n 
A 1 21  CYS 21  21  21  CYS CYS I . n 
A 1 22  SER 22  22  22  SER SER I . n 
A 1 23  THR 23  23  23  THR THR I . n 
A 1 24  SER 24  24  24  SER SER I . n 
A 1 25  CYS 25  25  25  CYS CYS I . n 
A 1 26  ASP 26  26  26  ASP ASP I . n 
A 1 27  GLN 27  27  27  GLN GLN I . n 
A 1 28  PRO 28  28  28  PRO PRO I . n 
A 1 29  LYS 29  29  29  LYS LYS I . n 
A 1 30  LEU 30  30  30  LEU LEU I . n 
A 1 31  LEU 31  31  31  LEU LEU I . n 
A 1 32  GLY 32  32  32  GLY GLY I . n 
A 1 33  ILE 33  33  33  ILE ILE I . n 
A 1 34  GLU 34  34  34  GLU GLU I . n 
A 1 35  THR 35  35  35  THR THR I . n 
A 1 36  PRO 36  36  36  PRO PRO I . n 
A 1 37  LEU 37  37  37  LEU LEU I . n 
A 1 38  PRO 38  38  38  PRO PRO I . n 
A 1 39  LYS 39  39  39  LYS LYS I . n 
A 1 40  LYS 40  40  40  LYS LYS I . n 
A 1 41  GLU 41  41  41  GLU GLU I . n 
A 1 42  LEU 42  42  42  LEU LEU I . n 
A 1 43  LEU 43  43  43  LEU LEU I . n 
A 1 44  LEU 44  44  44  LEU LEU I . n 
A 1 45  PRO 45  45  45  PRO PRO I . n 
A 1 46  GLY 46  46  46  GLY GLY I . n 
A 1 47  ASN 47  47  47  ASN ASN I . n 
A 1 48  ASN 48  48  48  ASN ASN I . n 
A 1 49  ARG 49  49  49  ARG ARG I . n 
A 1 50  LYS 50  50  50  LYS LYS I . n 
A 1 51  VAL 51  51  51  VAL VAL I . n 
A 1 52  TYR 52  52  52  TYR TYR I . n 
A 1 53  GLU 53  53  53  GLU GLU I . n 
A 1 54  LEU 54  54  54  LEU LEU I . n 
A 1 55  SER 55  55  55  SER SER I . n 
A 1 56  ASN 56  56  56  ASN ASN I . n 
A 1 57  VAL 57  57  57  VAL VAL I . n 
A 1 58  GLN 58  58  58  GLN GLN I . n 
A 1 59  GLU 59  59  59  GLU GLU I . n 
A 1 60  ASP 60  60  60  ASP ASP I . n 
A 1 61  SER 61  61  61  SER SER I . n 
A 1 62  GLN 62  62  62  GLN GLN I . n 
A 1 63  PRO 63  63  63  PRO PRO I . n 
A 1 64  MET 64  64  64  MET MET I . n 
A 1 65  CYS 65  65  65  CYS CYS I . n 
A 1 66  TYR 66  66  66  TYR TYR I . n 
A 1 67  SER 67  67  67  SER SER I . n 
A 1 68  ASN 68  68  68  ASN ASN I . n 
A 1 69  CYS 69  69  69  CYS CYS I . n 
A 1 70  PRO 70  70  70  PRO PRO I . n 
A 1 71  ASP 71  71  71  ASP ASP I . n 
A 1 72  GLY 72  72  72  GLY GLY I . n 
A 1 73  GLN 73  73  73  GLN GLN I . n 
A 1 74  SER 74  74  74  SER SER I . n 
A 1 75  THR 75  75  75  THR THR I . n 
A 1 76  ALA 76  76  76  ALA ALA I . n 
A 1 77  LYS 77  77  77  LYS LYS I . n 
A 1 78  THR 78  78  78  THR THR I . n 
A 1 79  PHE 79  79  79  PHE PHE I . n 
A 1 80  LEU 80  80  80  LEU LEU I . n 
A 1 81  THR 81  81  81  THR THR I . n 
A 1 82  VAL 82  82  82  VAL VAL I . n 
A 1 83  TYR 83  83  83  TYR TYR I . n 
A 1 84  TRP 84  84  84  TRP TRP I . n 
A 1 85  THR 85  85  85  THR THR I . n 
A 1 86  PRO 86  86  86  PRO PRO I . n 
A 1 87  GLU 87  87  87  GLU GLU I . n 
A 1 88  ARG 88  88  88  ARG ARG I . n 
A 1 89  VAL 89  89  89  VAL VAL I . n 
A 1 90  GLU 90  90  90  GLU GLU I . n 
A 1 91  LEU 91  91  91  LEU LEU I . n 
A 1 92  ALA 92  92  92  ALA ALA I . n 
A 1 93  PRO 93  93  93  PRO PRO I . n 
A 1 94  LEU 94  94  94  LEU LEU I . n 
A 1 95  PRO 95  95  95  PRO PRO I . n 
A 1 96  SER 96  96  96  SER SER I . n 
A 1 97  TRP 97  97  97  TRP TRP I . n 
A 1 98  GLN 98  98  98  GLN GLN I . n 
A 1 99  PRO 99  99  99  PRO PRO I . n 
A 1 100 VAL 100 100 100 VAL VAL I . n 
A 1 101 GLY 101 101 101 GLY GLY I . n 
A 1 102 LYS 102 102 102 LYS LYS I . n 
A 1 103 ASN 103 103 103 ASN ASN I . n 
A 1 104 LEU 104 104 104 LEU LEU I . n 
A 1 105 THR 105 105 105 THR THR I . n 
A 1 106 LEU 106 106 106 LEU LEU I . n 
A 1 107 ARG 107 107 107 ARG ARG I . n 
A 1 108 CYS 108 108 108 CYS CYS I . n 
A 1 109 GLN 109 109 109 GLN GLN I . n 
A 1 110 VAL 110 110 110 VAL VAL I . n 
A 1 111 GLU 111 111 111 GLU GLU I . n 
A 1 112 GLY 112 112 112 GLY GLY I . n 
A 1 113 GLY 113 113 113 GLY GLY I . n 
A 1 114 ALA 114 114 114 ALA ALA I . n 
A 1 115 PRO 115 115 115 PRO PRO I . n 
A 1 116 ARG 116 116 116 ARG ARG I . n 
A 1 117 ALA 117 117 117 ALA ALA I . n 
A 1 118 ASN 118 118 118 ASN ASN I . n 
A 1 119 LEU 119 119 119 LEU LEU I . n 
A 1 120 THR 120 120 120 THR THR I . n 
A 1 121 VAL 121 121 121 VAL VAL I . n 
A 1 122 VAL 122 122 122 VAL VAL I . n 
A 1 123 LEU 123 123 123 LEU LEU I . n 
A 1 124 LEU 124 124 124 LEU LEU I . n 
A 1 125 ARG 125 125 125 ARG ARG I . n 
A 1 126 GLY 126 126 126 GLY GLY I . n 
A 1 127 GLU 127 127 127 GLU GLU I . n 
A 1 128 LYS 128 128 128 LYS LYS I . n 
A 1 129 GLU 129 129 129 GLU GLU I . n 
A 1 130 LEU 130 130 130 LEU LEU I . n 
A 1 131 LYS 131 131 131 LYS LYS I . n 
A 1 132 ARG 132 132 132 ARG ARG I . n 
A 1 133 GLU 133 133 133 GLU GLU I . n 
A 1 134 PRO 134 134 134 PRO PRO I . n 
A 1 135 ALA 135 135 135 ALA ALA I . n 
A 1 136 VAL 136 136 136 VAL VAL I . n 
A 1 137 GLY 137 137 137 GLY GLY I . n 
A 1 138 GLU 138 138 138 GLU GLU I . n 
A 1 139 PRO 139 139 139 PRO PRO I . n 
A 1 140 ALA 140 140 140 ALA ALA I . n 
A 1 141 GLU 141 141 141 GLU GLU I . n 
A 1 142 VAL 142 142 142 VAL VAL I . n 
A 1 143 THR 143 143 143 THR THR I . n 
A 1 144 THR 144 144 144 THR THR I . n 
A 1 145 THR 145 145 145 THR THR I . n 
A 1 146 VAL 146 146 146 VAL VAL I . n 
A 1 147 LEU 147 147 147 LEU LEU I . n 
A 1 148 VAL 148 148 148 VAL VAL I . n 
A 1 149 ARG 149 149 149 ARG ARG I . n 
A 1 150 ARG 150 150 150 ARG ARG I . n 
A 1 151 ASP 151 151 151 ASP ASP I . n 
A 1 152 HIS 152 152 152 HIS HIS I . n 
A 1 153 HIS 153 153 153 HIS HIS I . n 
A 1 154 GLY 154 154 154 GLY GLY I . n 
A 1 155 ALA 155 155 155 ALA ALA I . n 
A 1 156 ASN 156 156 156 ASN ASN I . n 
A 1 157 PHE 157 157 157 PHE PHE I . n 
A 1 158 SER 158 158 158 SER SER I . n 
A 1 159 CYS 159 159 159 CYS CYS I . n 
A 1 160 ARG 160 160 160 ARG ARG I . n 
A 1 161 THR 161 161 161 THR THR I . n 
A 1 162 GLU 162 162 162 GLU GLU I . n 
A 1 163 LEU 163 163 163 LEU LEU I . n 
A 1 164 ASP 164 164 164 ASP ASP I . n 
A 1 165 LEU 165 165 165 LEU LEU I . n 
A 1 166 ARG 166 166 166 ARG ARG I . n 
A 1 167 PRO 167 167 167 PRO PRO I . n 
A 1 168 GLN 168 168 168 GLN GLN I . n 
A 1 169 GLY 169 169 169 GLY GLY I . n 
A 1 170 LEU 170 170 170 LEU LEU I . n 
A 1 171 GLU 171 171 171 GLU GLU I . n 
A 1 172 LEU 172 172 172 LEU LEU I . n 
A 1 173 PHE 173 173 173 PHE PHE I . n 
A 1 174 GLU 174 174 174 GLU GLU I . n 
A 1 175 ASN 175 175 175 ASN ASN I . n 
A 1 176 THR 176 176 176 THR THR I . n 
A 1 177 SER 177 177 177 SER SER I . n 
A 1 178 ALA 178 178 178 ALA ALA I . n 
A 1 179 PRO 179 179 179 PRO PRO I . n 
A 1 180 TYR 180 180 180 TYR TYR I . n 
A 1 181 GLN 181 181 181 GLN GLN I . n 
A 1 182 LEU 182 182 182 LEU LEU I . n 
A 1 183 GLN 183 183 183 GLN GLN I . n 
A 1 184 THR 184 184 184 THR THR I . n 
A 1 185 PHE 185 185 185 PHE PHE I . n 
B 2 1   GLY 1   1   ?   ?   ?   1 . n 
B 2 2   LEU 2   2   ?   ?   ?   1 . n 
B 2 3   GLY 3   3   ?   ?   ?   1 . n 
B 2 4   ASP 4   4   ?   ?   ?   1 . n 
B 2 5   GLU 5   5   ?   ?   ?   1 . n 
B 2 6   LEU 6   6   ?   ?   ?   1 . n 
B 2 7   GLU 7   7   ?   ?   ?   1 . n 
B 2 8   GLU 8   8   ?   ?   ?   1 . n 
B 2 9   VAL 9   9   ?   ?   ?   1 . n 
B 2 10  ILE 10  10  ?   ?   ?   1 . n 
B 2 11  VAL 11  11  ?   ?   ?   1 . n 
B 2 12  GLU 12  12  ?   ?   ?   1 . n 
B 2 13  LYS 13  13  ?   ?   ?   1 . n 
B 2 14  THR 14  14  ?   ?   ?   1 . n 
B 2 15  LYS 15  15  ?   ?   ?   1 . n 
B 2 16  GLN 16  16  ?   ?   ?   1 . n 
B 2 17  THR 17  17  17  THR THR 1 . n 
B 2 18  VAL 18  18  18  VAL VAL 1 . n 
B 2 19  ALA 19  19  19  ALA ALA 1 . n 
B 2 20  SER 20  20  20  SER SER 1 . n 
B 2 21  ILE 21  21  21  ILE ILE 1 . n 
B 2 22  SER 22  22  22  SER SER 1 . n 
B 2 23  SER 23  23  23  SER SER 1 . n 
B 2 24  GLY 24  24  24  GLY GLY 1 . n 
B 2 25  PRO 25  25  25  PRO PRO 1 . n 
B 2 26  LYS 26  26  26  LYS LYS 1 . n 
B 2 27  HIS 27  27  27  HIS HIS 1 . n 
B 2 28  THR 28  28  28  THR THR 1 . n 
B 2 29  GLN 29  29  29  GLN GLN 1 . n 
B 2 30  LYS 30  30  30  LYS LYS 1 . n 
B 2 31  VAL 31  31  31  VAL VAL 1 . n 
B 2 32  PRO 32  32  32  PRO PRO 1 . n 
B 2 33  ILE 33  33  33  ILE ILE 1 . n 
B 2 34  LEU 34  34  34  LEU LEU 1 . n 
B 2 35  THR 35  35  35  THR THR 1 . n 
B 2 36  ALA 36  36  36  ALA ALA 1 . n 
B 2 37  ASN 37  37  37  ASN ASN 1 . n 
B 2 38  GLU 38  38  38  GLU GLU 1 . n 
B 2 39  THR 39  39  39  THR THR 1 . n 
B 2 40  GLY 40  40  40  GLY GLY 1 . n 
B 2 41  ALA 41  41  41  ALA ALA 1 . n 
B 2 42  THR 42  42  42  THR THR 1 . n 
B 2 43  MET 43  43  43  MET MET 1 . n 
B 2 44  PRO 44  44  44  PRO PRO 1 . n 
B 2 45  VAL 45  45  45  VAL VAL 1 . n 
B 2 46  LEU 46  46  46  LEU LEU 1 . n 
B 2 47  PRO 47  47  47  PRO PRO 1 . n 
B 2 48  SER 48  48  48  SER SER 1 . n 
B 2 49  ASP 49  49  49  ASP ASP 1 . n 
B 2 50  SER 50  50  50  SER SER 1 . n 
B 2 51  ILE 51  51  51  ILE ILE 1 . n 
B 2 52  GLU 52  52  52  GLU GLU 1 . n 
B 2 53  THR 53  53  53  THR THR 1 . n 
B 2 54  ARG 54  54  54  ARG ARG 1 . n 
B 2 55  THR 55  55  55  THR THR 1 . n 
B 2 56  THR 56  56  56  THR THR 1 . n 
B 2 57  TYR 57  57  57  TYR TYR 1 . n 
B 2 58  MET 58  58  58  MET MET 1 . n 
B 2 59  HIS 59  59  59  HIS HIS 1 . n 
B 2 60  PHE 60  60  60  PHE PHE 1 . n 
B 2 61  ASN 61  61  61  ASN ASN 1 . n 
B 2 62  GLY 62  62  62  GLY GLY 1 . n 
B 2 63  SER 63  63  63  SER SER 1 . n 
B 2 64  GLU 64  64  64  GLU GLU 1 . n 
B 2 65  THR 65  65  65  THR THR 1 . n 
B 2 66  ASP 66  66  66  ASP ASP 1 . n 
B 2 67  VAL 67  67  67  VAL VAL 1 . n 
B 2 68  GLU 68  68  68  GLU GLU 1 . n 
B 2 69  CYS 69  69  69  CYS CYS 1 . n 
B 2 70  PHE 70  70  70  PHE PHE 1 . n 
B 2 71  LEU 71  71  71  LEU LEU 1 . n 
B 2 72  GLY 72  72  72  GLY GLY 1 . n 
B 2 73  ARG 73  73  73  ARG ARG 1 . n 
B 2 74  ALA 74  74  74  ALA ALA 1 . n 
B 2 75  ALA 75  75  75  ALA ALA 1 . n 
B 2 76  CYS 76  76  76  CYS CYS 1 . n 
B 2 77  VAL 77  77  77  VAL VAL 1 . n 
B 2 78  HIS 78  78  78  HIS HIS 1 . n 
B 2 79  VAL 79  79  79  VAL VAL 1 . n 
B 2 80  THR 80  80  80  THR THR 1 . n 
B 2 81  GLU 81  81  81  GLU GLU 1 . n 
B 2 82  ILE 82  82  82  ILE ILE 1 . n 
B 2 83  GLN 83  83  83  GLN GLN 1 . n 
B 2 84  ASN 84  84  84  ASN ASN 1 . n 
B 2 85  LYS 85  85  85  LYS LYS 1 . n 
B 2 86  ASP 86  86  86  ASP ASP 1 . n 
B 2 87  ALA 87  87  87  ALA ALA 1 . n 
B 2 88  THR 88  88  88  THR THR 1 . n 
B 2 89  GLY 89  89  89  GLY GLY 1 . n 
B 2 90  ILE 90  90  90  ILE ILE 1 . n 
B 2 91  ASP 91  91  91  ASP ASP 1 . n 
B 2 92  ASN 92  92  92  ASN ASN 1 . n 
B 2 93  HIS 93  93  93  HIS HIS 1 . n 
B 2 94  ARG 94  94  94  ARG ARG 1 . n 
B 2 95  GLU 95  95  95  GLU GLU 1 . n 
B 2 96  ALA 96  96  96  ALA ALA 1 . n 
B 2 97  LYS 97  97  97  LYS LYS 1 . n 
B 2 98  LEU 98  98  98  LEU LEU 1 . n 
B 2 99  PHE 99  99  99  PHE PHE 1 . n 
B 2 100 ASN 100 100 100 ASN ASN 1 . n 
B 2 101 ASP 101 101 101 ASP ASP 1 . n 
B 2 102 TRP 102 102 102 TRP TRP 1 . n 
B 2 103 LYS 103 103 103 LYS LYS 1 . n 
B 2 104 ILE 104 104 104 ILE ILE 1 . n 
B 2 105 ASN 105 105 105 ASN ASN 1 . n 
B 2 106 LEU 106 106 106 LEU LEU 1 . n 
B 2 107 SER 107 107 107 SER SER 1 . n 
B 2 108 SER 108 108 108 SER SER 1 . n 
B 2 109 LEU 109 109 109 LEU LEU 1 . n 
B 2 110 VAL 110 110 110 VAL VAL 1 . n 
B 2 111 GLN 111 111 111 GLN GLN 1 . n 
B 2 112 LEU 112 112 112 LEU LEU 1 . n 
B 2 113 ARG 113 113 113 ARG ARG 1 . n 
B 2 114 LYS 114 114 114 LYS LYS 1 . n 
B 2 115 LYS 115 115 115 LYS LYS 1 . n 
B 2 116 LEU 116 116 116 LEU LEU 1 . n 
B 2 117 GLU 117 117 117 GLU GLU 1 . n 
B 2 118 LEU 118 118 118 LEU LEU 1 . n 
B 2 119 PHE 119 119 119 PHE PHE 1 . n 
B 2 120 THR 120 120 120 THR THR 1 . n 
B 2 121 TYR 121 121 121 TYR TYR 1 . n 
B 2 122 VAL 122 122 122 VAL VAL 1 . n 
B 2 123 ARG 123 123 123 ARG ARG 1 . n 
B 2 124 PHE 124 124 124 PHE PHE 1 . n 
B 2 125 ASP 125 125 125 ASP ASP 1 . n 
B 2 126 SER 126 126 126 SER SER 1 . n 
B 2 127 GLU 127 127 127 GLU GLU 1 . n 
B 2 128 TYR 128 128 128 TYR TYR 1 . n 
B 2 129 THR 129 129 129 THR THR 1 . n 
B 2 130 ILE 130 130 130 ILE ILE 1 . n 
B 2 131 LEU 131 131 131 LEU LEU 1 . n 
B 2 132 ALA 132 132 132 ALA ALA 1 . n 
B 2 133 THR 133 133 133 THR THR 1 . n 
B 2 134 ALA 134 134 134 ALA ALA 1 . n 
B 2 135 SER 135 135 135 SER SER 1 . n 
B 2 136 GLN 136 136 136 GLN GLN 1 . n 
B 2 137 PRO 137 137 137 PRO PRO 1 . n 
B 2 138 ASP 138 138 138 ASP ASP 1 . n 
B 2 139 SER 139 139 139 SER SER 1 . n 
B 2 140 ALA 140 140 140 ALA ALA 1 . n 
B 2 141 ASN 141 141 141 ASN ASN 1 . n 
B 2 142 TYR 142 142 142 TYR TYR 1 . n 
B 2 143 SER 143 143 143 SER SER 1 . n 
B 2 144 SER 144 144 144 SER SER 1 . n 
B 2 145 ASN 145 145 145 ASN ASN 1 . n 
B 2 146 LEU 146 146 146 LEU LEU 1 . n 
B 2 147 VAL 147 147 147 VAL VAL 1 . n 
B 2 148 VAL 148 148 148 VAL VAL 1 . n 
B 2 149 GLN 149 149 149 GLN GLN 1 . n 
B 2 150 ALA 150 150 150 ALA ALA 1 . n 
B 2 151 MET 151 151 151 MET MET 1 . n 
B 2 152 TYR 152 152 152 TYR TYR 1 . n 
B 2 153 VAL 153 153 153 VAL VAL 1 . n 
B 2 154 PRO 154 154 154 PRO PRO 1 . n 
B 2 155 PRO 155 155 155 PRO PRO 1 . n 
B 2 156 GLY 156 156 156 GLY GLY 1 . n 
B 2 157 ALA 157 157 157 ALA ALA 1 . n 
B 2 158 PRO 158 158 158 PRO PRO 1 . n 
B 2 159 ASN 159 159 159 ASN ASN 1 . n 
B 2 160 PRO 160 160 160 PRO PRO 1 . n 
B 2 161 LYS 161 161 161 LYS LYS 1 . n 
B 2 162 GLU 162 162 162 GLU GLU 1 . n 
B 2 163 TRP 163 163 163 TRP TRP 1 . n 
B 2 164 ASP 164 164 164 ASP ASP 1 . n 
B 2 165 ASP 165 165 165 ASP ASP 1 . n 
B 2 166 TYR 166 166 166 TYR TYR 1 . n 
B 2 167 THR 167 167 167 THR THR 1 . n 
B 2 168 TRP 168 168 168 TRP TRP 1 . n 
B 2 169 GLN 169 169 169 GLN GLN 1 . n 
B 2 170 SER 170 170 170 SER SER 1 . n 
B 2 171 ALA 171 171 171 ALA ALA 1 . n 
B 2 172 SER 172 172 172 SER SER 1 . n 
B 2 173 ASN 173 173 173 ASN ASN 1 . n 
B 2 174 PRO 174 174 174 PRO PRO 1 . n 
B 2 175 SER 175 175 175 SER SER 1 . n 
B 2 176 VAL 176 176 176 VAL VAL 1 . n 
B 2 177 PHE 177 177 177 PHE PHE 1 . n 
B 2 178 PHE 178 178 178 PHE PHE 1 . n 
B 2 179 LYS 179 179 179 LYS LYS 1 . n 
B 2 180 VAL 180 180 180 VAL VAL 1 . n 
B 2 181 GLY 181 181 181 GLY GLY 1 . n 
B 2 182 ASP 182 182 182 ASP ASP 1 . n 
B 2 183 THR 183 183 183 THR THR 1 . n 
B 2 184 SER 184 184 184 SER SER 1 . n 
B 2 185 ARG 185 185 185 ARG ARG 1 . n 
B 2 186 PHE 186 186 186 PHE PHE 1 . n 
B 2 187 SER 187 187 187 SER SER 1 . n 
B 2 188 VAL 188 188 188 VAL VAL 1 . n 
B 2 189 PRO 189 189 189 PRO PRO 1 . n 
B 2 190 TYR 190 190 190 TYR TYR 1 . n 
B 2 191 VAL 191 191 191 VAL VAL 1 . n 
B 2 192 GLY 192 192 192 GLY GLY 1 . n 
B 2 193 LEU 193 193 193 LEU LEU 1 . n 
B 2 194 ALA 194 194 194 ALA ALA 1 . n 
B 2 195 SER 195 195 195 SER SER 1 . n 
B 2 196 ALA 196 196 196 ALA ALA 1 . n 
B 2 197 TYR 197 197 197 TYR TYR 1 . n 
B 2 198 ASN 198 198 198 ASN ASN 1 . n 
B 2 199 CYS 199 199 199 CYS CYS 1 . n 
B 2 200 PHE 200 200 200 PHE PHE 1 . n 
B 2 201 TYR 201 201 201 TYR TYR 1 . n 
B 2 202 ASP 202 202 202 ASP ASP 1 . n 
B 2 203 GLY 203 203 203 GLY GLY 1 . n 
B 2 204 TYR 204 204 204 TYR TYR 1 . n 
B 2 205 SER 205 205 205 SER SER 1 . n 
B 2 206 HIS 206 206 206 HIS HIS 1 . n 
B 2 207 ASP 207 207 207 ASP ASP 1 . n 
B 2 208 ASP 208 208 208 ASP ASP 1 . n 
B 2 209 ALA 209 209 209 ALA ALA 1 . n 
B 2 210 GLU 210 210 210 GLU GLU 1 . n 
B 2 211 THR 211 211 211 THR THR 1 . n 
B 2 212 GLN 212 212 212 GLN GLN 1 . n 
B 2 213 TYR 213 213 213 TYR TYR 1 . n 
B 2 214 GLY 214 214 214 GLY GLY 1 . n 
B 2 215 ILE 215 215 215 ILE ILE 1 . n 
B 2 216 THR 216 216 216 THR THR 1 . n 
B 2 217 VAL 217 217 217 VAL VAL 1 . n 
B 2 218 LEU 218 218 218 LEU LEU 1 . n 
B 2 219 ASN 219 219 219 ASN ASN 1 . n 
B 2 220 HIS 220 220 220 HIS HIS 1 . n 
B 2 221 MET 221 221 221 MET MET 1 . n 
B 2 222 GLY 222 222 222 GLY GLY 1 . n 
B 2 223 SER 223 223 223 SER SER 1 . n 
B 2 224 MET 224 224 224 MET MET 1 . n 
B 2 225 ALA 225 225 225 ALA ALA 1 . n 
B 2 226 PHE 226 226 226 PHE PHE 1 . n 
B 2 227 ARG 227 227 227 ARG ARG 1 . n 
B 2 228 ILE 228 228 228 ILE ILE 1 . n 
B 2 229 VAL 229 229 229 VAL VAL 1 . n 
B 2 230 ASN 230 230 230 ASN ASN 1 . n 
B 2 231 GLU 231 231 231 GLU GLU 1 . n 
B 2 232 HIS 232 232 232 HIS HIS 1 . n 
B 2 233 ASP 233 233 233 ASP ASP 1 . n 
B 2 234 GLU 234 234 234 GLU GLU 1 . n 
B 2 235 HIS 235 235 235 HIS HIS 1 . n 
B 2 236 LYS 236 236 236 LYS LYS 1 . n 
B 2 237 THR 237 237 237 THR THR 1 . n 
B 2 238 LEU 238 238 238 LEU LEU 1 . n 
B 2 239 VAL 239 239 239 VAL VAL 1 . n 
B 2 240 LYS 240 240 240 LYS LYS 1 . n 
B 2 241 ILE 241 241 241 ILE ILE 1 . n 
B 2 242 ARG 242 242 242 ARG ARG 1 . n 
B 2 243 VAL 243 243 243 VAL VAL 1 . n 
B 2 244 TYR 244 244 244 TYR TYR 1 . n 
B 2 245 HIS 245 245 245 HIS HIS 1 . n 
B 2 246 ARG 246 246 246 ARG ARG 1 . n 
B 2 247 ALA 247 247 247 ALA ALA 1 . n 
B 2 248 LYS 248 248 248 LYS LYS 1 . n 
B 2 249 HIS 249 249 249 HIS HIS 1 . n 
B 2 250 VAL 250 250 250 VAL VAL 1 . n 
B 2 251 GLU 251 251 251 GLU GLU 1 . n 
B 2 252 ALA 252 252 252 ALA ALA 1 . n 
B 2 253 TRP 253 253 253 TRP TRP 1 . n 
B 2 254 ILE 254 254 254 ILE ILE 1 . n 
B 2 255 PRO 255 255 255 PRO PRO 1 . n 
B 2 256 ARG 256 256 256 ARG ARG 1 . n 
B 2 257 ALA 257 257 257 ALA ALA 1 . n 
B 2 258 PRO 258 258 258 PRO PRO 1 . n 
B 2 259 ARG 259 259 259 ARG ARG 1 . n 
B 2 260 ALA 260 260 260 ALA ALA 1 . n 
B 2 261 LEU 261 261 261 LEU LEU 1 . n 
B 2 262 PRO 262 262 262 PRO PRO 1 . n 
B 2 263 TYR 263 263 263 TYR TYR 1 . n 
B 2 264 THR 264 264 264 THR THR 1 . n 
B 2 265 SER 265 265 265 SER SER 1 . n 
B 2 266 ILE 266 266 266 ILE ILE 1 . n 
B 2 267 GLY 267 267 267 GLY GLY 1 . n 
B 2 268 ARG 268 268 268 ARG ARG 1 . n 
B 2 269 THR 269 269 269 THR THR 1 . n 
B 2 270 ASN 270 270 270 ASN ASN 1 . n 
B 2 271 TYR 271 271 271 TYR TYR 1 . n 
B 2 272 PRO 272 272 272 PRO PRO 1 . n 
B 2 273 LYS 273 273 273 LYS LYS 1 . n 
B 2 274 ASN 274 274 274 ASN ASN 1 . n 
B 2 275 THR 275 275 275 THR THR 1 . n 
B 2 276 GLU 276 276 276 GLU GLU 1 . n 
B 2 277 PRO 277 277 277 PRO PRO 1 . n 
B 2 278 VAL 278 278 278 VAL VAL 1 . n 
B 2 279 ILE 279 279 279 ILE ILE 1 . n 
B 2 280 LYS 280 280 280 LYS LYS 1 . n 
B 2 281 LYS 281 281 281 LYS LYS 1 . n 
B 2 282 ARG 282 282 282 ARG ARG 1 . n 
B 2 283 LYS 283 283 283 LYS LYS 1 . n 
B 2 284 GLY 284 284 284 GLY GLY 1 . n 
B 2 285 ASP 285 285 285 ASP ASP 1 . n 
B 2 286 ILE 286 286 286 ILE ILE 1 . n 
B 2 287 LYS 287 287 287 LYS LYS 1 . n 
B 2 288 SER 288 288 288 SER SER 1 . n 
B 2 289 TYR 289 289 289 TYR TYR 1 . n 
C 3 1   SER 1   1   ?   ?   ?   2 . n 
C 3 2   PRO 2   2   ?   ?   ?   2 . n 
C 3 3   ASN 3   3   ?   ?   ?   2 . n 
C 3 4   VAL 4   4   ?   ?   ?   2 . n 
C 3 5   GLU 5   5   ?   ?   ?   2 . n 
C 3 6   ALA 6   6   ?   ?   ?   2 . n 
C 3 7   CYS 7   7   ?   ?   ?   2 . n 
C 3 8   GLY 8   8   8   GLY GLY 2 . n 
C 3 9   TYR 9   9   9   TYR TYR 2 . n 
C 3 10  SER 10  10  10  SER SER 2 . n 
C 3 11  ASP 11  11  11  ASP ASP 2 . n 
C 3 12  ARG 12  12  12  ARG ARG 2 . n 
C 3 13  VAL 13  13  13  VAL VAL 2 . n 
C 3 14  GLN 14  14  14  GLN GLN 2 . n 
C 3 15  GLN 15  15  15  GLN GLN 2 . n 
C 3 16  ILE 16  16  16  ILE ILE 2 . n 
C 3 17  THR 17  17  17  THR THR 2 . n 
C 3 18  LEU 18  18  18  LEU LEU 2 . n 
C 3 19  GLY 19  19  19  GLY GLY 2 . n 
C 3 20  ASN 20  20  20  ASN ASN 2 . n 
C 3 21  SER 21  21  21  SER SER 2 . n 
C 3 22  THR 22  22  22  THR THR 2 . n 
C 3 23  ILE 23  23  23  ILE ILE 2 . n 
C 3 24  THR 24  24  24  THR THR 2 . n 
C 3 25  THR 25  25  25  THR THR 2 . n 
C 3 26  GLN 26  26  26  GLN GLN 2 . n 
C 3 27  GLU 27  27  27  GLU GLU 2 . n 
C 3 28  ALA 28  28  28  ALA ALA 2 . n 
C 3 29  ALA 29  29  29  ALA ALA 2 . n 
C 3 30  ASN 30  30  30  ASN ASN 2 . n 
C 3 31  ALA 31  31  31  ALA ALA 2 . n 
C 3 32  VAL 32  32  32  VAL VAL 2 . n 
C 3 33  VAL 33  33  33  VAL VAL 2 . n 
C 3 34  CYS 34  34  34  CYS CYS 2 . n 
C 3 35  TYR 35  35  35  TYR TYR 2 . n 
C 3 36  ALA 36  36  36  ALA ALA 2 . n 
C 3 37  GLU 37  37  37  GLU GLU 2 . n 
C 3 38  TRP 38  38  38  TRP TRP 2 . n 
C 3 39  PRO 39  39  39  PRO PRO 2 . n 
C 3 40  GLU 40  40  40  GLU GLU 2 . n 
C 3 41  TYR 41  41  41  TYR TYR 2 . n 
C 3 42  LEU 42  42  42  LEU LEU 2 . n 
C 3 43  PRO 43  43  43  PRO PRO 2 . n 
C 3 44  ASP 44  44  44  ASP ASP 2 . n 
C 3 45  VAL 45  45  45  VAL VAL 2 . n 
C 3 46  ASP 46  46  46  ASP ASP 2 . n 
C 3 47  ALA 47  47  47  ALA ALA 2 . n 
C 3 48  SER 48  48  48  SER SER 2 . n 
C 3 49  ASP 49  49  49  ASP ASP 2 . n 
C 3 50  VAL 50  50  50  VAL VAL 2 . n 
C 3 51  ASN 51  51  51  ASN ASN 2 . n 
C 3 52  LYS 52  52  52  LYS LYS 2 . n 
C 3 53  THR 53  53  53  THR THR 2 . n 
C 3 54  SER 54  54  54  SER SER 2 . n 
C 3 55  LYS 55  55  55  LYS LYS 2 . n 
C 3 56  PRO 56  56  56  PRO PRO 2 . n 
C 3 57  ASP 57  57  57  ASP ASP 2 . n 
C 3 58  THR 58  58  58  THR THR 2 . n 
C 3 59  SER 59  59  59  SER SER 2 . n 
C 3 60  VAL 60  60  60  VAL VAL 2 . n 
C 3 61  CYS 61  61  61  CYS CYS 2 . n 
C 3 62  ARG 62  62  62  ARG ARG 2 . n 
C 3 63  PHE 63  63  63  PHE PHE 2 . n 
C 3 64  TYR 64  64  64  TYR TYR 2 . n 
C 3 65  THR 65  65  65  THR THR 2 . n 
C 3 66  LEU 66  66  66  LEU LEU 2 . n 
C 3 67  ASP 67  67  67  ASP ASP 2 . n 
C 3 68  SER 68  68  68  SER SER 2 . n 
C 3 69  LYS 69  69  69  LYS LYS 2 . n 
C 3 70  THR 70  70  70  THR THR 2 . n 
C 3 71  TRP 71  71  71  TRP TRP 2 . n 
C 3 72  THR 72  72  72  THR THR 2 . n 
C 3 73  THR 73  73  73  THR THR 2 . n 
C 3 74  GLY 74  74  74  GLY GLY 2 . n 
C 3 75  SER 75  75  75  SER SER 2 . n 
C 3 76  LYS 76  76  76  LYS LYS 2 . n 
C 3 77  GLY 77  77  77  GLY GLY 2 . n 
C 3 78  TRP 78  78  78  TRP TRP 2 . n 
C 3 79  CYS 79  79  79  CYS CYS 2 . n 
C 3 80  TRP 80  80  80  TRP TRP 2 . n 
C 3 81  LYS 81  81  81  LYS LYS 2 . n 
C 3 82  LEU 82  82  82  LEU LEU 2 . n 
C 3 83  PRO 83  83  83  PRO PRO 2 . n 
C 3 84  ASP 84  84  84  ASP ASP 2 . n 
C 3 85  ALA 85  85  85  ALA ALA 2 . n 
C 3 86  LEU 86  86  86  LEU LEU 2 . n 
C 3 87  LYS 87  87  87  LYS LYS 2 . n 
C 3 88  ASP 88  88  88  ASP ASP 2 . n 
C 3 89  MET 89  89  89  MET MET 2 . n 
C 3 90  GLY 90  90  90  GLY GLY 2 . n 
C 3 91  VAL 91  91  91  VAL VAL 2 . n 
C 3 92  PHE 92  92  92  PHE PHE 2 . n 
C 3 93  GLY 93  93  93  GLY GLY 2 . n 
C 3 94  GLN 94  94  94  GLN GLN 2 . n 
C 3 95  ASN 95  95  95  ASN ASN 2 . n 
C 3 96  MET 96  96  96  MET MET 2 . n 
C 3 97  PHE 97  97  97  PHE PHE 2 . n 
C 3 98  PHE 98  98  98  PHE PHE 2 . n 
C 3 99  HIS 99  99  99  HIS HIS 2 . n 
C 3 100 SER 100 100 100 SER SER 2 . n 
C 3 101 LEU 101 101 101 LEU LEU 2 . n 
C 3 102 GLY 102 102 102 GLY GLY 2 . n 
C 3 103 ARG 103 103 103 ARG ARG 2 . n 
C 3 104 SER 104 104 104 SER SER 2 . n 
C 3 105 GLY 105 105 105 GLY GLY 2 . n 
C 3 106 TYR 106 106 106 TYR TYR 2 . n 
C 3 107 THR 107 107 107 THR THR 2 . n 
C 3 108 VAL 108 108 108 VAL VAL 2 . n 
C 3 109 HIS 109 109 109 HIS HIS 2 . n 
C 3 110 VAL 110 110 110 VAL VAL 2 . n 
C 3 111 GLN 111 111 111 GLN GLN 2 . n 
C 3 112 CYS 112 112 112 CYS CYS 2 . n 
C 3 113 ASN 113 113 113 ASN ASN 2 . n 
C 3 114 ALA 114 114 114 ALA ALA 2 . n 
C 3 115 THR 115 115 115 THR THR 2 . n 
C 3 116 LYS 116 116 116 LYS LYS 2 . n 
C 3 117 PHE 117 117 117 PHE PHE 2 . n 
C 3 118 HIS 118 118 118 HIS HIS 2 . n 
C 3 119 SER 119 119 119 SER SER 2 . n 
C 3 120 GLY 120 120 120 GLY GLY 2 . n 
C 3 121 CYS 121 121 121 CYS CYS 2 . n 
C 3 122 LEU 122 122 122 LEU LEU 2 . n 
C 3 123 LEU 123 123 123 LEU LEU 2 . n 
C 3 124 VAL 124 124 124 VAL VAL 2 . n 
C 3 125 VAL 125 125 125 VAL VAL 2 . n 
C 3 126 VAL 126 126 126 VAL VAL 2 . n 
C 3 127 ILE 127 127 127 ILE ILE 2 . n 
C 3 128 PRO 128 128 128 PRO PRO 2 . n 
C 3 129 GLU 129 129 129 GLU GLU 2 . n 
C 3 130 HIS 130 130 130 HIS HIS 2 . n 
C 3 131 GLN 131 131 131 GLN GLN 2 . n 
C 3 132 LEU 132 132 132 LEU LEU 2 . n 
C 3 133 ALA 133 133 133 ALA ALA 2 . n 
C 3 134 SER 134 134 134 SER SER 2 . n 
C 3 135 HIS 135 135 135 HIS HIS 2 . n 
C 3 136 GLU 136 136 136 GLU GLU 2 . n 
C 3 137 GLY 137 137 137 GLY GLY 2 . n 
C 3 138 GLY 138 138 138 GLY GLY 2 . n 
C 3 139 ASN 139 139 139 ASN ASN 2 . n 
C 3 140 VAL 140 140 140 VAL VAL 2 . n 
C 3 141 SER 141 141 141 SER SER 2 . n 
C 3 142 VAL 142 142 142 VAL VAL 2 . n 
C 3 143 LYS 143 143 143 LYS LYS 2 . n 
C 3 144 TYR 144 144 144 TYR TYR 2 . n 
C 3 145 THR 145 145 145 THR THR 2 . n 
C 3 146 PHE 146 146 146 PHE PHE 2 . n 
C 3 147 THR 147 147 147 THR THR 2 . n 
C 3 148 HIS 148 148 148 HIS HIS 2 . n 
C 3 149 PRO 149 149 149 PRO PRO 2 . n 
C 3 150 GLY 150 150 150 GLY GLY 2 . n 
C 3 151 GLU 151 151 151 GLU GLU 2 . n 
C 3 152 ARG 152 152 152 ARG ARG 2 . n 
C 3 153 GLY 153 153 153 GLY GLY 2 . n 
C 3 154 ILE 154 154 154 ILE ILE 2 . n 
C 3 155 ASP 155 155 155 ASP ASP 2 . n 
C 3 156 LEU 156 156 156 LEU LEU 2 . n 
C 3 157 SER 157 157 157 SER SER 2 . n 
C 3 158 SER 158 158 158 SER SER 2 . n 
C 3 159 ALA 159 159 159 ALA ALA 2 . n 
C 3 160 ASN 160 160 160 ASN ASN 2 . n 
C 3 161 GLU 161 161 161 GLU GLU 2 . n 
C 3 162 VAL 162 162 162 VAL VAL 2 . n 
C 3 163 GLY 163 163 163 GLY GLY 2 . n 
C 3 164 GLY 164 164 164 GLY GLY 2 . n 
C 3 165 PRO 165 165 165 PRO PRO 2 . n 
C 3 166 VAL 166 166 166 VAL VAL 2 . n 
C 3 167 LYS 167 167 167 LYS LYS 2 . n 
C 3 168 ASP 168 168 168 ASP ASP 2 . n 
C 3 169 VAL 169 169 169 VAL VAL 2 . n 
C 3 170 LEU 170 170 170 LEU LEU 2 . n 
C 3 171 TYR 171 171 171 TYR TYR 2 . n 
C 3 172 ASN 172 172 172 ASN ASN 2 . n 
C 3 173 MET 173 173 173 MET MET 2 . n 
C 3 174 ASN 174 174 174 ASN ASN 2 . n 
C 3 175 GLY 175 175 175 GLY GLY 2 . n 
C 3 176 THR 176 176 176 THR THR 2 . n 
C 3 177 LEU 177 177 177 LEU LEU 2 . n 
C 3 178 LEU 178 178 178 LEU LEU 2 . n 
C 3 179 GLY 179 179 179 GLY GLY 2 . n 
C 3 180 ASN 180 180 180 ASN ASN 2 . n 
C 3 181 LEU 181 181 181 LEU LEU 2 . n 
C 3 182 LEU 182 182 182 LEU LEU 2 . n 
C 3 183 ILE 183 183 183 ILE ILE 2 . n 
C 3 184 PHE 184 184 184 PHE PHE 2 . n 
C 3 185 PRO 185 185 185 PRO PRO 2 . n 
C 3 186 HIS 186 186 186 HIS HIS 2 . n 
C 3 187 GLN 187 187 187 GLN GLN 2 . n 
C 3 188 PHE 188 188 188 PHE PHE 2 . n 
C 3 189 ILE 189 189 189 ILE ILE 2 . n 
C 3 190 ASN 190 190 190 ASN ASN 2 . n 
C 3 191 LEU 191 191 191 LEU LEU 2 . n 
C 3 192 ARG 192 192 192 ARG ARG 2 . n 
C 3 193 THR 193 193 193 THR THR 2 . n 
C 3 194 ASN 194 194 194 ASN ASN 2 . n 
C 3 195 ASN 195 195 195 ASN ASN 2 . n 
C 3 196 THR 196 196 196 THR THR 2 . n 
C 3 197 ALA 197 197 197 ALA ALA 2 . n 
C 3 198 THR 198 198 198 THR THR 2 . n 
C 3 199 ILE 199 199 199 ILE ILE 2 . n 
C 3 200 VAL 200 200 200 VAL VAL 2 . n 
C 3 201 ILE 201 201 201 ILE ILE 2 . n 
C 3 202 PRO 202 202 202 PRO PRO 2 . n 
C 3 203 TYR 203 203 203 TYR TYR 2 . n 
C 3 204 ILE 204 204 204 ILE ILE 2 . n 
C 3 205 ASN 205 205 205 ASN ASN 2 . n 
C 3 206 SER 206 206 206 SER SER 2 . n 
C 3 207 VAL 207 207 207 VAL VAL 2 . n 
C 3 208 PRO 208 208 208 PRO PRO 2 . n 
C 3 209 ILE 209 209 209 ILE ILE 2 . n 
C 3 210 ASP 210 210 210 ASP ASP 2 . n 
C 3 211 SER 211 211 211 SER SER 2 . n 
C 3 212 MET 212 212 212 MET MET 2 . n 
C 3 213 THR 213 213 213 THR THR 2 . n 
C 3 214 ARG 214 214 214 ARG ARG 2 . n 
C 3 215 HIS 215 215 215 HIS HIS 2 . n 
C 3 216 ASN 216 216 216 ASN ASN 2 . n 
C 3 217 ASN 217 217 217 ASN ASN 2 . n 
C 3 218 VAL 218 218 218 VAL VAL 2 . n 
C 3 219 SER 219 219 219 SER SER 2 . n 
C 3 220 LEU 220 220 220 LEU LEU 2 . n 
C 3 221 MET 221 221 221 MET MET 2 . n 
C 3 222 VAL 222 222 222 VAL VAL 2 . n 
C 3 223 ILE 223 223 223 ILE ILE 2 . n 
C 3 224 PRO 224 224 224 PRO PRO 2 . n 
C 3 225 ILE 225 225 225 ILE ILE 2 . n 
C 3 226 ALA 226 226 226 ALA ALA 2 . n 
C 3 227 PRO 227 227 227 PRO PRO 2 . n 
C 3 228 LEU 228 228 228 LEU LEU 2 . n 
C 3 229 THR 229 229 229 THR THR 2 . n 
C 3 230 VAL 230 230 230 VAL VAL 2 . n 
C 3 231 PRO 231 231 231 PRO PRO 2 . n 
C 3 232 THR 232 232 232 THR THR 2 . n 
C 3 233 GLY 233 233 233 GLY GLY 2 . n 
C 3 234 ALA 234 234 234 ALA ALA 2 . n 
C 3 235 THR 235 235 235 THR THR 2 . n 
C 3 236 PRO 236 236 236 PRO PRO 2 . n 
C 3 237 SER 237 237 237 SER SER 2 . n 
C 3 238 LEU 238 238 238 LEU LEU 2 . n 
C 3 239 PRO 239 239 239 PRO PRO 2 . n 
C 3 240 ILE 240 240 240 ILE ILE 2 . n 
C 3 241 THR 241 241 241 THR THR 2 . n 
C 3 242 VAL 242 242 242 VAL VAL 2 . n 
C 3 243 THR 243 243 243 THR THR 2 . n 
C 3 244 ILE 244 244 244 ILE ILE 2 . n 
C 3 245 ALA 245 245 245 ALA ALA 2 . n 
C 3 246 PRO 246 246 246 PRO PRO 2 . n 
C 3 247 MET 247 247 247 MET MET 2 . n 
C 3 248 CYS 248 248 248 CYS CYS 2 . n 
C 3 249 THR 249 249 249 THR THR 2 . n 
C 3 250 GLU 250 250 250 GLU GLU 2 . n 
C 3 251 PHE 251 251 251 PHE PHE 2 . n 
C 3 252 SER 252 252 252 SER SER 2 . n 
C 3 253 GLY 253 253 253 GLY GLY 2 . n 
C 3 254 ILE 254 254 254 ILE ILE 2 . n 
C 3 255 ARG 255 255 255 ARG ARG 2 . n 
C 3 256 SER 256 256 256 SER SER 2 . n 
C 3 257 LYS 257 257 257 LYS LYS 2 . n 
C 3 258 SER 258 258 258 SER SER 2 . n 
C 3 259 ILE 259 259 259 ILE ILE 2 . n 
C 3 260 VAL 260 260 260 VAL VAL 2 . n 
C 3 261 PRO 261 261 261 PRO PRO 2 . n 
C 3 262 GLN 262 262 262 GLN GLN 2 . n 
D 4 1   GLY 1   1   1   GLY GLY 3 . n 
D 4 2   LEU 2   2   2   LEU LEU 3 . n 
D 4 3   PRO 3   3   3   PRO PRO 3 . n 
D 4 4   THR 4   4   4   THR THR 3 . n 
D 4 5   THR 5   5   5   THR THR 3 . n 
D 4 6   THR 6   6   6   THR THR 3 . n 
D 4 7   LEU 7   7   7   LEU LEU 3 . n 
D 4 8   PRO 8   8   8   PRO PRO 3 . n 
D 4 9   GLY 9   9   9   GLY GLY 3 . n 
D 4 10  SER 10  10  10  SER SER 3 . n 
D 4 11  GLY 11  11  11  GLY GLY 3 . n 
D 4 12  GLN 12  12  12  GLN GLN 3 . n 
D 4 13  PHE 13  13  13  PHE PHE 3 . n 
D 4 14  LEU 14  14  14  LEU LEU 3 . n 
D 4 15  THR 15  15  15  THR THR 3 . n 
D 4 16  THR 16  16  16  THR THR 3 . n 
D 4 17  ASP 17  17  17  ASP ASP 3 . n 
D 4 18  ASP 18  18  18  ASP ASP 3 . n 
D 4 19  ARG 19  19  19  ARG ARG 3 . n 
D 4 20  GLN 20  20  20  GLN GLN 3 . n 
D 4 21  SER 21  21  21  SER SER 3 . n 
D 4 22  PRO 22  22  22  PRO PRO 3 . n 
D 4 23  SER 23  23  23  SER SER 3 . n 
D 4 24  ALA 24  24  24  ALA ALA 3 . n 
D 4 25  LEU 25  25  25  LEU LEU 3 . n 
D 4 26  PRO 26  26  26  PRO PRO 3 . n 
D 4 27  ASN 27  27  27  ASN ASN 3 . n 
D 4 28  TYR 28  28  28  TYR TYR 3 . n 
D 4 29  GLU 29  29  29  GLU GLU 3 . n 
D 4 30  PRO 30  30  30  PRO PRO 3 . n 
D 4 31  THR 31  31  31  THR THR 3 . n 
D 4 32  PRO 32  32  32  PRO PRO 3 . n 
D 4 33  ARG 33  33  33  ARG ARG 3 . n 
D 4 34  ILE 34  34  34  ILE ILE 3 . n 
D 4 35  HIS 35  35  35  HIS HIS 3 . n 
D 4 36  ILE 36  36  36  ILE ILE 3 . n 
D 4 37  PRO 37  37  37  PRO PRO 3 . n 
D 4 38  GLY 38  38  38  GLY GLY 3 . n 
D 4 39  LYS 39  39  39  LYS LYS 3 . n 
D 4 40  VAL 40  40  40  VAL VAL 3 . n 
D 4 41  HIS 41  41  41  HIS HIS 3 . n 
D 4 42  ASN 42  42  42  ASN ASN 3 . n 
D 4 43  LEU 43  43  43  LEU LEU 3 . n 
D 4 44  LEU 44  44  44  LEU LEU 3 . n 
D 4 45  GLU 45  45  45  GLU GLU 3 . n 
D 4 46  ILE 46  46  46  ILE ILE 3 . n 
D 4 47  ILE 47  47  47  ILE ILE 3 . n 
D 4 48  GLN 48  48  48  GLN GLN 3 . n 
D 4 49  VAL 49  49  49  VAL VAL 3 . n 
D 4 50  ASP 50  50  50  ASP ASP 3 . n 
D 4 51  THR 51  51  51  THR THR 3 . n 
D 4 52  LEU 52  52  52  LEU LEU 3 . n 
D 4 53  ILE 53  53  53  ILE ILE 3 . n 
D 4 54  PRO 54  54  54  PRO PRO 3 . n 
D 4 55  MET 55  55  55  MET MET 3 . n 
D 4 56  ASN 56  56  56  ASN ASN 3 . n 
D 4 57  ASN 57  57  57  ASN ASN 3 . n 
D 4 58  THR 58  58  58  THR THR 3 . n 
D 4 59  HIS 59  59  59  HIS HIS 3 . n 
D 4 60  THR 60  60  60  THR THR 3 . n 
D 4 61  LYS 61  61  61  LYS LYS 3 . n 
D 4 62  ASP 62  62  62  ASP ASP 3 . n 
D 4 63  GLU 63  63  63  GLU GLU 3 . n 
D 4 64  VAL 64  64  64  VAL VAL 3 . n 
D 4 65  ASN 65  65  65  ASN ASN 3 . n 
D 4 66  SER 66  66  66  SER SER 3 . n 
D 4 67  TYR 67  67  67  TYR TYR 3 . n 
D 4 68  LEU 68  68  68  LEU LEU 3 . n 
D 4 69  ILE 69  69  69  ILE ILE 3 . n 
D 4 70  PRO 70  70  70  PRO PRO 3 . n 
D 4 71  LEU 71  71  71  LEU LEU 3 . n 
D 4 72  ASN 72  72  72  ASN ASN 3 . n 
D 4 73  ALA 73  73  73  ALA ALA 3 . n 
D 4 74  ASN 74  74  74  ASN ASN 3 . n 
D 4 75  ARG 75  75  75  ARG ARG 3 . n 
D 4 76  GLN 76  76  76  GLN GLN 3 . n 
D 4 77  ASN 77  77  77  ASN ASN 3 . n 
D 4 78  GLU 78  78  78  GLU GLU 3 . n 
D 4 79  GLN 79  79  79  GLN GLN 3 . n 
D 4 80  VAL 80  80  80  VAL VAL 3 . n 
D 4 81  PHE 81  81  81  PHE PHE 3 . n 
D 4 82  GLY 82  82  82  GLY GLY 3 . n 
D 4 83  THR 83  83  83  THR THR 3 . n 
D 4 84  ASN 84  84  84  ASN ASN 3 . n 
D 4 85  LEU 85  85  85  LEU LEU 3 . n 
D 4 86  PHE 86  86  86  PHE PHE 3 . n 
D 4 87  ILE 87  87  87  ILE ILE 3 . n 
D 4 88  GLY 88  88  88  GLY GLY 3 . n 
D 4 89  ASP 89  89  89  ASP ASP 3 . n 
D 4 90  GLY 90  90  90  GLY GLY 3 . n 
D 4 91  VAL 91  91  91  VAL VAL 3 . n 
D 4 92  PHE 92  92  92  PHE PHE 3 . n 
D 4 93  LYS 93  93  93  LYS LYS 3 . n 
D 4 94  THR 94  94  94  THR THR 3 . n 
D 4 95  THR 95  95  95  THR THR 3 . n 
D 4 96  LEU 96  96  96  LEU LEU 3 . n 
D 4 97  LEU 97  97  97  LEU LEU 3 . n 
D 4 98  GLY 98  98  98  GLY GLY 3 . n 
D 4 99  GLU 99  99  99  GLU GLU 3 . n 
D 4 100 ILE 100 100 100 ILE ILE 3 . n 
D 4 101 VAL 101 101 101 VAL VAL 3 . n 
D 4 102 GLN 102 102 102 GLN GLN 3 . n 
D 4 103 TYR 103 103 103 TYR TYR 3 . n 
D 4 104 TYR 104 104 104 TYR TYR 3 . n 
D 4 105 THR 105 105 105 THR THR 3 . n 
D 4 106 HIS 106 106 106 HIS HIS 3 . n 
D 4 107 TRP 107 107 107 TRP TRP 3 . n 
D 4 108 SER 108 108 108 SER SER 3 . n 
D 4 109 GLY 109 109 109 GLY GLY 3 . n 
D 4 110 SER 110 110 110 SER SER 3 . n 
D 4 111 LEU 111 111 111 LEU LEU 3 . n 
D 4 112 ARG 112 112 112 ARG ARG 3 . n 
D 4 113 PHE 113 113 113 PHE PHE 3 . n 
D 4 114 SER 114 114 114 SER SER 3 . n 
D 4 115 LEU 115 115 115 LEU LEU 3 . n 
D 4 116 MET 116 116 116 MET MET 3 . n 
D 4 117 TYR 117 117 117 TYR TYR 3 . n 
D 4 118 THR 118 118 118 THR THR 3 . n 
D 4 119 GLY 119 119 119 GLY GLY 3 . n 
D 4 120 PRO 120 120 120 PRO PRO 3 . n 
D 4 121 ALA 121 121 121 ALA ALA 3 . n 
D 4 122 LEU 122 122 122 LEU LEU 3 . n 
D 4 123 SER 123 123 123 SER SER 3 . n 
D 4 124 SER 124 124 124 SER SER 3 . n 
D 4 125 ALA 125 125 125 ALA ALA 3 . n 
D 4 126 LYS 126 126 126 LYS LYS 3 . n 
D 4 127 LEU 127 127 127 LEU LEU 3 . n 
D 4 128 ILE 128 128 128 ILE ILE 3 . n 
D 4 129 LEU 129 129 129 LEU LEU 3 . n 
D 4 130 ALA 130 130 130 ALA ALA 3 . n 
D 4 131 TYR 131 131 131 TYR TYR 3 . n 
D 4 132 THR 132 132 132 THR THR 3 . n 
D 4 133 PRO 133 133 133 PRO PRO 3 . n 
D 4 134 PRO 134 134 134 PRO PRO 3 . n 
D 4 135 GLY 135 135 135 GLY GLY 3 . n 
D 4 136 ALA 136 136 136 ALA ALA 3 . n 
D 4 137 ARG 137 137 137 ARG ARG 3 . n 
D 4 138 GLY 138 138 138 GLY GLY 3 . n 
D 4 139 PRO 139 139 139 PRO PRO 3 . n 
D 4 140 GLN 140 140 140 GLN GLN 3 . n 
D 4 141 ASP 141 141 141 ASP ASP 3 . n 
D 4 142 ARG 142 142 142 ARG ARG 3 . n 
D 4 143 ARG 143 143 143 ARG ARG 3 . n 
D 4 144 GLU 144 144 144 GLU GLU 3 . n 
D 4 145 ALA 145 145 145 ALA ALA 3 . n 
D 4 146 MET 146 146 146 MET MET 3 . n 
D 4 147 LEU 147 147 147 LEU LEU 3 . n 
D 4 148 GLY 148 148 148 GLY GLY 3 . n 
D 4 149 THR 149 149 149 THR THR 3 . n 
D 4 150 HIS 150 150 150 HIS HIS 3 . n 
D 4 151 VAL 151 151 151 VAL VAL 3 . n 
D 4 152 VAL 152 152 152 VAL VAL 3 . n 
D 4 153 TRP 153 153 153 TRP TRP 3 . n 
D 4 154 ASP 154 154 154 ASP ASP 3 . n 
D 4 155 ILE 155 155 155 ILE ILE 3 . n 
D 4 156 GLY 156 156 156 GLY GLY 3 . n 
D 4 157 LEU 157 157 157 LEU LEU 3 . n 
D 4 158 GLN 158 158 158 GLN GLN 3 . n 
D 4 159 SER 159 159 159 SER SER 3 . n 
D 4 160 THR 160 160 160 THR THR 3 . n 
D 4 161 ILE 161 161 161 ILE ILE 3 . n 
D 4 162 VAL 162 162 162 VAL VAL 3 . n 
D 4 163 MET 163 163 163 MET MET 3 . n 
D 4 164 THR 164 164 164 THR THR 3 . n 
D 4 165 ILE 165 165 165 ILE ILE 3 . n 
D 4 166 PRO 166 166 166 PRO PRO 3 . n 
D 4 167 TRP 167 167 167 TRP TRP 3 . n 
D 4 168 THR 168 168 168 THR THR 3 . n 
D 4 169 SER 169 169 169 SER SER 3 . n 
D 4 170 GLY 170 170 170 GLY GLY 3 . n 
D 4 171 VAL 171 171 171 VAL VAL 3 . n 
D 4 172 GLN 172 172 172 GLN GLN 3 . n 
D 4 173 PHE 173 173 173 PHE PHE 3 . n 
D 4 174 ARG 174 174 174 ARG ARG 3 . n 
D 4 175 TYR 175 175 175 TYR TYR 3 . n 
D 4 176 THR 176 176 176 THR THR 3 . n 
D 4 177 ASP 177 177 177 ASP ASP 3 . n 
D 4 178 PRO 178 178 178 PRO PRO 3 . n 
D 4 179 ASP 179 179 179 ASP ASP 3 . n 
D 4 180 THR 180 180 180 THR THR 3 . n 
D 4 181 TYR 181 181 181 TYR TYR 3 . n 
D 4 182 THR 182 182 182 THR THR 3 . n 
D 4 183 SER 183 183 183 SER SER 3 . n 
D 4 184 ALA 184 184 184 ALA ALA 3 . n 
D 4 185 GLY 185 185 185 GLY GLY 3 . n 
D 4 186 PHE 186 186 186 PHE PHE 3 . n 
D 4 187 LEU 187 187 187 LEU LEU 3 . n 
D 4 188 SER 188 188 188 SER SER 3 . n 
D 4 189 CYS 189 189 189 CYS CYS 3 . n 
D 4 190 TRP 190 190 190 TRP TRP 3 . n 
D 4 191 TYR 191 191 191 TYR TYR 3 . n 
D 4 192 GLN 192 192 192 GLN GLN 3 . n 
D 4 193 THR 193 193 193 THR THR 3 . n 
D 4 194 SER 194 194 194 SER SER 3 . n 
D 4 195 LEU 195 195 195 LEU LEU 3 . n 
D 4 196 ILE 196 196 196 ILE ILE 3 . n 
D 4 197 LEU 197 197 197 LEU LEU 3 . n 
D 4 198 PRO 198 198 198 PRO PRO 3 . n 
D 4 199 PRO 199 199 199 PRO PRO 3 . n 
D 4 200 GLU 200 200 200 GLU GLU 3 . n 
D 4 201 THR 201 201 201 THR THR 3 . n 
D 4 202 THR 202 202 202 THR THR 3 . n 
D 4 203 GLY 203 203 203 GLY GLY 3 . n 
D 4 204 GLN 204 204 204 GLN GLN 3 . n 
D 4 205 VAL 205 205 205 VAL VAL 3 . n 
D 4 206 TYR 206 206 206 TYR TYR 3 . n 
D 4 207 LEU 207 207 207 LEU LEU 3 . n 
D 4 208 LEU 208 208 208 LEU LEU 3 . n 
D 4 209 SER 209 209 209 SER SER 3 . n 
D 4 210 PHE 210 210 210 PHE PHE 3 . n 
D 4 211 ILE 211 211 211 ILE ILE 3 . n 
D 4 212 SER 212 212 212 SER SER 3 . n 
D 4 213 ALA 213 213 213 ALA ALA 3 . n 
D 4 214 CYS 214 214 214 CYS CYS 3 . n 
D 4 215 PRO 215 215 215 PRO PRO 3 . n 
D 4 216 ASP 216 216 216 ASP ASP 3 . n 
D 4 217 PHE 217 217 217 PHE PHE 3 . n 
D 4 218 LYS 218 218 218 LYS LYS 3 . n 
D 4 219 LEU 219 219 219 LEU LEU 3 . n 
D 4 220 ARG 220 220 220 ARG ARG 3 . n 
D 4 221 LEU 221 221 221 LEU LEU 3 . n 
D 4 222 MET 222 222 222 MET MET 3 . n 
D 4 223 LYS 223 223 223 LYS LYS 3 . n 
D 4 224 ASP 224 224 224 ASP ASP 3 . n 
D 4 225 THR 225 225 225 THR THR 3 . n 
D 4 226 GLN 226 226 226 GLN GLN 3 . n 
D 4 227 THR 227 227 227 THR THR 3 . n 
D 4 228 ILE 228 228 228 ILE ILE 3 . n 
D 4 229 SER 229 229 229 SER SER 3 . n 
D 4 230 GLN 230 230 230 GLN GLN 3 . n 
D 4 231 THR 231 231 231 THR THR 3 . n 
D 4 232 VAL 232 232 232 VAL VAL 3 . n 
D 4 233 ALA 233 233 233 ALA ALA 3 . n 
D 4 234 LEU 234 234 234 LEU LEU 3 . n 
D 4 235 THR 235 235 235 THR THR 3 . n 
D 4 236 GLU 236 236 236 GLU GLU 3 . n 
E 5 1   GLY 1   1   ?   ?   ?   4 . n 
E 5 2   ALA 2   2   ?   ?   ?   4 . n 
E 5 3   GLN 3   3   ?   ?   ?   4 . n 
E 5 4   VAL 4   4   ?   ?   ?   4 . n 
E 5 5   SER 5   5   ?   ?   ?   4 . n 
E 5 6   THR 6   6   ?   ?   ?   4 . n 
E 5 7   GLN 7   7   ?   ?   ?   4 . n 
E 5 8   LYS 8   8   ?   ?   ?   4 . n 
E 5 9   SER 9   9   ?   ?   ?   4 . n 
E 5 10  GLY 10  10  ?   ?   ?   4 . n 
E 5 11  SER 11  11  ?   ?   ?   4 . n 
E 5 12  HIS 12  12  ?   ?   ?   4 . n 
E 5 13  GLU 13  13  ?   ?   ?   4 . n 
E 5 14  ASN 14  14  ?   ?   ?   4 . n 
E 5 15  GLN 15  15  ?   ?   ?   4 . n 
E 5 16  ASN 16  16  ?   ?   ?   4 . n 
E 5 17  ILE 17  17  ?   ?   ?   4 . n 
E 5 18  LEU 18  18  ?   ?   ?   4 . n 
E 5 19  THR 19  19  ?   ?   ?   4 . n 
E 5 20  ASN 20  20  ?   ?   ?   4 . n 
E 5 21  GLY 21  21  ?   ?   ?   4 . n 
E 5 22  SER 22  22  ?   ?   ?   4 . n 
E 5 23  ASN 23  23  ?   ?   ?   4 . n 
E 5 24  GLN 24  24  ?   ?   ?   4 . n 
E 5 25  THR 25  25  ?   ?   ?   4 . n 
E 5 26  PHE 26  26  ?   ?   ?   4 . n 
E 5 27  THR 27  27  ?   ?   ?   4 . n 
E 5 28  VAL 28  28  ?   ?   ?   4 . n 
E 5 29  ILE 29  29  29  ILE ILE 4 . n 
E 5 30  ASN 30  30  30  ASN ASN 4 . n 
E 5 31  TYR 31  31  31  TYR TYR 4 . n 
E 5 32  TYR 32  32  32  TYR TYR 4 . n 
E 5 33  LYS 33  33  33  LYS LYS 4 . n 
E 5 34  ASP 34  34  34  ASP ASP 4 . n 
E 5 35  ALA 35  35  35  ALA ALA 4 . n 
E 5 36  ALA 36  36  36  ALA ALA 4 . n 
E 5 37  SER 37  37  37  SER SER 4 . n 
E 5 38  THR 38  38  38  THR THR 4 . n 
E 5 39  SER 39  39  39  SER SER 4 . n 
E 5 40  SER 40  40  40  SER SER 4 . n 
E 5 41  ALA 41  41  41  ALA ALA 4 . n 
E 5 42  GLY 42  42  42  GLY GLY 4 . n 
E 5 43  GLN 43  43  43  GLN GLN 4 . n 
E 5 44  SER 44  44  44  SER SER 4 . n 
E 5 45  LEU 45  45  45  LEU LEU 4 . n 
E 5 46  SER 46  46  46  SER SER 4 . n 
E 5 47  MET 47  47  47  MET MET 4 . n 
E 5 48  ASP 48  48  48  ASP ASP 4 . n 
E 5 49  PRO 49  49  49  PRO PRO 4 . n 
E 5 50  SER 50  50  50  SER SER 4 . n 
E 5 51  LYS 51  51  51  LYS LYS 4 . n 
E 5 52  PHE 52  52  52  PHE PHE 4 . n 
E 5 53  THR 53  53  53  THR THR 4 . n 
E 5 54  GLU 54  54  54  GLU GLU 4 . n 
E 5 55  PRO 55  55  55  PRO PRO 4 . n 
E 5 56  VAL 56  56  56  VAL VAL 4 . n 
E 5 57  LYS 57  57  57  LYS LYS 4 . n 
E 5 58  ASP 58  58  58  ASP ASP 4 . n 
E 5 59  LEU 59  59  59  LEU LEU 4 . n 
E 5 60  MET 60  60  60  MET MET 4 . n 
E 5 61  LEU 61  61  61  LEU LEU 4 . n 
E 5 62  LYS 62  62  62  LYS LYS 4 . n 
E 5 63  GLY 63  63  63  GLY GLY 4 . n 
E 5 64  ALA 64  64  64  ALA ALA 4 . n 
E 5 65  PRO 65  65  65  PRO PRO 4 . n 
E 5 66  ALA 66  66  66  ALA ALA 4 . n 
E 5 67  LEU 67  67  67  LEU LEU 4 . n 
E 5 68  ASN 68  68  68  ASN ASN 4 . n 
# 
_cell.entry_id           1D3I 
_cell.length_a           1.0 
_cell.length_b           1.0 
_cell.length_c           1.0 
_cell.angle_alpha        90.0 
_cell.angle_beta         90.0 
_cell.angle_gamma        90.0 
_cell.Z_PDB              1 
_cell.pdbx_unique_axis   ? 
_cell.length_a_esd       ? 
_cell.length_b_esd       ? 
_cell.length_c_esd       ? 
_cell.angle_alpha_esd    ? 
_cell.angle_beta_esd     ? 
_cell.angle_gamma_esd    ? 
# 
_symmetry.entry_id                         1D3I 
_symmetry.space_group_name_H-M             'P 1' 
_symmetry.pdbx_full_space_group_name_H-M   ? 
_symmetry.cell_setting                     ? 
_symmetry.Int_Tables_number                1 
# 
_exptl.entry_id          1D3I 
_exptl.method            'ELECTRON MICROSCOPY' 
_exptl.crystals_number   ? 
# 
_exptl_crystal.id                    1 
_exptl_crystal.density_meas          ? 
_exptl_crystal.density_Matthews      ? 
_exptl_crystal.density_percent_sol   ? 
_exptl_crystal.description           ? 
# 
_diffrn.id                     1 
_diffrn.crystal_id             1 
_diffrn.ambient_temp           ? 
_diffrn.ambient_temp_details   ? 
# 
_refine.entry_id                                 1D3I 
_refine.ls_number_reflns_obs                     ? 
_refine.ls_number_reflns_all                     ? 
_refine.pdbx_ls_sigma_I                          ? 
_refine.pdbx_ls_sigma_F                          ? 
_refine.pdbx_data_cutoff_high_absF               ? 
_refine.pdbx_data_cutoff_low_absF                ? 
_refine.pdbx_data_cutoff_high_rms_absF           ? 
_refine.ls_d_res_low                             ? 
_refine.ls_d_res_high                            26.0 
_refine.ls_percent_reflns_obs                    ? 
_refine.ls_R_factor_obs                          ? 
_refine.ls_R_factor_all                          ? 
_refine.ls_R_factor_R_work                       ? 
_refine.ls_R_factor_R_free                       ? 
_refine.ls_R_factor_R_free_error                 ? 
_refine.ls_R_factor_R_free_error_details         ? 
_refine.ls_percent_reflns_R_free                 ? 
_refine.ls_number_reflns_R_free                  ? 
_refine.ls_number_parameters                     ? 
_refine.ls_number_restraints                     ? 
_refine.occupancy_min                            ? 
_refine.occupancy_max                            ? 
_refine.B_iso_mean                               ? 
_refine.aniso_B[1][1]                            ? 
_refine.aniso_B[2][2]                            ? 
_refine.aniso_B[3][3]                            ? 
_refine.aniso_B[1][2]                            ? 
_refine.aniso_B[1][3]                            ? 
_refine.aniso_B[2][3]                            ? 
_refine.solvent_model_details                    ? 
_refine.solvent_model_param_ksol                 ? 
_refine.solvent_model_param_bsol                 ? 
_refine.pdbx_ls_cross_valid_method               ? 
_refine.details                                  ? 
_refine.pdbx_starting_model                      ? 
_refine.pdbx_method_to_determine_struct          ? 
_refine.pdbx_isotropic_thermal_model             ? 
_refine.pdbx_stereochemistry_target_values       ? 
_refine.pdbx_stereochem_target_val_spec_case     ? 
_refine.pdbx_R_Free_selection_details            ? 
_refine.pdbx_overall_ESU_R                       ? 
_refine.pdbx_overall_ESU_R_Free                  ? 
_refine.overall_SU_ML                            ? 
_refine.overall_SU_B                             ? 
_refine.ls_redundancy_reflns_obs                 ? 
_refine.B_iso_min                                ? 
_refine.B_iso_max                                ? 
_refine.pdbx_overall_phase_error                 ? 
_refine.pdbx_solvent_vdw_probe_radii             ? 
_refine.pdbx_solvent_ion_probe_radii             ? 
_refine.pdbx_solvent_shrinkage_radii             ? 
_refine.correlation_coeff_Fo_to_Fc               ? 
_refine.correlation_coeff_Fo_to_Fc_free          ? 
_refine.overall_SU_R_Cruickshank_DPI             ? 
_refine.overall_SU_R_free                        ? 
_refine.pdbx_refine_id                           'ELECTRON MICROSCOPY' 
_refine.pdbx_diffrn_id                           1 
_refine.pdbx_TLS_residual_ADP_flag               ? 
_refine.pdbx_overall_SU_R_free_Cruickshank_DPI   ? 
_refine.pdbx_overall_SU_R_Blow_DPI               ? 
_refine.pdbx_overall_SU_R_free_Blow_DPI          ? 
# 
_refine_hist.pdbx_refine_id                   'ELECTRON MICROSCOPY' 
_refine_hist.cycle_id                         LAST 
_refine_hist.pdbx_number_atoms_protein        989 
_refine_hist.pdbx_number_atoms_nucleic_acid   0 
_refine_hist.pdbx_number_atoms_ligand         0 
_refine_hist.number_atoms_solvent             0 
_refine_hist.number_atoms_total               989 
_refine_hist.d_res_high                       26.0 
_refine_hist.d_res_low                        . 
# 
_struct.entry_id                  1D3I 
_struct.title                     
;CRYO-EM STRUCTURE OF HUMAN RHINOVIRUS 14 (HRV14) COMPLEXED WITH A TWO-DOMAIN FRAGMENT OF ITS CELLULAR RECEPTOR, INTERCELLULAR ADHESION MOLECULE-1 (D1D2-ICAM-1). IMPLICATIONS FOR VIRUS-RECEPTOR INTERACTIONS. ALPHA CARBONS ONLY
;
_struct.pdbx_model_details        ? 
_struct.pdbx_CASP_flag            ? 
_struct.pdbx_model_type_details   ? 
# 
_struct_keywords.entry_id        1D3I 
_struct_keywords.pdbx_keywords   Virus/Receptor 
_struct_keywords.text            
;HUMAN RHINOVIRUS, HRV14, ICAM-1, FITTING OF X-RAY STRUCTURES INTO CRYO-EM RECONSTRUCTIONS, COMMON COLD, VIRUS UNCOATING, VIRUS/ VIRAL PROTEIN, RHINOVIRUS-RECEPTOR COMPLEX, Icosahedral virus, Virus-Receptor COMPLEX
;
# 
loop_
_struct_asym.id 
_struct_asym.pdbx_blank_PDB_chainid_flag 
_struct_asym.pdbx_modified 
_struct_asym.entity_id 
_struct_asym.details 
A N N 1 ? 
B N N 2 ? 
C N N 3 ? 
D N N 4 ? 
E N N 5 ? 
# 
loop_
_struct_ref.id 
_struct_ref.db_name 
_struct_ref.db_code 
_struct_ref.pdbx_db_accession 
_struct_ref.entity_id 
_struct_ref.pdbx_align_begin 
_struct_ref.pdbx_seq_one_letter_code 
_struct_ref.pdbx_db_isoform 
1 UNP ICAM1_HUMAN P05362 1 28  ? ? 
2 UNP POLG_HRV14  P03303 2 567 ? ? 
3 UNP POLG_HRV14  P03303 3 69  ? ? 
4 UNP POLG_HRV14  P03303 4 331 ? ? 
5 UNP POLG_HRV14  P03303 5 1   ? ? 
# 
loop_
_struct_ref_seq.align_id 
_struct_ref_seq.ref_id 
_struct_ref_seq.pdbx_PDB_id_code 
_struct_ref_seq.pdbx_strand_id 
_struct_ref_seq.seq_align_beg 
_struct_ref_seq.pdbx_seq_align_beg_ins_code 
_struct_ref_seq.seq_align_end 
_struct_ref_seq.pdbx_seq_align_end_ins_code 
_struct_ref_seq.pdbx_db_accession 
_struct_ref_seq.db_align_beg 
_struct_ref_seq.pdbx_db_align_beg_ins_code 
_struct_ref_seq.db_align_end 
_struct_ref_seq.pdbx_db_align_end_ins_code 
_struct_ref_seq.pdbx_auth_seq_align_beg 
_struct_ref_seq.pdbx_auth_seq_align_end 
1 1 1D3I I 1 ? 185 ? P05362 28  ? 212 ? 1 185 
2 2 1D3I 1 1 ? 289 ? P03303 567 ? 855 ? 1 289 
3 3 1D3I 2 1 ? 262 ? P03303 69  ? 330 ? 1 262 
4 4 1D3I 3 1 ? 236 ? P03303 331 ? 566 ? 1 236 
5 5 1D3I 4 1 ? 68  ? P03303 1   ? 68  ? 1 68  
# 
loop_
_pdbx_struct_assembly.id 
_pdbx_struct_assembly.details 
_pdbx_struct_assembly.method_details 
_pdbx_struct_assembly.oligomeric_details 
_pdbx_struct_assembly.oligomeric_count 
1 'complete icosahedral assembly'                ? 300-MERIC  300 
2 'icosahedral asymmetric unit'                  ? pentameric 5   
3 'icosahedral pentamer'                         ? 25-meric   25  
4 'icosahedral 23 hexamer'                       ? 30-meric   30  
5 'icosahedral asymmetric unit, std point frame' ? pentameric 5   
# 
loop_
_pdbx_struct_assembly_gen.assembly_id 
_pdbx_struct_assembly_gen.oper_expression 
_pdbx_struct_assembly_gen.asym_id_list 
1 '(1-60)'           A,B,C,D,E 
2 1                  A,B,C,D,E 
3 '(1-5)'            A,B,C,D,E 
4 '(1,2,6,10,23,24)' A,B,C,D,E 
5 P                  A,B,C,D,E 
# 
loop_
_pdbx_struct_oper_list.id 
_pdbx_struct_oper_list.type 
_pdbx_struct_oper_list.name 
_pdbx_struct_oper_list.symmetry_operation 
_pdbx_struct_oper_list.matrix[1][1] 
_pdbx_struct_oper_list.matrix[1][2] 
_pdbx_struct_oper_list.matrix[1][3] 
_pdbx_struct_oper_list.vector[1] 
_pdbx_struct_oper_list.matrix[2][1] 
_pdbx_struct_oper_list.matrix[2][2] 
_pdbx_struct_oper_list.matrix[2][3] 
_pdbx_struct_oper_list.vector[2] 
_pdbx_struct_oper_list.matrix[3][1] 
_pdbx_struct_oper_list.matrix[3][2] 
_pdbx_struct_oper_list.matrix[3][3] 
_pdbx_struct_oper_list.vector[3] 
P  'transform to point frame' ?     ?     0.87067119  -0.41814499 0.25901049  36.14203   0.21330731  0.79548554  0.56718845  41.41712  -0.44320610 -0.43858582 0.78179973  127.22077  
1  'identity operation'       1_555 x,y,z 1.00000000  0.00000000  0.00000000  0.00000    0.00000000  1.00000000  0.00000000  0.00000   0.00000000  0.00000000  1.00000000  0.00000    
2  'point symmetry operation' ?     ?     0.35749417  -0.92434292 -0.13337199 27.77718   0.90782407  0.31042421  0.28194370  48.88325  -0.21921077 -0.22187153 0.95011560  5.34803    
3  'point symmetry operation' ?     ?     -0.68210210 -0.58779418 -0.43501118 -8.19080   0.54454730  -0.80533284 0.23432295  90.78243  -0.48806245 -0.07705198 0.86940096  -6.50558   
4  'point symmetry operation' ?     ?     -0.68210210 0.54454730  -0.48806245 -58.19742  -0.58779418 -0.80533284 -0.07705198 67.79430  -0.43501118 0.23432295  0.86940096  -19.17954  
5  'point symmetry operation' ?     ?     0.35749417  0.90782407  -0.21921077 -53.13523  -0.92434292 0.31042421  -0.22187153 11.68767  -0.13337199 0.28194370  0.95011560  -15.15888  
6  'point symmetry operation' ?     ?     -0.60713670 0.38876782  -0.69299683 -80.60480  0.38876782  -0.61528495 -0.68577255 -35.66822 -0.69299683 -0.68577255 0.22242165  -65.70495  
7  'point symmetry operation' ?     ?     0.28779733  0.83564172  -0.46784144 -82.17128  -0.26925954 -0.39820073 -0.87688966 -58.61401 -0.91906039 0.37833727  0.11040340  -117.28773 
8  'point symmetry operation' ?     ?     0.96405742  0.09718069  -0.24728363 -35.83023  -0.26553127 0.31983385  -0.90950505 -90.24826 -0.00929666 0.94247664  0.33414271  -123.73184 
9  'point symmetry operation' ?     ?     0.48707511  -0.80608721 -0.33612682 -5.62340   0.39480029  0.54651940  -0.73854537 -86.85352 0.77903180  0.22702412  0.58443947  -76.13175  
10 'point symmetry operation' ?     ?     -0.48397625 -0.62587645 -0.61159271 -33.29561  0.79917937  -0.03141580 -0.60027109 -53.12120 0.35648186  -0.77928923 0.51539205  -40.26916  
11 'point symmetry operation' ?     ?     -0.90899998 0.33936576  0.24197089  49.83439   0.33936576  0.26559449  0.90238043  141.81967 0.24197089  0.90238043  -0.35659451 -217.64466 
12 'point symmetry operation' ?     ?     -0.06992040 0.89188859  0.44681749  42.46831   0.16462286  -0.43145591 0.88698653  169.05538 0.98387522  0.13557483  -0.11665767 -168.71918 
13 'point symmetry operation' ?     ?     0.68673460  0.24235816  0.68531607  86.51412   -0.52727135 -0.48289939 0.69913740  157.28080 0.50038037  -0.84146937 -0.20383521 -135.38645 
14 'point symmetry operation' ?     ?     0.31529353  -0.71159655 0.62786968  121.10202  -0.78014257 0.18235719  0.59843413  122.76801 -0.54034021 -0.67851028 -0.49765072 -163.71117 
15 'point symmetry operation' ?     ?     -0.67092467 -0.65164255 0.35386729  98.43270   -0.24453138 0.64495185  0.72404524  113.21250 -0.70004605 0.39924815  -0.59206116 -214.54954 
16 'point symmetry operation' ?     ?     0.51613668  -0.72813359 0.45102594  95.10090   -0.72813359 -0.65030954 -0.21660787 45.70101  0.45102594  -0.21660787 -0.86582714 -245.90495 
17 'point symmetry operation' ?     ?     -0.57537110 -0.80318739 0.15439593  76.25628   -0.80318739 0.51923242  -0.29204057 -7.47216  0.15439593  -0.29204057 -0.94386132 -248.59569 
18 'point symmetry operation' ?     ?     -0.96868992 0.24825532  -0.00302126 21.83740   0.24825532  0.96839838  -0.02395529 -5.96251  -0.00302126 -0.02395529 -0.99970846 -263.63070 
19 'point symmetry operation' ?     ?     -0.12026655 0.97313646  0.19631959  7.04929    0.97313646  0.07645626  0.21716322  48.14367  0.19631959  0.21716322  -0.95618971 -270.23211 
20 'point symmetry operation' ?     ?     0.79740675  0.36969493  0.47693618  52.32862   0.36969493  -0.92396026 0.09809738  80.07348  0.47693618  0.09809738  -0.87344649 -259.27699 
21 'point symmetry operation' ?     ?     -0.29470536 -0.82362147 0.48455796  116.20312  0.78437720  -0.49812451 -0.36962735 -4.64811  0.54580323  0.27114505  0.79282987  -46.48289  
22 'point symmetry operation' ?     ?     -0.95927918 -0.09077285 0.26747663  70.34718   -0.09077285 -0.79765363 -0.59624573 -9.18704  0.26747663  -0.59624573 0.75693281  -13.82749  
23 'point symmetry operation' ?     ?     -0.48397625 0.79917937  0.35648186  40.69430   -0.62587645 -0.03141580 -0.77928923 -53.88910 -0.61159271 -0.60027109 0.51539205  -31.49607  
24 'point symmetry operation' ?     ?     0.47435092  0.61635147  0.62857144  68.22377   -0.08143862 0.74167433  -0.66579796 -76.97756 -0.87656086 0.26463189  0.40200872  -75.07126  
25 'point symmetry operation' ?     ?     0.59132677  -0.38659461 0.70772682  114.89079  0.79014607  0.45323249  -0.41261300 -46.54495 -0.16125083 0.80319668  0.57347472  -84.33363  
26 'point symmetry operation' ?     ?     -0.47706822 0.05989339  0.87682307  137.49705  -0.41372838 0.86490943  -0.28418392 -25.81911 -0.77539328 -0.49834170 -0.38784121 -152.24136 
27 'point symmetry operation' ?     ?     -0.30838550 0.26502491  0.91359737  131.86250  0.69957630  0.71396805  0.02902796  3.44844   -0.64458620 0.64808288  -0.40558254 -200.21435 
28 'point symmetry operation' ?     ?     -0.06992040 0.16462286  0.98387522  141.13764  0.89188859  -0.43145591 0.13557483  57.93702  0.44681749  0.88698653  -0.11665767 -188.60781 
29 'point symmetry operation' ?     ?     -0.09122359 -0.10256055 0.99053500  152.50455  -0.10256055 -0.98842546 -0.11178747 62.34526  0.99053500  -0.11178747 0.07964904  -133.46159 
30 'point symmetry operation' ?     ?     -0.34285477 -0.16728692 0.92437313  150.25453  -0.90947622 -0.18722762 -0.37121265 10.58113  0.23516720  -0.96796740 -0.08795159 -110.98588 
31 'point symmetry operation' ?     ?     0.10562715  0.11849337  -0.98732073 -120.75052 -0.97148432 -0.19965285 -0.12789427 44.24442  -0.21227602 0.97267572  0.09402570  -153.38461 
32 'point symmetry operation' ?     ?     0.36176357  0.15820587  -0.91874807 -117.30438 -0.50051384 0.86438367  -0.04823641 6.81566   0.78651955  0.47729631  0.39188674  -111.23063 
33 'point symmetry operation' ?     ?     0.47435092  -0.08143862 -0.87656086 -104.43548 0.61635147  0.74167433  0.26463189  34.90871  0.62857144  -0.66579796 0.40200872  -63.95572  
34 'point symmetry operation' ?     ?     0.28779733  -0.26925954 -0.91906039 -99.92821  0.83564172  -0.39820073 0.37833727  89.69993  -0.46784144 -0.87688966 0.11040340  -76.89218  
35 'point symmetry operation' ?     ?     0.05991351  -0.14569477 -0.98751374 -110.01146 -0.14569477 -0.97997293 0.13574276  95.46972  -0.98751374 0.13574276  -0.07994058 -132.16228 
36 'point symmetry operation' ?     ?     0.66614643  0.64523471  -0.37406030 -68.61916  0.60083550  -0.16713207 0.78170554  138.07527 0.44186608  -0.74547906 -0.49901435 -177.14571 
37 'point symmetry operation' ?     ?     0.90590111  -0.33245793 -0.26232594 -20.57480  -0.10828960 -0.78069809 0.61545418  150.77541 -0.40940998 -0.52913345 -0.74323701 -203.98210 
38 'point symmetry operation' ?     ?     0.07954573  -0.88236361 -0.46379622 -13.06598  -0.88236361 -0.27880263 0.37908251  112.89584 -0.46379622 0.37908251  -0.80074310 -245.19497 
39 'point symmetry operation' ?     ?     -0.67092467 -0.24453138 -0.70004605 -56.46962  -0.65164255 0.64495185  0.39924815  76.78483  0.35386729  0.72404524  -0.59206116 -243.82954 
40 'point symmetry operation' ?     ?     -0.30838550 0.69957630  -0.64458620 -90.80337  0.26502491  0.71396805  0.64808288  92.34657  0.91359737  0.02902796  -0.40558254 -201.77278 
41 'point symmetry operation' ?     ?     -0.29470536 0.78437720  0.54580323  63.26207   -0.82362147 -0.49812451 0.27114505  105.99566 0.48455796  -0.36962735 0.79282987  -21.17219  
42 'point symmetry operation' ?     ?     0.48707511  0.39480029  0.77903180  96.33786   -0.80608721 0.54651940  0.22702412  60.21792  -0.33612682 -0.73854537 0.58443947  -21.54104  
43 'point symmetry operation' ?     ?     0.36176357  -0.50051384 0.78651955  133.33285  0.15820587  0.86438367  0.47729631  65.75687  -0.91874807 -0.04823641 0.39188674  -63.85460  
44 'point symmetry operation' ?     ?     -0.49746371 -0.66427151 0.55791865  123.12121  0.73663750  0.01619069  0.67609397  114.95786 -0.45814305 0.74731602  0.48127302  -89.63696  
45 'point symmetry operation' ?     ?     -0.90318381 0.12983483  0.40914777  79.81508   0.12983483  -0.82588568 0.54868548  139.82680 0.40914777  0.54868548  0.72906949  -63.25778  
46 'point symmetry operation' ?     ?     0.10562715  -0.97148432 -0.21227602 23.17742   0.11849337  -0.19965285 0.97267572  172.33514 -0.98732073 -0.12789427 0.09402570  -99.13879  
47 'point symmetry operation' ?     ?     -0.79764258 -0.35210996 -0.48967835 -22.51313  -0.35210996 -0.38731464 0.85205982  171.06878 -0.48967835 0.85205982  0.18495722  -132.31281 
48 'point symmetry operation' ?     ?     -0.49746371 0.73663750  -0.45814305 -64.50049  -0.66427151 0.01619069  0.74731602  146.91180 0.55791865  0.67609397  0.48127302  -103.27409 
49 'point symmetry operation' ?     ?     0.59132677  0.79014607  -0.16125083 -44.75955  -0.38659461 0.45323249  0.80319668  133.24833 0.70772682  -0.41261300 0.57347472  -52.15314  
50 'point symmetry operation' ?     ?     0.96405742  -0.26553127 -0.00929666 9.42837    0.09718069  0.31983385  0.94247664  148.96082 -0.24728363 -0.90950505 0.33414271  -49.59739  
51 'point symmetry operation' ?     ?     0.66614643  0.60083550  0.44186608  41.02456   0.64523471  -0.16713207 -0.74547906 -64.70615 -0.37406030 0.78170554  -0.49901435 -222.00016 
52 'point symmetry operation' ?     ?     0.68673460  -0.52727135 0.50038037  91.26214   0.24235816  -0.48289939 -0.84146937 -58.94015 0.68531607  0.69913740  -0.20383521 -196.84693 
53 'point symmetry operation' ?     ?     -0.34285477 -0.90947622 0.23516720  87.23901   -0.16728692 -0.18722762 -0.96796740 -80.31402 0.92437313  -0.37121265 -0.08795159 -144.72479 
54 'point symmetry operation' ?     ?     -0.99976417 -0.01758497 0.01274216  34.51500   -0.01758497 0.31127490  -0.95015719 -99.28980 0.01274216  -0.95015719 -0.31151074 -137.66476 
55 'point symmetry operation' ?     ?     -0.37616713 0.91583901  0.14048910  5.95290    0.48458102  0.32369464  -0.81265184 -89.64360 -0.78973382 -0.23761456 -0.56556148 -185.42356 
56 'point symmetry operation' ?     ?     -0.47706822 -0.41372838 -0.77539328 -63.13356  0.05989339  0.86490943  -0.49834170 -61.77219 0.87682307  -0.28418392 -0.38784121 -186.94343 
57 'point symmetry operation' ?     ?     -0.37616713 0.48458102  -0.78973382 -100.75639 0.91583901  0.32369464  -0.23761456 -20.49408 0.14048910  -0.81265184 -0.56556148 -178.55378 
58 'point symmetry operation' ?     ?     0.47855491  0.67335256  -0.56354371 -91.74088  0.67335256  -0.69334674 -0.25664492 19.49782  -0.56354371 -0.25664492 -0.78520817 -217.40109 
59 'point symmetry operation' ?     ?     0.90590111  -0.10828960 -0.40940998 -48.54616  -0.33245793 -0.78069809 -0.52913345 2.93607   -0.26232594 0.61545418  -0.74323701 -249.79971 
60 'point symmetry operation' ?     ?     0.31529353  -0.78014257 -0.54034021 -30.86586  -0.71159655 0.18235719  -0.67851028 -47.29156 0.62786968  0.59843413  -0.49765072 -230.97584 
# 
loop_
_struct_conf.conf_type_id 
_struct_conf.id 
_struct_conf.pdbx_PDB_helix_id 
_struct_conf.beg_label_comp_id 
_struct_conf.beg_label_asym_id 
_struct_conf.beg_label_seq_id 
_struct_conf.pdbx_beg_PDB_ins_code 
_struct_conf.end_label_comp_id 
_struct_conf.end_label_asym_id 
_struct_conf.end_label_seq_id 
_struct_conf.pdbx_end_PDB_ins_code 
_struct_conf.beg_auth_comp_id 
_struct_conf.beg_auth_asym_id 
_struct_conf.beg_auth_seq_id 
_struct_conf.end_auth_comp_id 
_struct_conf.end_auth_asym_id 
_struct_conf.end_auth_seq_id 
_struct_conf.pdbx_PDB_helix_class 
_struct_conf.details 
_struct_conf.pdbx_PDB_helix_length 
HELX_P HELX_P1  1   ARG A 116 ? ASN A 118 ? ARG I 116 ASN I 118 5 ? 3  
HELX_P HELX_P2  2   ARG A 166 ? GLN A 168 ? ARG I 166 GLN I 168 5 ? 3  
HELX_P HELX_P3  HZ1 ASP B 66  ? GLY B 72  ? ASP 1 66  GLY 1 72  1 ? 7  
HELX_P HELX_P4  HA1 VAL B 110 ? PHE B 119 ? VAL 1 110 PHE 1 119 1 ? 10 
HELX_P HELX_P5  HB1 ASP B 165 ? SER B 170 ? ASP 1 165 SER 1 170 1 ? 6  
HELX_P HELX_P6  HZ2 PRO C 56  ? CYS C 61  ? PRO 2 56  CYS 2 61  1 ? 6  
HELX_P HELX_P7  HA2 MET C 89  ? HIS C 99  ? MET 2 89  HIS 2 99  1 ? 11 
HELX_P HELX_P8  HB2 LEU C 177 ? PHE C 184 ? LEU 2 177 PHE 2 184 1 ? 8  
HELX_P HELX_P9  HZ3 ASN D 42  ? VAL D 49  ? ASN 3 42  VAL 3 49  1 ? 8  
HELX_P HELX_P10 HA3 THR D 95  ? TYR D 104 ? THR 3 95  TYR 3 104 1 ? 10 
HELX_P HELX_P11 HB3 ASP D 141 ? GLY D 148 ? ASP 3 141 GLY 3 148 1 ? 8  
# 
_struct_conf_type.id          HELX_P 
_struct_conf_type.criteria    ? 
_struct_conf_type.reference   ? 
# 
loop_
_struct_sheet.id 
_struct_sheet.type 
_struct_sheet.number_strands 
_struct_sheet.details 
A   ? 4 ? 
B   ? 2 ? 
C   ? 3 ? 
D   ? 3 ? 
E   ? 4 ? 
B11 ? 4 ? 
B21 ? 4 ? 
C11 ? 4 ? 
A12 ? 2 ? 
B12 ? 4 ? 
B22 ? 4 ? 
C12 ? 4 ? 
B13 ? 4 ? 
B23 ? 4 ? 
C13 ? 4 ? 
# 
loop_
_struct_sheet_range.sheet_id 
_struct_sheet_range.id 
_struct_sheet_range.beg_label_comp_id 
_struct_sheet_range.beg_label_asym_id 
_struct_sheet_range.beg_label_seq_id 
_struct_sheet_range.pdbx_beg_PDB_ins_code 
_struct_sheet_range.end_label_comp_id 
_struct_sheet_range.end_label_asym_id 
_struct_sheet_range.end_label_seq_id 
_struct_sheet_range.pdbx_end_PDB_ins_code 
_struct_sheet_range.beg_auth_comp_id 
_struct_sheet_range.beg_auth_asym_id 
_struct_sheet_range.beg_auth_seq_id 
_struct_sheet_range.end_auth_comp_id 
_struct_sheet_range.end_auth_asym_id 
_struct_sheet_range.end_auth_seq_id 
A   1 THR A 2   ? SER A 5   ? THR I 2   SER I 5   
A   2 VAL A 17  ? THR A 23  ? VAL I 17  THR I 23  
A   3 ARG A 49  ? SER A 55  ? ARG I 49  SER I 55  
A   4 PRO A 38  ? LEU A 42  ? PRO I 38  LEU I 42  
B   1 LYS A 8   ? PRO A 12  ? LYS I 8   PRO I 12  
B   2 PHE A 79  ? TYR A 83  ? PHE I 79  TYR I 83  
C   1 LEU A 30  ? GLU A 34  ? LEU I 30  GLU I 34  
C   2 MET A 64  ? ASN A 68  ? MET I 64  ASN I 68  
C   3 GLN A 73  ? LYS A 77  ? GLN I 73  LYS I 77  
D   1 ARG A 88  ? LEU A 91  ? ARG I 88  LEU I 91  
D   2 ASN A 103 ? GLU A 111 ? ASN I 103 GLU I 111 
D   3 ALA A 140 ? LEU A 147 ? ALA I 140 LEU I 147 
E   1 LEU A 172 ? THR A 176 ? LEU I 172 THR I 176 
E   2 PHE A 157 ? ASP A 164 ? PHE I 157 ASP I 164 
E   3 LEU A 119 ? ARG A 125 ? LEU I 119 ARG I 125 
E   4 LYS A 128 ? PRO A 134 ? LYS I 128 PRO I 134 
B11 1 ALA B 75  ? ASN B 84  ? ALA 1 75  ASN 1 84  
B11 2 THR B 237 ? ILE B 254 ? THR 1 237 ILE 1 254 
B11 3 THR B 120 ? SER B 135 ? THR 1 120 SER 1 135 
B11 4 ASP B 182 ? VAL B 188 ? ASP 1 182 VAL 1 188 
B21 1 ALA B 75  ? ASN B 84  ? ALA 1 75  ASN 1 84  
B21 2 THR B 237 ? ILE B 254 ? THR 1 237 ILE 1 254 
B21 3 THR B 120 ? SER B 135 ? THR 1 120 SER 1 135 
B21 4 TYR B 197 ? PHE B 200 ? TYR 1 197 PHE 1 200 
C11 1 ASN B 100 ? ILE B 104 ? ASN 1 100 ILE 1 104 
C11 2 GLY B 222 ? VAL B 229 ? GLY 1 222 VAL 1 229 
C11 3 LEU B 146 ? VAL B 153 ? LEU 1 146 VAL 1 153 
C11 4 PRO B 174 ? VAL B 180 ? PRO 1 174 VAL 1 180 
A12 1 ARG C 12  ? LEU C 18  ? ARG 2 12  LEU 2 18  
A12 2 SER C 21  ? ALA C 28  ? SER 2 21  ALA 2 28  
B12 1 TYR C 64  ? TRP C 71  ? TYR 2 64  TRP 2 71  
B12 2 LEU C 238 ? GLY C 253 ? LEU 2 238 GLY 2 253 
B12 3 SER C 100 ? CYS C 112 ? SER 2 100 CYS 2 112 
B12 4 ASN C 195 ? ILE C 201 ? ASN 2 195 ILE 2 201 
B22 1 TYR C 64  ? TRP C 71  ? TYR 2 64  TRP 2 71  
B22 2 LEU C 238 ? GLY C 253 ? LEU 2 238 GLY 2 253 
B22 3 SER C 100 ? CYS C 112 ? SER 2 100 CYS 2 112 
B22 4 ASP C 210 ? MET C 212 ? ASP 2 210 MET 2 212 
C12 1 GLY C 77  ? LEU C 82  ? GLY 2 77  LEU 2 82  
C12 2 VAL C 218 ? THR C 229 ? VAL 2 218 THR 2 229 
C12 3 SER C 119 ? ILE C 127 ? SER 2 119 ILE 2 127 
C12 4 PRO C 185 ? LEU C 191 ? PRO 2 185 LEU 2 191 
B13 1 THR D 51  ? ILE D 53  ? THR 3 51  ILE 3 53  
B13 2 VAL D 205 ? LEU D 221 ? VAL 3 205 LEU 3 221 
B13 3 THR D 105 ? THR D 118 ? THR 3 105 THR 3 118 
B13 4 SER D 159 ? ILE D 165 ? SER 3 159 ILE 3 165 
B23 1 ILE D 69  ? LEU D 71  ? ILE 3 69  LEU 3 71  
B23 2 VAL D 205 ? LEU D 221 ? VAL 3 205 LEU 3 221 
B23 3 THR D 105 ? THR D 118 ? THR 3 105 THR 3 118 
B23 4 ARG D 174 ? THR D 176 ? ARG 3 174 THR 3 176 
C13 1 PHE D 81  ? LEU D 85  ? PHE 3 81  LEU 3 85  
C13 2 GLY D 185 ? ILE D 196 ? GLY 3 185 ILE 3 196 
C13 3 SER D 124 ? THR D 132 ? SER 3 124 THR 3 132 
C13 4 THR D 149 ? ILE D 155 ? THR 3 149 ILE 3 155 
# 
_pdbx_point_symmetry.entry_id             1D3I 
_pdbx_point_symmetry.Schoenflies_symbol   I 
_pdbx_point_symmetry.H-M_notation         532 
_pdbx_point_symmetry.circular_symmetry    ? 
# 
_em_3d_fitting.id                1 
_em_3d_fitting.entry_id          1D3I 
_em_3d_fitting.ref_protocol      'RIGID BODY FIT' 
_em_3d_fitting.ref_space         RECIPROCAL 
_em_3d_fitting.overall_b_value   ? 
_em_3d_fitting.target_criteria   'VECTOR R-FACTOR' 
_em_3d_fitting.details           
;REFINEMENT PROTOCOL--RIGID BODY REFINEMENT DETAILS--THE CRYSTAL STRUCTURE OF 
HRV14 WAS PLACED INTO THE CALIBRATED CRYO-EM DENSITY MAP BY ALIGNING THE 
ICOSAHEDRAL SYMMETRY AXES. APPROPRIATELY GLYCOSYLATED MODELS OF D1D2-ICAM-1 
WITH VARIOUS INTERDOMAIN ANGLES (AS SEEN IN DIFFERENT CRYSTAL STRUCTURES OF 
D1D2-ICAM-1), WERE FIRST MANUALLY FITTED INTO THE CRYO-EM DENSITY CORRESPONDING 
TO THE ICAM-1 FRAGMENT, AND SUBSEQUENTLY REFINED AS RIGID BODIES IN RECIPROCAL 
SPACE. OBSERVED STRUCTURE FACTORS WERE OBTAINED BY INVERSE FOURIER TRANSFORM OF 
CRYO-EM DIFFERENCE MAPS CALCULATED BY 1) SUBSTRACTION OF THE HRV14 AND RNA 
CONTRIBUTION FROM THE CRYO-EM RECONSTRUCTED DENSITY OF THE COMPLEXES; 2) 
REDUCTION OF THE DIFFERENCE MAPS TO AN ICOSAHEDRAL ASYMMETRIC UNIT. THE 
COORDINATES ARE IN THE P, Q, R FRAME IN ANGSTROM UNITS AND CORRESPOND TO 
ICOSAHEDRAL SYMMETRY AXES. THE ORIGIN IS CHOSEN AT THE CENTER OF THE VIRUS WITH 
P, Q AND R ALONG MUTUALLY PERPENDICULAR TWO-FOLD AXES OF THE ICOSAHEDRON. THEY 
SHOULD REMAIN IN THAT FRAME FOR THE EASE OF THE USER IN CREATING THE 
BIOLOGICALLY SIGNIFICANT VIRAL COMPLEX PARTICLE USING THE 60 ICOSAHEDRAL 
SYMMETRY OPERATORS. RESIDUES NOT VISIBLE IN THE ORIGINAL CRYSTAL STRUCTURES ARE 
NOT INCLUDED IN THE CRYO-EM STRUCTURE MODEL. FOR EXAMPLE, HRV14 RESIDUES 
1001-1016, 2001-2007 AND 4001-4028 ARE NOT VISIBLE IN THE CRYSTAL STRUCTURE 
(PDB ENTRY 4RHV) AND THEREFORE ARE NOT INCLUDED IN THE COORDINATES BELOW.
;
_em_3d_fitting.method            ? 
# 
_em_3d_reconstruction.entry_id                    1D3I 
_em_3d_reconstruction.id                          1 
_em_3d_reconstruction.resolution_method           OTHER 
_em_3d_reconstruction.symmetry_type               POINT 
_em_3d_reconstruction.num_particles               36 
_em_3d_reconstruction.image_processing_id         1 
_em_3d_reconstruction.method                      
;MODEL-BASED, POLAR-FOURIER-TRANSFORM 
 (FULLER ET AL. 1996, J.STRUC.BIOL.116, 48-55; 
  BAKER AND CHENG, 1996, J.STRUC.BIOL. 116, 120-130)
;
_em_3d_reconstruction.nominal_pixel_size          5.1 
_em_3d_reconstruction.actual_pixel_size           5.19 
_em_3d_reconstruction.resolution                  26 
_em_3d_reconstruction.magnification_calibration   
;THE PIXEL SIZE OF THE CRYO-EM MAP WAS CALIBRATED AGAINST
  THE CRYO-EM RECONSTRUCTION OF THE D1D2-ICAM-1/HRV16
  COMPLEX. DENSITIES WERE COMPARED BY CROSS-CORRELATION
  WITHIN A SPHERICAL SHELL OF INTERNAL RADIUS 110 ANGSTROMS
  AND EXTERNAL RADIUS 216 ANGSTROMS.
;
_em_3d_reconstruction.details                     
;THE RESOLUTION OF THE FINAL RECONSTRUCTED DENSITY WAS
  DETERMINED TO BE AT LEAST 26 ANGSTROMS, AS MEASURED BY
  RANDOMLY SPLITTING THE PARTICLES INTO TWO SETS AND
  COMPARING STRUCTURE FACTORS OBTAINED FROM SEPARATE
  RECONSTRUCTIONS (BAKER ET AL. 1991, BIOPHYS.J. 60,
  1445-1456). THE EIGENVALUE SPECTRUM GAVE AN INDICATION
  OF THE RANDOMNESS OF THE DATA THAT WAS INCLUDED IN THE
  RECONSTRUCTION. THE COMPLETENESS OF THE DATA WAS VERIFIED
  IN THAT ALL EIGENVALUES EXCEEDED 1.0.
;
_em_3d_reconstruction.num_class_averages          ? 
_em_3d_reconstruction.algorithm                   ? 
# 
_em_buffer.id            1 
_em_buffer.specimen_id   1 
_em_buffer.name          ? 
_em_buffer.pH            7.5 
_em_buffer.details       ? 
# 
_em_entity_assembly.id                   1 
_em_entity_assembly.name                 'HUMAN RHINOVIRUS 14 COMPLEXED WITH INTERCELLULAR ADHESION MOLECULE-1' 
_em_entity_assembly.type                 COMPLEX 
_em_entity_assembly.parent_id            0 
_em_entity_assembly.synonym              ? 
_em_entity_assembly.details              ? 
_em_entity_assembly.oligomeric_details   ? 
# 
_em_imaging.entry_id                        1D3I 
_em_imaging.id                              1 
_em_imaging.microscope_model                'FEI/PHILIPS EM420' 
_em_imaging.specimen_id                     1 
_em_imaging.date                            1993-06-01 
_em_imaging.temperature                     120 
_em_imaging.nominal_defocus_min             ? 
_em_imaging.nominal_defocus_max             1250 
_em_imaging.tilt_angle_min                  ? 
_em_imaging.tilt_angle_max                  ? 
_em_imaging.nominal_cs                      ? 
_em_imaging.mode                            'BRIGHT FIELD' 
_em_imaging.illumination_mode               'FLOOD BEAM' 
_em_imaging.nominal_magnification           49000 
_em_imaging.calibrated_magnification        ? 
_em_imaging.electron_source                 ? 
_em_imaging.accelerating_voltage            80 
_em_imaging.details                         ? 
_em_imaging.specimen_holder_type            . 
_em_imaging.specimen_holder_model           . 
_em_imaging.citation_id                     ? 
_em_imaging.detector_distance               ? 
_em_imaging.recording_temperature_maximum   ? 
_em_imaging.recording_temperature_minimum   ? 
_em_imaging.astigmatism                     ? 
_em_imaging.electron_beam_tilt_params       ? 
_em_imaging.calibrated_defocus_max          ? 
_em_imaging.alignment_procedure             ? 
_em_imaging.c2_aperture_diameter            ? 
_em_imaging.calibrated_defocus_min          ? 
_em_imaging.cryogen                         ? 
_em_imaging.residual_tilt                   ? 
# 
_em_vitrification.entry_id              1D3I 
_em_vitrification.id                    1 
_em_vitrification.details               
;HRV14 WAS INCUBATED WITH D1D2-ICAM-1 FOR 30 MINUTES AT 4
DEGREES CELSIUS (277 KELVIN) USING AN EIGHT-FOLD EXCESS
OF D1D2-ICAM-1 FOR EACH OF THE SIXTY POSSIBLE BINDING
SITES PER VIRION. AFTER INCUBATION, SAMPLES WERE PREPARED
AS THIN LAYERS OF VITREOUS ICE AND MAINTAINED AT NEAR
LIQUID NITROGEN TEMPERATURE IN THE ELECTRON MICROSCOPE
WITH A GATAN 626 CRYOTRANSFER HOLDER.
;
_em_vitrification.citation_id           ? 
_em_vitrification.cryogen_name          ? 
_em_vitrification.humidity              ? 
_em_vitrification.instrument            ? 
_em_vitrification.method                ? 
_em_vitrification.specimen_id           1 
_em_vitrification.temp                  ? 
_em_vitrification.time_resolved_state   ? 
# 
_em_experiment.entry_id                1D3I 
_em_experiment.id                      1 
_em_experiment.aggregation_state       PARTICLE 
_em_experiment.entity_assembly_id      1 
_em_experiment.reconstruction_method   'SINGLE PARTICLE' 
# 
_em_single_particle_entity.entry_id              1D3I 
_em_single_particle_entity.id                    1 
_em_single_particle_entity.point_symmetry        I 
_em_single_particle_entity.image_processing_id   1 
# 
loop_
_pdbx_unobs_or_zero_occ_residues.id 
_pdbx_unobs_or_zero_occ_residues.PDB_model_num 
_pdbx_unobs_or_zero_occ_residues.polymer_flag 
_pdbx_unobs_or_zero_occ_residues.occupancy_flag 
_pdbx_unobs_or_zero_occ_residues.auth_asym_id 
_pdbx_unobs_or_zero_occ_residues.auth_comp_id 
_pdbx_unobs_or_zero_occ_residues.auth_seq_id 
_pdbx_unobs_or_zero_occ_residues.PDB_ins_code 
_pdbx_unobs_or_zero_occ_residues.label_asym_id 
_pdbx_unobs_or_zero_occ_residues.label_comp_id 
_pdbx_unobs_or_zero_occ_residues.label_seq_id 
1  1 Y 1 1 GLY 1  ? B GLY 1  
2  1 Y 1 1 LEU 2  ? B LEU 2  
3  1 Y 1 1 GLY 3  ? B GLY 3  
4  1 Y 1 1 ASP 4  ? B ASP 4  
5  1 Y 1 1 GLU 5  ? B GLU 5  
6  1 Y 1 1 LEU 6  ? B LEU 6  
7  1 Y 1 1 GLU 7  ? B GLU 7  
8  1 Y 1 1 GLU 8  ? B GLU 8  
9  1 Y 1 1 VAL 9  ? B VAL 9  
10 1 Y 1 1 ILE 10 ? B ILE 10 
11 1 Y 1 1 VAL 11 ? B VAL 11 
12 1 Y 1 1 GLU 12 ? B GLU 12 
13 1 Y 1 1 LYS 13 ? B LYS 13 
14 1 Y 1 1 THR 14 ? B THR 14 
15 1 Y 1 1 LYS 15 ? B LYS 15 
16 1 Y 1 1 GLN 16 ? B GLN 16 
17 1 Y 1 2 SER 1  ? C SER 1  
18 1 Y 1 2 PRO 2  ? C PRO 2  
19 1 Y 1 2 ASN 3  ? C ASN 3  
20 1 Y 1 2 VAL 4  ? C VAL 4  
21 1 Y 1 2 GLU 5  ? C GLU 5  
22 1 Y 1 2 ALA 6  ? C ALA 6  
23 1 Y 1 2 CYS 7  ? C CYS 7  
24 1 Y 1 4 GLY 1  ? E GLY 1  
25 1 Y 1 4 ALA 2  ? E ALA 2  
26 1 Y 1 4 GLN 3  ? E GLN 3  
27 1 Y 1 4 VAL 4  ? E VAL 4  
28 1 Y 1 4 SER 5  ? E SER 5  
29 1 Y 1 4 THR 6  ? E THR 6  
30 1 Y 1 4 GLN 7  ? E GLN 7  
31 1 Y 1 4 LYS 8  ? E LYS 8  
32 1 Y 1 4 SER 9  ? E SER 9  
33 1 Y 1 4 GLY 10 ? E GLY 10 
34 1 Y 1 4 SER 11 ? E SER 11 
35 1 Y 1 4 HIS 12 ? E HIS 12 
36 1 Y 1 4 GLU 13 ? E GLU 13 
37 1 Y 1 4 ASN 14 ? E ASN 14 
38 1 Y 1 4 GLN 15 ? E GLN 15 
39 1 Y 1 4 ASN 16 ? E ASN 16 
40 1 Y 1 4 ILE 17 ? E ILE 17 
41 1 Y 1 4 LEU 18 ? E LEU 18 
42 1 Y 1 4 THR 19 ? E THR 19 
43 1 Y 1 4 ASN 20 ? E ASN 20 
44 1 Y 1 4 GLY 21 ? E GLY 21 
45 1 Y 1 4 SER 22 ? E SER 22 
46 1 Y 1 4 ASN 23 ? E ASN 23 
47 1 Y 1 4 GLN 24 ? E GLN 24 
48 1 Y 1 4 THR 25 ? E THR 25 
49 1 Y 1 4 PHE 26 ? E PHE 26 
50 1 Y 1 4 THR 27 ? E THR 27 
51 1 Y 1 4 VAL 28 ? E VAL 28 
# 
loop_
_chem_comp_atom.comp_id 
_chem_comp_atom.atom_id 
_chem_comp_atom.type_symbol 
_chem_comp_atom.pdbx_aromatic_flag 
_chem_comp_atom.pdbx_stereo_config 
_chem_comp_atom.pdbx_ordinal 
ALA N    N N N 1   
ALA CA   C N S 2   
ALA C    C N N 3   
ALA O    O N N 4   
ALA CB   C N N 5   
ALA OXT  O N N 6   
ALA H    H N N 7   
ALA H2   H N N 8   
ALA HA   H N N 9   
ALA HB1  H N N 10  
ALA HB2  H N N 11  
ALA HB3  H N N 12  
ALA HXT  H N N 13  
ARG N    N N N 14  
ARG CA   C N S 15  
ARG C    C N N 16  
ARG O    O N N 17  
ARG CB   C N N 18  
ARG CG   C N N 19  
ARG CD   C N N 20  
ARG NE   N N N 21  
ARG CZ   C N N 22  
ARG NH1  N N N 23  
ARG NH2  N N N 24  
ARG OXT  O N N 25  
ARG H    H N N 26  
ARG H2   H N N 27  
ARG HA   H N N 28  
ARG HB2  H N N 29  
ARG HB3  H N N 30  
ARG HG2  H N N 31  
ARG HG3  H N N 32  
ARG HD2  H N N 33  
ARG HD3  H N N 34  
ARG HE   H N N 35  
ARG HH11 H N N 36  
ARG HH12 H N N 37  
ARG HH21 H N N 38  
ARG HH22 H N N 39  
ARG HXT  H N N 40  
ASN N    N N N 41  
ASN CA   C N S 42  
ASN C    C N N 43  
ASN O    O N N 44  
ASN CB   C N N 45  
ASN CG   C N N 46  
ASN OD1  O N N 47  
ASN ND2  N N N 48  
ASN OXT  O N N 49  
ASN H    H N N 50  
ASN H2   H N N 51  
ASN HA   H N N 52  
ASN HB2  H N N 53  
ASN HB3  H N N 54  
ASN HD21 H N N 55  
ASN HD22 H N N 56  
ASN HXT  H N N 57  
ASP N    N N N 58  
ASP CA   C N S 59  
ASP C    C N N 60  
ASP O    O N N 61  
ASP CB   C N N 62  
ASP CG   C N N 63  
ASP OD1  O N N 64  
ASP OD2  O N N 65  
ASP OXT  O N N 66  
ASP H    H N N 67  
ASP H2   H N N 68  
ASP HA   H N N 69  
ASP HB2  H N N 70  
ASP HB3  H N N 71  
ASP HD2  H N N 72  
ASP HXT  H N N 73  
CYS N    N N N 74  
CYS CA   C N R 75  
CYS C    C N N 76  
CYS O    O N N 77  
CYS CB   C N N 78  
CYS SG   S N N 79  
CYS OXT  O N N 80  
CYS H    H N N 81  
CYS H2   H N N 82  
CYS HA   H N N 83  
CYS HB2  H N N 84  
CYS HB3  H N N 85  
CYS HG   H N N 86  
CYS HXT  H N N 87  
GLN N    N N N 88  
GLN CA   C N S 89  
GLN C    C N N 90  
GLN O    O N N 91  
GLN CB   C N N 92  
GLN CG   C N N 93  
GLN CD   C N N 94  
GLN OE1  O N N 95  
GLN NE2  N N N 96  
GLN OXT  O N N 97  
GLN H    H N N 98  
GLN H2   H N N 99  
GLN HA   H N N 100 
GLN HB2  H N N 101 
GLN HB3  H N N 102 
GLN HG2  H N N 103 
GLN HG3  H N N 104 
GLN HE21 H N N 105 
GLN HE22 H N N 106 
GLN HXT  H N N 107 
GLU N    N N N 108 
GLU CA   C N S 109 
GLU C    C N N 110 
GLU O    O N N 111 
GLU CB   C N N 112 
GLU CG   C N N 113 
GLU CD   C N N 114 
GLU OE1  O N N 115 
GLU OE2  O N N 116 
GLU OXT  O N N 117 
GLU H    H N N 118 
GLU H2   H N N 119 
GLU HA   H N N 120 
GLU HB2  H N N 121 
GLU HB3  H N N 122 
GLU HG2  H N N 123 
GLU HG3  H N N 124 
GLU HE2  H N N 125 
GLU HXT  H N N 126 
GLY N    N N N 127 
GLY CA   C N N 128 
GLY C    C N N 129 
GLY O    O N N 130 
GLY OXT  O N N 131 
GLY H    H N N 132 
GLY H2   H N N 133 
GLY HA2  H N N 134 
GLY HA3  H N N 135 
GLY HXT  H N N 136 
HIS N    N N N 137 
HIS CA   C N S 138 
HIS C    C N N 139 
HIS O    O N N 140 
HIS CB   C N N 141 
HIS CG   C Y N 142 
HIS ND1  N Y N 143 
HIS CD2  C Y N 144 
HIS CE1  C Y N 145 
HIS NE2  N Y N 146 
HIS OXT  O N N 147 
HIS H    H N N 148 
HIS H2   H N N 149 
HIS HA   H N N 150 
HIS HB2  H N N 151 
HIS HB3  H N N 152 
HIS HD1  H N N 153 
HIS HD2  H N N 154 
HIS HE1  H N N 155 
HIS HE2  H N N 156 
HIS HXT  H N N 157 
ILE N    N N N 158 
ILE CA   C N S 159 
ILE C    C N N 160 
ILE O    O N N 161 
ILE CB   C N S 162 
ILE CG1  C N N 163 
ILE CG2  C N N 164 
ILE CD1  C N N 165 
ILE OXT  O N N 166 
ILE H    H N N 167 
ILE H2   H N N 168 
ILE HA   H N N 169 
ILE HB   H N N 170 
ILE HG12 H N N 171 
ILE HG13 H N N 172 
ILE HG21 H N N 173 
ILE HG22 H N N 174 
ILE HG23 H N N 175 
ILE HD11 H N N 176 
ILE HD12 H N N 177 
ILE HD13 H N N 178 
ILE HXT  H N N 179 
LEU N    N N N 180 
LEU CA   C N S 181 
LEU C    C N N 182 
LEU O    O N N 183 
LEU CB   C N N 184 
LEU CG   C N N 185 
LEU CD1  C N N 186 
LEU CD2  C N N 187 
LEU OXT  O N N 188 
LEU H    H N N 189 
LEU H2   H N N 190 
LEU HA   H N N 191 
LEU HB2  H N N 192 
LEU HB3  H N N 193 
LEU HG   H N N 194 
LEU HD11 H N N 195 
LEU HD12 H N N 196 
LEU HD13 H N N 197 
LEU HD21 H N N 198 
LEU HD22 H N N 199 
LEU HD23 H N N 200 
LEU HXT  H N N 201 
LYS N    N N N 202 
LYS CA   C N S 203 
LYS C    C N N 204 
LYS O    O N N 205 
LYS CB   C N N 206 
LYS CG   C N N 207 
LYS CD   C N N 208 
LYS CE   C N N 209 
LYS NZ   N N N 210 
LYS OXT  O N N 211 
LYS H    H N N 212 
LYS H2   H N N 213 
LYS HA   H N N 214 
LYS HB2  H N N 215 
LYS HB3  H N N 216 
LYS HG2  H N N 217 
LYS HG3  H N N 218 
LYS HD2  H N N 219 
LYS HD3  H N N 220 
LYS HE2  H N N 221 
LYS HE3  H N N 222 
LYS HZ1  H N N 223 
LYS HZ2  H N N 224 
LYS HZ3  H N N 225 
LYS HXT  H N N 226 
MET N    N N N 227 
MET CA   C N S 228 
MET C    C N N 229 
MET O    O N N 230 
MET CB   C N N 231 
MET CG   C N N 232 
MET SD   S N N 233 
MET CE   C N N 234 
MET OXT  O N N 235 
MET H    H N N 236 
MET H2   H N N 237 
MET HA   H N N 238 
MET HB2  H N N 239 
MET HB3  H N N 240 
MET HG2  H N N 241 
MET HG3  H N N 242 
MET HE1  H N N 243 
MET HE2  H N N 244 
MET HE3  H N N 245 
MET HXT  H N N 246 
PHE N    N N N 247 
PHE CA   C N S 248 
PHE C    C N N 249 
PHE O    O N N 250 
PHE CB   C N N 251 
PHE CG   C Y N 252 
PHE CD1  C Y N 253 
PHE CD2  C Y N 254 
PHE CE1  C Y N 255 
PHE CE2  C Y N 256 
PHE CZ   C Y N 257 
PHE OXT  O N N 258 
PHE H    H N N 259 
PHE H2   H N N 260 
PHE HA   H N N 261 
PHE HB2  H N N 262 
PHE HB3  H N N 263 
PHE HD1  H N N 264 
PHE HD2  H N N 265 
PHE HE1  H N N 266 
PHE HE2  H N N 267 
PHE HZ   H N N 268 
PHE HXT  H N N 269 
PRO N    N N N 270 
PRO CA   C N S 271 
PRO C    C N N 272 
PRO O    O N N 273 
PRO CB   C N N 274 
PRO CG   C N N 275 
PRO CD   C N N 276 
PRO OXT  O N N 277 
PRO H    H N N 278 
PRO HA   H N N 279 
PRO HB2  H N N 280 
PRO HB3  H N N 281 
PRO HG2  H N N 282 
PRO HG3  H N N 283 
PRO HD2  H N N 284 
PRO HD3  H N N 285 
PRO HXT  H N N 286 
SER N    N N N 287 
SER CA   C N S 288 
SER C    C N N 289 
SER O    O N N 290 
SER CB   C N N 291 
SER OG   O N N 292 
SER OXT  O N N 293 
SER H    H N N 294 
SER H2   H N N 295 
SER HA   H N N 296 
SER HB2  H N N 297 
SER HB3  H N N 298 
SER HG   H N N 299 
SER HXT  H N N 300 
THR N    N N N 301 
THR CA   C N S 302 
THR C    C N N 303 
THR O    O N N 304 
THR CB   C N R 305 
THR OG1  O N N 306 
THR CG2  C N N 307 
THR OXT  O N N 308 
THR H    H N N 309 
THR H2   H N N 310 
THR HA   H N N 311 
THR HB   H N N 312 
THR HG1  H N N 313 
THR HG21 H N N 314 
THR HG22 H N N 315 
THR HG23 H N N 316 
THR HXT  H N N 317 
TRP N    N N N 318 
TRP CA   C N S 319 
TRP C    C N N 320 
TRP O    O N N 321 
TRP CB   C N N 322 
TRP CG   C Y N 323 
TRP CD1  C Y N 324 
TRP CD2  C Y N 325 
TRP NE1  N Y N 326 
TRP CE2  C Y N 327 
TRP CE3  C Y N 328 
TRP CZ2  C Y N 329 
TRP CZ3  C Y N 330 
TRP CH2  C Y N 331 
TRP OXT  O N N 332 
TRP H    H N N 333 
TRP H2   H N N 334 
TRP HA   H N N 335 
TRP HB2  H N N 336 
TRP HB3  H N N 337 
TRP HD1  H N N 338 
TRP HE1  H N N 339 
TRP HE3  H N N 340 
TRP HZ2  H N N 341 
TRP HZ3  H N N 342 
TRP HH2  H N N 343 
TRP HXT  H N N 344 
TYR N    N N N 345 
TYR CA   C N S 346 
TYR C    C N N 347 
TYR O    O N N 348 
TYR CB   C N N 349 
TYR CG   C Y N 350 
TYR CD1  C Y N 351 
TYR CD2  C Y N 352 
TYR CE1  C Y N 353 
TYR CE2  C Y N 354 
TYR CZ   C Y N 355 
TYR OH   O N N 356 
TYR OXT  O N N 357 
TYR H    H N N 358 
TYR H2   H N N 359 
TYR HA   H N N 360 
TYR HB2  H N N 361 
TYR HB3  H N N 362 
TYR HD1  H N N 363 
TYR HD2  H N N 364 
TYR HE1  H N N 365 
TYR HE2  H N N 366 
TYR HH   H N N 367 
TYR HXT  H N N 368 
VAL N    N N N 369 
VAL CA   C N S 370 
VAL C    C N N 371 
VAL O    O N N 372 
VAL CB   C N N 373 
VAL CG1  C N N 374 
VAL CG2  C N N 375 
VAL OXT  O N N 376 
VAL H    H N N 377 
VAL H2   H N N 378 
VAL HA   H N N 379 
VAL HB   H N N 380 
VAL HG11 H N N 381 
VAL HG12 H N N 382 
VAL HG13 H N N 383 
VAL HG21 H N N 384 
VAL HG22 H N N 385 
VAL HG23 H N N 386 
VAL HXT  H N N 387 
# 
loop_
_chem_comp_bond.comp_id 
_chem_comp_bond.atom_id_1 
_chem_comp_bond.atom_id_2 
_chem_comp_bond.value_order 
_chem_comp_bond.pdbx_aromatic_flag 
_chem_comp_bond.pdbx_stereo_config 
_chem_comp_bond.pdbx_ordinal 
ALA N   CA   sing N N 1   
ALA N   H    sing N N 2   
ALA N   H2   sing N N 3   
ALA CA  C    sing N N 4   
ALA CA  CB   sing N N 5   
ALA CA  HA   sing N N 6   
ALA C   O    doub N N 7   
ALA C   OXT  sing N N 8   
ALA CB  HB1  sing N N 9   
ALA CB  HB2  sing N N 10  
ALA CB  HB3  sing N N 11  
ALA OXT HXT  sing N N 12  
ARG N   CA   sing N N 13  
ARG N   H    sing N N 14  
ARG N   H2   sing N N 15  
ARG CA  C    sing N N 16  
ARG CA  CB   sing N N 17  
ARG CA  HA   sing N N 18  
ARG C   O    doub N N 19  
ARG C   OXT  sing N N 20  
ARG CB  CG   sing N N 21  
ARG CB  HB2  sing N N 22  
ARG CB  HB3  sing N N 23  
ARG CG  CD   sing N N 24  
ARG CG  HG2  sing N N 25  
ARG CG  HG3  sing N N 26  
ARG CD  NE   sing N N 27  
ARG CD  HD2  sing N N 28  
ARG CD  HD3  sing N N 29  
ARG NE  CZ   sing N N 30  
ARG NE  HE   sing N N 31  
ARG CZ  NH1  sing N N 32  
ARG CZ  NH2  doub N N 33  
ARG NH1 HH11 sing N N 34  
ARG NH1 HH12 sing N N 35  
ARG NH2 HH21 sing N N 36  
ARG NH2 HH22 sing N N 37  
ARG OXT HXT  sing N N 38  
ASN N   CA   sing N N 39  
ASN N   H    sing N N 40  
ASN N   H2   sing N N 41  
ASN CA  C    sing N N 42  
ASN CA  CB   sing N N 43  
ASN CA  HA   sing N N 44  
ASN C   O    doub N N 45  
ASN C   OXT  sing N N 46  
ASN CB  CG   sing N N 47  
ASN CB  HB2  sing N N 48  
ASN CB  HB3  sing N N 49  
ASN CG  OD1  doub N N 50  
ASN CG  ND2  sing N N 51  
ASN ND2 HD21 sing N N 52  
ASN ND2 HD22 sing N N 53  
ASN OXT HXT  sing N N 54  
ASP N   CA   sing N N 55  
ASP N   H    sing N N 56  
ASP N   H2   sing N N 57  
ASP CA  C    sing N N 58  
ASP CA  CB   sing N N 59  
ASP CA  HA   sing N N 60  
ASP C   O    doub N N 61  
ASP C   OXT  sing N N 62  
ASP CB  CG   sing N N 63  
ASP CB  HB2  sing N N 64  
ASP CB  HB3  sing N N 65  
ASP CG  OD1  doub N N 66  
ASP CG  OD2  sing N N 67  
ASP OD2 HD2  sing N N 68  
ASP OXT HXT  sing N N 69  
CYS N   CA   sing N N 70  
CYS N   H    sing N N 71  
CYS N   H2   sing N N 72  
CYS CA  C    sing N N 73  
CYS CA  CB   sing N N 74  
CYS CA  HA   sing N N 75  
CYS C   O    doub N N 76  
CYS C   OXT  sing N N 77  
CYS CB  SG   sing N N 78  
CYS CB  HB2  sing N N 79  
CYS CB  HB3  sing N N 80  
CYS SG  HG   sing N N 81  
CYS OXT HXT  sing N N 82  
GLN N   CA   sing N N 83  
GLN N   H    sing N N 84  
GLN N   H2   sing N N 85  
GLN CA  C    sing N N 86  
GLN CA  CB   sing N N 87  
GLN CA  HA   sing N N 88  
GLN C   O    doub N N 89  
GLN C   OXT  sing N N 90  
GLN CB  CG   sing N N 91  
GLN CB  HB2  sing N N 92  
GLN CB  HB3  sing N N 93  
GLN CG  CD   sing N N 94  
GLN CG  HG2  sing N N 95  
GLN CG  HG3  sing N N 96  
GLN CD  OE1  doub N N 97  
GLN CD  NE2  sing N N 98  
GLN NE2 HE21 sing N N 99  
GLN NE2 HE22 sing N N 100 
GLN OXT HXT  sing N N 101 
GLU N   CA   sing N N 102 
GLU N   H    sing N N 103 
GLU N   H2   sing N N 104 
GLU CA  C    sing N N 105 
GLU CA  CB   sing N N 106 
GLU CA  HA   sing N N 107 
GLU C   O    doub N N 108 
GLU C   OXT  sing N N 109 
GLU CB  CG   sing N N 110 
GLU CB  HB2  sing N N 111 
GLU CB  HB3  sing N N 112 
GLU CG  CD   sing N N 113 
GLU CG  HG2  sing N N 114 
GLU CG  HG3  sing N N 115 
GLU CD  OE1  doub N N 116 
GLU CD  OE2  sing N N 117 
GLU OE2 HE2  sing N N 118 
GLU OXT HXT  sing N N 119 
GLY N   CA   sing N N 120 
GLY N   H    sing N N 121 
GLY N   H2   sing N N 122 
GLY CA  C    sing N N 123 
GLY CA  HA2  sing N N 124 
GLY CA  HA3  sing N N 125 
GLY C   O    doub N N 126 
GLY C   OXT  sing N N 127 
GLY OXT HXT  sing N N 128 
HIS N   CA   sing N N 129 
HIS N   H    sing N N 130 
HIS N   H2   sing N N 131 
HIS CA  C    sing N N 132 
HIS CA  CB   sing N N 133 
HIS CA  HA   sing N N 134 
HIS C   O    doub N N 135 
HIS C   OXT  sing N N 136 
HIS CB  CG   sing N N 137 
HIS CB  HB2  sing N N 138 
HIS CB  HB3  sing N N 139 
HIS CG  ND1  sing Y N 140 
HIS CG  CD2  doub Y N 141 
HIS ND1 CE1  doub Y N 142 
HIS ND1 HD1  sing N N 143 
HIS CD2 NE2  sing Y N 144 
HIS CD2 HD2  sing N N 145 
HIS CE1 NE2  sing Y N 146 
HIS CE1 HE1  sing N N 147 
HIS NE2 HE2  sing N N 148 
HIS OXT HXT  sing N N 149 
ILE N   CA   sing N N 150 
ILE N   H    sing N N 151 
ILE N   H2   sing N N 152 
ILE CA  C    sing N N 153 
ILE CA  CB   sing N N 154 
ILE CA  HA   sing N N 155 
ILE C   O    doub N N 156 
ILE C   OXT  sing N N 157 
ILE CB  CG1  sing N N 158 
ILE CB  CG2  sing N N 159 
ILE CB  HB   sing N N 160 
ILE CG1 CD1  sing N N 161 
ILE CG1 HG12 sing N N 162 
ILE CG1 HG13 sing N N 163 
ILE CG2 HG21 sing N N 164 
ILE CG2 HG22 sing N N 165 
ILE CG2 HG23 sing N N 166 
ILE CD1 HD11 sing N N 167 
ILE CD1 HD12 sing N N 168 
ILE CD1 HD13 sing N N 169 
ILE OXT HXT  sing N N 170 
LEU N   CA   sing N N 171 
LEU N   H    sing N N 172 
LEU N   H2   sing N N 173 
LEU CA  C    sing N N 174 
LEU CA  CB   sing N N 175 
LEU CA  HA   sing N N 176 
LEU C   O    doub N N 177 
LEU C   OXT  sing N N 178 
LEU CB  CG   sing N N 179 
LEU CB  HB2  sing N N 180 
LEU CB  HB3  sing N N 181 
LEU CG  CD1  sing N N 182 
LEU CG  CD2  sing N N 183 
LEU CG  HG   sing N N 184 
LEU CD1 HD11 sing N N 185 
LEU CD1 HD12 sing N N 186 
LEU CD1 HD13 sing N N 187 
LEU CD2 HD21 sing N N 188 
LEU CD2 HD22 sing N N 189 
LEU CD2 HD23 sing N N 190 
LEU OXT HXT  sing N N 191 
LYS N   CA   sing N N 192 
LYS N   H    sing N N 193 
LYS N   H2   sing N N 194 
LYS CA  C    sing N N 195 
LYS CA  CB   sing N N 196 
LYS CA  HA   sing N N 197 
LYS C   O    doub N N 198 
LYS C   OXT  sing N N 199 
LYS CB  CG   sing N N 200 
LYS CB  HB2  sing N N 201 
LYS CB  HB3  sing N N 202 
LYS CG  CD   sing N N 203 
LYS CG  HG2  sing N N 204 
LYS CG  HG3  sing N N 205 
LYS CD  CE   sing N N 206 
LYS CD  HD2  sing N N 207 
LYS CD  HD3  sing N N 208 
LYS CE  NZ   sing N N 209 
LYS CE  HE2  sing N N 210 
LYS CE  HE3  sing N N 211 
LYS NZ  HZ1  sing N N 212 
LYS NZ  HZ2  sing N N 213 
LYS NZ  HZ3  sing N N 214 
LYS OXT HXT  sing N N 215 
MET N   CA   sing N N 216 
MET N   H    sing N N 217 
MET N   H2   sing N N 218 
MET CA  C    sing N N 219 
MET CA  CB   sing N N 220 
MET CA  HA   sing N N 221 
MET C   O    doub N N 222 
MET C   OXT  sing N N 223 
MET CB  CG   sing N N 224 
MET CB  HB2  sing N N 225 
MET CB  HB3  sing N N 226 
MET CG  SD   sing N N 227 
MET CG  HG2  sing N N 228 
MET CG  HG3  sing N N 229 
MET SD  CE   sing N N 230 
MET CE  HE1  sing N N 231 
MET CE  HE2  sing N N 232 
MET CE  HE3  sing N N 233 
MET OXT HXT  sing N N 234 
PHE N   CA   sing N N 235 
PHE N   H    sing N N 236 
PHE N   H2   sing N N 237 
PHE CA  C    sing N N 238 
PHE CA  CB   sing N N 239 
PHE CA  HA   sing N N 240 
PHE C   O    doub N N 241 
PHE C   OXT  sing N N 242 
PHE CB  CG   sing N N 243 
PHE CB  HB2  sing N N 244 
PHE CB  HB3  sing N N 245 
PHE CG  CD1  doub Y N 246 
PHE CG  CD2  sing Y N 247 
PHE CD1 CE1  sing Y N 248 
PHE CD1 HD1  sing N N 249 
PHE CD2 CE2  doub Y N 250 
PHE CD2 HD2  sing N N 251 
PHE CE1 CZ   doub Y N 252 
PHE CE1 HE1  sing N N 253 
PHE CE2 CZ   sing Y N 254 
PHE CE2 HE2  sing N N 255 
PHE CZ  HZ   sing N N 256 
PHE OXT HXT  sing N N 257 
PRO N   CA   sing N N 258 
PRO N   CD   sing N N 259 
PRO N   H    sing N N 260 
PRO CA  C    sing N N 261 
PRO CA  CB   sing N N 262 
PRO CA  HA   sing N N 263 
PRO C   O    doub N N 264 
PRO C   OXT  sing N N 265 
PRO CB  CG   sing N N 266 
PRO CB  HB2  sing N N 267 
PRO CB  HB3  sing N N 268 
PRO CG  CD   sing N N 269 
PRO CG  HG2  sing N N 270 
PRO CG  HG3  sing N N 271 
PRO CD  HD2  sing N N 272 
PRO CD  HD3  sing N N 273 
PRO OXT HXT  sing N N 274 
SER N   CA   sing N N 275 
SER N   H    sing N N 276 
SER N   H2   sing N N 277 
SER CA  C    sing N N 278 
SER CA  CB   sing N N 279 
SER CA  HA   sing N N 280 
SER C   O    doub N N 281 
SER C   OXT  sing N N 282 
SER CB  OG   sing N N 283 
SER CB  HB2  sing N N 284 
SER CB  HB3  sing N N 285 
SER OG  HG   sing N N 286 
SER OXT HXT  sing N N 287 
THR N   CA   sing N N 288 
THR N   H    sing N N 289 
THR N   H2   sing N N 290 
THR CA  C    sing N N 291 
THR CA  CB   sing N N 292 
THR CA  HA   sing N N 293 
THR C   O    doub N N 294 
THR C   OXT  sing N N 295 
THR CB  OG1  sing N N 296 
THR CB  CG2  sing N N 297 
THR CB  HB   sing N N 298 
THR OG1 HG1  sing N N 299 
THR CG2 HG21 sing N N 300 
THR CG2 HG22 sing N N 301 
THR CG2 HG23 sing N N 302 
THR OXT HXT  sing N N 303 
TRP N   CA   sing N N 304 
TRP N   H    sing N N 305 
TRP N   H2   sing N N 306 
TRP CA  C    sing N N 307 
TRP CA  CB   sing N N 308 
TRP CA  HA   sing N N 309 
TRP C   O    doub N N 310 
TRP C   OXT  sing N N 311 
TRP CB  CG   sing N N 312 
TRP CB  HB2  sing N N 313 
TRP CB  HB3  sing N N 314 
TRP CG  CD1  doub Y N 315 
TRP CG  CD2  sing Y N 316 
TRP CD1 NE1  sing Y N 317 
TRP CD1 HD1  sing N N 318 
TRP CD2 CE2  doub Y N 319 
TRP CD2 CE3  sing Y N 320 
TRP NE1 CE2  sing Y N 321 
TRP NE1 HE1  sing N N 322 
TRP CE2 CZ2  sing Y N 323 
TRP CE3 CZ3  doub Y N 324 
TRP CE3 HE3  sing N N 325 
TRP CZ2 CH2  doub Y N 326 
TRP CZ2 HZ2  sing N N 327 
TRP CZ3 CH2  sing Y N 328 
TRP CZ3 HZ3  sing N N 329 
TRP CH2 HH2  sing N N 330 
TRP OXT HXT  sing N N 331 
TYR N   CA   sing N N 332 
TYR N   H    sing N N 333 
TYR N   H2   sing N N 334 
TYR CA  C    sing N N 335 
TYR CA  CB   sing N N 336 
TYR CA  HA   sing N N 337 
TYR C   O    doub N N 338 
TYR C   OXT  sing N N 339 
TYR CB  CG   sing N N 340 
TYR CB  HB2  sing N N 341 
TYR CB  HB3  sing N N 342 
TYR CG  CD1  doub Y N 343 
TYR CG  CD2  sing Y N 344 
TYR CD1 CE1  sing Y N 345 
TYR CD1 HD1  sing N N 346 
TYR CD2 CE2  doub Y N 347 
TYR CD2 HD2  sing N N 348 
TYR CE1 CZ   doub Y N 349 
TYR CE1 HE1  sing N N 350 
TYR CE2 CZ   sing Y N 351 
TYR CE2 HE2  sing N N 352 
TYR CZ  OH   sing N N 353 
TYR OH  HH   sing N N 354 
TYR OXT HXT  sing N N 355 
VAL N   CA   sing N N 356 
VAL N   H    sing N N 357 
VAL N   H2   sing N N 358 
VAL CA  C    sing N N 359 
VAL CA  CB   sing N N 360 
VAL CA  HA   sing N N 361 
VAL C   O    doub N N 362 
VAL C   OXT  sing N N 363 
VAL CB  CG1  sing N N 364 
VAL CB  CG2  sing N N 365 
VAL CB  HB   sing N N 366 
VAL CG1 HG11 sing N N 367 
VAL CG1 HG12 sing N N 368 
VAL CG1 HG13 sing N N 369 
VAL CG2 HG21 sing N N 370 
VAL CG2 HG22 sing N N 371 
VAL CG2 HG23 sing N N 372 
VAL OXT HXT  sing N N 373 
# 
_em_image_processing.id                   1 
_em_image_processing.image_recording_id   1 
_em_image_processing.details              ? 
# 
_em_image_recording.avg_electron_dose_per_image   20 
_em_image_recording.details                       ? 
_em_image_recording.id                            1 
_em_image_recording.film_or_detector_model        'KODAK SO-163 FILM' 
_em_image_recording.imaging_id                    1 
_em_image_recording.average_exposure_time         ? 
_em_image_recording.num_grids_imaged              ? 
_em_image_recording.num_diffraction_images        ? 
_em_image_recording.num_real_images               ? 
_em_image_recording.detector_mode                 ? 
# 
loop_
_em_software.id 
_em_software.name 
_em_software.version 
_em_software.category 
_em_software.details 
_em_software.image_processing_id 
1 'PURDUE PROGRAMS' ? 'MODEL FITTING' ? ? 
2 'PURDUE PROGRAMS' ? RECONSTRUCTION  ? 1 
# 
_em_specimen.experiment_id           1 
_em_specimen.id                      1 
_em_specimen.concentration           ? 
_em_specimen.vitrification_applied   YES 
_em_specimen.staining_applied        NO 
_em_specimen.embedding_applied       NO 
_em_specimen.shadowing_applied       NO 
_em_specimen.details                 ? 
# 
loop_
_pdbx_coordinate_model.asym_id 
_pdbx_coordinate_model.type 
A 'CA ATOMS ONLY' 
B 'CA ATOMS ONLY' 
C 'CA ATOMS ONLY' 
D 'CA ATOMS ONLY' 
E 'CA ATOMS ONLY' 
# 
_atom_sites.entry_id                    1D3I 
_atom_sites.fract_transf_matrix[1][1]   1.000000 
_atom_sites.fract_transf_matrix[1][2]   0.000000 
_atom_sites.fract_transf_matrix[1][3]   0.000000 
_atom_sites.fract_transf_matrix[2][1]   0.000000 
_atom_sites.fract_transf_matrix[2][2]   1.000000 
_atom_sites.fract_transf_matrix[2][3]   0.000000 
_atom_sites.fract_transf_matrix[3][1]   0.000000 
_atom_sites.fract_transf_matrix[3][2]   0.000000 
_atom_sites.fract_transf_matrix[3][3]   1.000000 
_atom_sites.fract_transf_vector[1]      0.00000 
_atom_sites.fract_transf_vector[2]      0.00000 
_atom_sites.fract_transf_vector[3]      0.00000 
# 
_atom_type.symbol   C 
# 
loop_
_atom_site.group_PDB 
_atom_site.id 
_atom_site.type_symbol 
_atom_site.label_atom_id 
_atom_site.label_alt_id 
_atom_site.label_comp_id 
_atom_site.label_asym_id 
_atom_site.label_entity_id 
_atom_site.label_seq_id 
_atom_site.pdbx_PDB_ins_code 
_atom_site.Cartn_x 
_atom_site.Cartn_y 
_atom_site.Cartn_z 
_atom_site.occupancy 
_atom_site.B_iso_or_equiv 
_atom_site.pdbx_formal_charge 
_atom_site.auth_seq_id 
_atom_site.auth_comp_id 
_atom_site.auth_asym_id 
_atom_site.auth_atom_id 
_atom_site.pdbx_PDB_model_num 
ATOM 1   C CA . GLN A 1 1   ? 23.879  17.231  19.453  1.00 50.00 ? 1   GLN I CA 1 
ATOM 2   C CA . THR A 1 2   ? 20.741  15.242  20.418  1.00 50.00 ? 2   THR I CA 1 
ATOM 3   C CA . SER A 1 3   ? 19.458  14.901  24.010  1.00 50.00 ? 3   SER I CA 1 
ATOM 4   C CA . VAL A 1 4   ? 16.405  13.426  25.719  1.00 50.00 ? 4   VAL I CA 1 
ATOM 5   C CA . SER A 1 5   ? 14.913  14.179  29.110  1.00 50.00 ? 5   SER I CA 1 
ATOM 6   C CA . PRO A 1 6   ? 14.135  12.095  31.116  1.00 50.00 ? 6   PRO I CA 1 
ATOM 7   C CA . SER A 1 7   ? 16.831  9.604   30.006  1.00 50.00 ? 7   SER I CA 1 
ATOM 8   C CA . LYS A 1 8   ? 15.319  6.994   32.341  1.00 50.00 ? 8   LYS I CA 1 
ATOM 9   C CA . VAL A 1 9   ? 11.756  6.723   33.640  1.00 50.00 ? 9   VAL I CA 1 
ATOM 10  C CA . ILE A 1 10  ? 9.734   4.240   35.708  1.00 50.00 ? 10  ILE I CA 1 
ATOM 11  C CA . LEU A 1 11  ? 5.981   4.233   35.320  1.00 50.00 ? 11  LEU I CA 1 
ATOM 12  C CA . PRO A 1 12  ? 2.994   1.981   36.083  1.00 50.00 ? 12  PRO I CA 1 
ATOM 13  C CA . ARG A 1 13  ? 1.927   -0.437  33.333  1.00 50.00 ? 13  ARG I CA 1 
ATOM 14  C CA . GLY A 1 14  ? -0.402  1.286   30.863  1.00 50.00 ? 14  GLY I CA 1 
ATOM 15  C CA . GLY A 1 15  ? 0.680   4.769   31.962  1.00 50.00 ? 15  GLY I CA 1 
ATOM 16  C CA . SER A 1 16  ? 1.871   7.900   30.118  1.00 50.00 ? 16  SER I CA 1 
ATOM 17  C CA . VAL A 1 17  ? 5.054   9.992   30.172  1.00 50.00 ? 17  VAL I CA 1 
ATOM 18  C CA . LEU A 1 18  ? 6.283   13.321  28.743  1.00 50.00 ? 18  LEU I CA 1 
ATOM 19  C CA . VAL A 1 19  ? 9.491   13.140  26.703  1.00 50.00 ? 19  VAL I CA 1 
ATOM 20  C CA . THR A 1 20  ? 11.453  16.140  25.406  1.00 50.00 ? 20  THR I CA 1 
ATOM 21  C CA . CYS A 1 21  ? 13.791  15.740  22.430  1.00 50.00 ? 21  CYS I CA 1 
ATOM 22  C CA . SER A 1 22  ? 16.381  18.457  22.082  1.00 50.00 ? 22  SER I CA 1 
ATOM 23  C CA . THR A 1 23  ? 19.321  19.385  19.867  1.00 50.00 ? 23  THR I CA 1 
ATOM 24  C CA . SER A 1 24  ? 22.064  21.912  20.571  1.00 50.00 ? 24  SER I CA 1 
ATOM 25  C CA . CYS A 1 25  ? 22.817  22.896  16.957  1.00 50.00 ? 25  CYS I CA 1 
ATOM 26  C CA . ASP A 1 26  ? 21.890  26.235  15.349  1.00 50.00 ? 26  ASP I CA 1 
ATOM 27  C CA . GLN A 1 27  ? 19.851  24.970  12.413  1.00 50.00 ? 27  GLN I CA 1 
ATOM 28  C CA . PRO A 1 28  ? 18.411  21.449  12.955  1.00 50.00 ? 28  PRO I CA 1 
ATOM 29  C CA . LYS A 1 29  ? 17.304  20.095  9.585   1.00 50.00 ? 29  LYS I CA 1 
ATOM 30  C CA . LEU A 1 30  ? 15.144  17.537  11.378  1.00 50.00 ? 30  LEU I CA 1 
ATOM 31  C CA . LEU A 1 31  ? 14.235  16.668  14.967  1.00 50.00 ? 31  LEU I CA 1 
ATOM 32  C CA . GLY A 1 32  ? 11.905  13.926  16.141  1.00 50.00 ? 32  GLY I CA 1 
ATOM 33  C CA . ILE A 1 33  ? 11.449  10.686  18.037  1.00 50.00 ? 33  ILE I CA 1 
ATOM 34  C CA . GLU A 1 34  ? 11.343  7.051   16.903  1.00 50.00 ? 34  GLU I CA 1 
ATOM 35  C CA . THR A 1 35  ? 9.045   4.770   18.945  1.00 50.00 ? 35  THR I CA 1 
ATOM 36  C CA . PRO A 1 36  ? 6.013   2.499   18.209  1.00 50.00 ? 36  PRO I CA 1 
ATOM 37  C CA . LEU A 1 37  ? 4.221   3.855   21.279  1.00 50.00 ? 37  LEU I CA 1 
ATOM 38  C CA . PRO A 1 38  ? 1.018   5.931   20.885  1.00 50.00 ? 38  PRO I CA 1 
ATOM 39  C CA . LYS A 1 39  ? 2.296   9.520   20.641  1.00 50.00 ? 39  LYS I CA 1 
ATOM 40  C CA . LYS A 1 40  ? 1.045   13.109  20.655  1.00 50.00 ? 40  LYS I CA 1 
ATOM 41  C CA . GLU A 1 41  ? 3.230   16.127  19.786  1.00 50.00 ? 41  GLU I CA 1 
ATOM 42  C CA . LEU A 1 42  ? 2.999   19.278  21.976  1.00 50.00 ? 42  LEU I CA 1 
ATOM 43  C CA . LEU A 1 43  ? 4.799   22.591  21.279  1.00 50.00 ? 43  LEU I CA 1 
ATOM 44  C CA . LEU A 1 44  ? 7.795   24.428  22.915  1.00 50.00 ? 44  LEU I CA 1 
ATOM 45  C CA . PRO A 1 45  ? 10.114  26.389  20.613  1.00 50.00 ? 45  PRO I CA 1 
ATOM 46  C CA . GLY A 1 46  ? 9.213   23.680  18.086  1.00 50.00 ? 46  GLY I CA 1 
ATOM 47  C CA . ASN A 1 47  ? 12.555  23.961  16.331  1.00 50.00 ? 47  ASN I CA 1 
ATOM 48  C CA . ASN A 1 48  ? 15.341  23.043  18.809  1.00 50.00 ? 48  ASN I CA 1 
ATOM 49  C CA . ARG A 1 49  ? 12.983  21.269  21.239  1.00 50.00 ? 49  ARG I CA 1 
ATOM 50  C CA . LYS A 1 50  ? 9.940   19.003  20.841  1.00 50.00 ? 50  LYS I CA 1 
ATOM 51  C CA . VAL A 1 51  ? 7.697   17.422  23.489  1.00 50.00 ? 51  VAL I CA 1 
ATOM 52  C CA . TYR A 1 52  ? 5.749   14.185  23.109  1.00 50.00 ? 52  TYR I CA 1 
ATOM 53  C CA . GLU A 1 53  ? 3.329   12.393  25.378  1.00 50.00 ? 53  GLU I CA 1 
ATOM 54  C CA . LEU A 1 54  ? 3.796   8.628   25.067  1.00 50.00 ? 54  LEU I CA 1 
ATOM 55  C CA . SER A 1 55  ? 0.706   6.819   26.266  1.00 50.00 ? 55  SER I CA 1 
ATOM 56  C CA . ASN A 1 56  ? -0.392  3.365   27.418  1.00 50.00 ? 56  ASN I CA 1 
ATOM 57  C CA . VAL A 1 57  ? 3.170   2.059   27.762  1.00 50.00 ? 57  VAL I CA 1 
ATOM 58  C CA . GLN A 1 58  ? 2.602   -1.662  28.522  1.00 50.00 ? 58  GLN I CA 1 
ATOM 59  C CA . GLU A 1 59  ? 6.194   -2.946  28.520  1.00 50.00 ? 59  GLU I CA 1 
ATOM 60  C CA . ASP A 1 60  ? 9.767   -1.663  28.710  1.00 50.00 ? 60  ASP I CA 1 
ATOM 61  C CA . SER A 1 61  ? 10.758  0.529   25.800  1.00 50.00 ? 61  SER I CA 1 
ATOM 62  C CA . GLN A 1 62  ? 13.653  2.665   24.646  1.00 50.00 ? 62  GLN I CA 1 
ATOM 63  C CA . PRO A 1 63  ? 12.246  5.512   22.509  1.00 50.00 ? 63  PRO I CA 1 
ATOM 64  C CA . MET A 1 64  ? 15.002  7.481   20.782  1.00 50.00 ? 64  MET I CA 1 
ATOM 65  C CA . CYS A 1 65  ? 15.225  11.123  19.785  1.00 50.00 ? 65  CYS I CA 1 
ATOM 66  C CA . TYR A 1 66  ? 17.097  12.128  16.643  1.00 50.00 ? 66  TYR I CA 1 
ATOM 67  C CA . SER A 1 67  ? 18.215  15.268  14.868  1.00 50.00 ? 67  SER I CA 1 
ATOM 68  C CA . ASN A 1 68  ? 19.951  15.842  11.549  1.00 50.00 ? 68  ASN I CA 1 
ATOM 69  C CA . CYS A 1 69  ? 22.286  18.797  12.047  1.00 50.00 ? 69  CYS I CA 1 
ATOM 70  C CA . PRO A 1 70  ? 24.557  20.124  9.271   1.00 50.00 ? 70  PRO I CA 1 
ATOM 71  C CA . ASP A 1 71  ? 27.479  18.952  11.410  1.00 50.00 ? 71  ASP I CA 1 
ATOM 72  C CA . GLY A 1 72  ? 26.184  15.387  11.707  1.00 50.00 ? 72  GLY I CA 1 
ATOM 73  C CA . GLN A 1 73  ? 23.371  12.999  12.560  1.00 50.00 ? 73  GLN I CA 1 
ATOM 74  C CA . SER A 1 74  ? 22.953  11.857  16.163  1.00 50.00 ? 74  SER I CA 1 
ATOM 75  C CA . THR A 1 75  ? 20.589  10.039  18.527  1.00 50.00 ? 75  THR I CA 1 
ATOM 76  C CA . ALA A 1 76  ? 19.714  9.859   22.260  1.00 50.00 ? 76  ALA I CA 1 
ATOM 77  C CA . LYS A 1 77  ? 17.774  7.079   23.923  1.00 50.00 ? 77  LYS I CA 1 
ATOM 78  C CA . THR A 1 78  ? 15.424  7.132   26.919  1.00 50.00 ? 78  THR I CA 1 
ATOM 79  C CA . PHE A 1 79  ? 14.800  3.945   28.859  1.00 50.00 ? 79  PHE I CA 1 
ATOM 80  C CA . LEU A 1 80  ? 11.227  3.414   30.043  1.00 50.00 ? 80  LEU I CA 1 
ATOM 81  C CA . THR A 1 81  ? 10.488  0.786   32.697  1.00 50.00 ? 81  THR I CA 1 
ATOM 82  C CA . VAL A 1 82  ? 6.926   -0.252  33.548  1.00 50.00 ? 82  VAL I CA 1 
ATOM 83  C CA . TYR A 1 83  ? 5.888   -1.738  36.875  1.00 50.00 ? 83  TYR I CA 1 
ATOM 84  C CA . TRP A 1 84  ? 2.941   -3.668  37.610  1.00 50.00 ? 84  TRP I CA 1 
ATOM 85  C CA . THR A 1 85  ? 2.114   -5.663  40.738  1.00 50.00 ? 85  THR I CA 1 
ATOM 86  C CA . PRO A 1 86  ? 1.294   -9.384  40.342  1.00 50.00 ? 86  PRO I CA 1 
ATOM 87  C CA . GLU A 1 87  ? -2.072  -10.192 38.790  1.00 50.00 ? 87  GLU I CA 1 
ATOM 88  C CA . ARG A 1 88  ? -2.448  -13.083 41.257  1.00 50.00 ? 88  ARG I CA 1 
ATOM 89  C CA . VAL A 1 89  ? -0.780  -14.169 44.506  1.00 50.00 ? 89  VAL I CA 1 
ATOM 90  C CA . GLU A 1 90  ? -2.063  -17.346 46.165  1.00 50.00 ? 90  GLU I CA 1 
ATOM 91  C CA . LEU A 1 91  ? -0.991  -20.509 48.006  1.00 50.00 ? 91  LEU I CA 1 
ATOM 92  C CA . ALA A 1 92  ? -1.512  -23.793 46.154  1.00 50.00 ? 92  ALA I CA 1 
ATOM 93  C CA . PRO A 1 93  ? -4.662  -25.620 47.454  1.00 50.00 ? 93  PRO I CA 1 
ATOM 94  C CA . LEU A 1 94  ? -3.827  -27.658 50.545  1.00 50.00 ? 94  LEU I CA 1 
ATOM 95  C CA . PRO A 1 95  ? -6.000  -29.966 52.680  1.00 50.00 ? 95  PRO I CA 1 
ATOM 96  C CA . SER A 1 96  ? -7.291  -28.143 55.770  1.00 50.00 ? 96  SER I CA 1 
ATOM 97  C CA . TRP A 1 97  ? -6.877  -31.232 57.961  1.00 50.00 ? 97  TRP I CA 1 
ATOM 98  C CA . GLN A 1 98  ? -3.212  -31.794 58.865  1.00 50.00 ? 98  GLN I CA 1 
ATOM 99  C CA . PRO A 1 99  ? -1.452  -34.673 60.792  1.00 50.00 ? 99  PRO I CA 1 
ATOM 100 C CA . VAL A 1 100 ? 0.587   -33.519 63.803  1.00 50.00 ? 100 VAL I CA 1 
ATOM 101 C CA . GLY A 1 101 ? 4.339   -33.963 63.287  1.00 50.00 ? 101 GLY I CA 1 
ATOM 102 C CA . LYS A 1 102 ? 3.913   -34.766 59.582  1.00 50.00 ? 102 LYS I CA 1 
ATOM 103 C CA . ASN A 1 103 ? 5.903   -32.737 57.043  1.00 50.00 ? 103 ASN I CA 1 
ATOM 104 C CA . LEU A 1 104 ? 3.811   -29.937 55.468  1.00 50.00 ? 104 LEU I CA 1 
ATOM 105 C CA . THR A 1 105 ? 4.408   -28.287 52.063  1.00 50.00 ? 105 THR I CA 1 
ATOM 106 C CA . LEU A 1 106 ? 3.518   -24.623 51.392  1.00 50.00 ? 106 LEU I CA 1 
ATOM 107 C CA . ARG A 1 107 ? 3.681   -23.427 47.771  1.00 50.00 ? 107 ARG I CA 1 
ATOM 108 C CA . CYS A 1 108 ? 3.033   -19.827 46.699  1.00 50.00 ? 108 CYS I CA 1 
ATOM 109 C CA . GLN A 1 109 ? 2.277   -18.946 43.062  1.00 50.00 ? 109 GLN I CA 1 
ATOM 110 C CA . VAL A 1 110 ? 2.775   -15.423 41.753  1.00 50.00 ? 110 VAL I CA 1 
ATOM 111 C CA . GLU A 1 111 ? 1.518   -14.673 38.277  1.00 50.00 ? 111 GLU I CA 1 
ATOM 112 C CA . GLY A 1 112 ? 3.060   -11.631 36.618  1.00 50.00 ? 112 GLY I CA 1 
ATOM 113 C CA . GLY A 1 113 ? 4.722   -8.721  38.384  1.00 50.00 ? 113 GLY I CA 1 
ATOM 114 C CA . ALA A 1 114 ? 7.505   -6.542  36.982  1.00 50.00 ? 114 ALA I CA 1 
ATOM 115 C CA . PRO A 1 115 ? 10.264  -5.517  37.003  1.00 50.00 ? 115 PRO I CA 1 
ATOM 116 C CA . ARG A 1 116 ? 11.074  -9.053  38.233  1.00 50.00 ? 116 ARG I CA 1 
ATOM 117 C CA . ALA A 1 117 ? 14.557  -8.078  39.084  1.00 50.00 ? 117 ALA I CA 1 
ATOM 118 C CA . ASN A 1 118 ? 12.909  -6.203  42.002  1.00 50.00 ? 118 ASN I CA 1 
ATOM 119 C CA . LEU A 1 119 ? 10.077  -8.584  42.963  1.00 50.00 ? 119 LEU I CA 1 
ATOM 120 C CA . THR A 1 120 ? 10.379  -10.800 46.096  1.00 50.00 ? 120 THR I CA 1 
ATOM 121 C CA . VAL A 1 121 ? 8.028   -13.569 47.161  1.00 50.00 ? 121 VAL I CA 1 
ATOM 122 C CA . VAL A 1 122 ? 7.765   -14.363 50.865  1.00 50.00 ? 122 VAL I CA 1 
ATOM 123 C CA . LEU A 1 123 ? 6.011   -17.135 52.839  1.00 50.00 ? 123 LEU I CA 1 
ATOM 124 C CA . LEU A 1 124 ? 4.694   -16.273 56.311  1.00 50.00 ? 124 LEU I CA 1 
ATOM 125 C CA . ARG A 1 125 ? 3.363   -18.049 59.428  1.00 50.00 ? 125 ARG I CA 1 
ATOM 126 C CA . GLY A 1 126 ? 1.108   -15.357 60.858  1.00 50.00 ? 126 GLY I CA 1 
ATOM 127 C CA . GLU A 1 127 ? 3.271   -12.235 60.757  1.00 50.00 ? 127 GLU I CA 1 
ATOM 128 C CA . LYS A 1 128 ? 6.576   -14.166 60.851  1.00 50.00 ? 128 LYS I CA 1 
ATOM 129 C CA . GLU A 1 129 ? 8.725   -14.583 57.753  1.00 50.00 ? 129 GLU I CA 1 
ATOM 130 C CA . LEU A 1 130 ? 9.506   -18.244 56.891  1.00 50.00 ? 130 LEU I CA 1 
ATOM 131 C CA . LYS A 1 131 ? 11.069  -17.905 53.450  1.00 50.00 ? 131 LYS I CA 1 
ATOM 132 C CA . ARG A 1 132 ? 12.068  -15.040 51.079  1.00 50.00 ? 132 ARG I CA 1 
ATOM 133 C CA . GLU A 1 133 ? 13.131  -15.451 47.431  1.00 50.00 ? 133 GLU I CA 1 
ATOM 134 C CA . PRO A 1 134 ? 13.524  -13.402 44.238  1.00 50.00 ? 134 PRO I CA 1 
ATOM 135 C CA . ALA A 1 135 ? 10.534  -14.021 41.936  1.00 50.00 ? 135 ALA I CA 1 
ATOM 136 C CA . VAL A 1 136 ? 11.620  -16.370 39.138  1.00 50.00 ? 136 VAL I CA 1 
ATOM 137 C CA . GLY A 1 137 ? 9.635   -18.166 36.428  1.00 50.00 ? 137 GLY I CA 1 
ATOM 138 C CA . GLU A 1 138 ? 5.997   -17.946 35.433  1.00 50.00 ? 138 GLU I CA 1 
ATOM 139 C CA . PRO A 1 139 ? 4.155   -18.317 37.626  1.00 50.00 ? 139 PRO I CA 1 
ATOM 140 C CA . ALA A 1 140 ? 6.950   -17.564 40.139  1.00 50.00 ? 140 ALA I CA 1 
ATOM 141 C CA . GLU A 1 141 ? 6.707   -20.351 42.708  1.00 50.00 ? 141 GLU I CA 1 
ATOM 142 C CA . VAL A 1 142 ? 8.226   -20.333 46.220  1.00 50.00 ? 142 VAL I CA 1 
ATOM 143 C CA . THR A 1 143 ? 8.022   -23.371 48.551  1.00 50.00 ? 143 THR I CA 1 
ATOM 144 C CA . THR A 1 144 ? 8.889   -24.400 52.141  1.00 50.00 ? 144 THR I CA 1 
ATOM 145 C CA . THR A 1 145 ? 8.289   -27.337 54.477  1.00 50.00 ? 145 THR I CA 1 
ATOM 146 C CA . VAL A 1 146 ? 6.601   -26.832 57.818  1.00 50.00 ? 146 VAL I CA 1 
ATOM 147 C CA . LEU A 1 147 ? 6.796   -29.447 60.593  1.00 50.00 ? 147 LEU I CA 1 
ATOM 148 C CA . VAL A 1 148 ? 3.264   -29.562 61.974  1.00 50.00 ? 148 VAL I CA 1 
ATOM 149 C CA . ARG A 1 149 ? 3.378   -28.990 65.748  1.00 50.00 ? 149 ARG I CA 1 
ATOM 150 C CA . ARG A 1 150 ? 0.470   -28.569 68.163  1.00 50.00 ? 150 ARG I CA 1 
ATOM 151 C CA . ASP A 1 151 ? 1.995   -25.082 68.338  1.00 50.00 ? 151 ASP I CA 1 
ATOM 152 C CA . HIS A 1 152 ? 0.663   -24.791 64.773  1.00 50.00 ? 152 HIS I CA 1 
ATOM 153 C CA . HIS A 1 153 ? -3.001  -24.422 65.702  1.00 50.00 ? 153 HIS I CA 1 
ATOM 154 C CA . GLY A 1 154 ? -5.148  -21.598 64.398  1.00 50.00 ? 154 GLY I CA 1 
ATOM 155 C CA . ALA A 1 155 ? -1.994  -20.465 62.637  1.00 50.00 ? 155 ALA I CA 1 
ATOM 156 C CA . ASN A 1 156 ? -2.781  -18.602 59.429  1.00 50.00 ? 156 ASN I CA 1 
ATOM 157 C CA . PHE A 1 157 ? -0.102  -18.986 56.769  1.00 50.00 ? 157 PHE I CA 1 
ATOM 158 C CA . SER A 1 158 ? 0.121   -16.535 53.873  1.00 50.00 ? 158 SER I CA 1 
ATOM 159 C CA . CYS A 1 159 ? 2.209   -15.415 50.913  1.00 50.00 ? 159 CYS I CA 1 
ATOM 160 C CA . ARG A 1 160 ? 3.239   -11.841 50.167  1.00 50.00 ? 160 ARG I CA 1 
ATOM 161 C CA . THR A 1 161 ? 5.007   -10.181 47.269  1.00 50.00 ? 161 THR I CA 1 
ATOM 162 C CA . GLU A 1 162 ? 7.161   -7.066  47.577  1.00 50.00 ? 162 GLU I CA 1 
ATOM 163 C CA . LEU A 1 163 ? 7.691   -4.964  44.431  1.00 50.00 ? 163 LEU I CA 1 
ATOM 164 C CA . ASP A 1 164 ? 10.363  -2.678  45.771  1.00 50.00 ? 164 ASP I CA 1 
ATOM 165 C CA . LEU A 1 165 ? 10.643  0.380   43.541  1.00 50.00 ? 165 LEU I CA 1 
ATOM 166 C CA . ARG A 1 166 ? 12.037  2.663   46.252  1.00 50.00 ? 166 ARG I CA 1 
ATOM 167 C CA . PRO A 1 167 ? 15.487  2.549   44.696  1.00 50.00 ? 167 PRO I CA 1 
ATOM 168 C CA . GLN A 1 168 ? 13.870  3.943   41.521  1.00 50.00 ? 168 GLN I CA 1 
ATOM 169 C CA . GLY A 1 169 ? 12.209  6.793   43.386  1.00 50.00 ? 169 GLY I CA 1 
ATOM 170 C CA . LEU A 1 170 ? 8.810   5.210   44.008  1.00 50.00 ? 170 LEU I CA 1 
ATOM 171 C CA . GLU A 1 171 ? 7.537   2.987   46.792  1.00 50.00 ? 171 GLU I CA 1 
ATOM 172 C CA . LEU A 1 172 ? 7.283   -0.628  47.825  1.00 50.00 ? 172 LEU I CA 1 
ATOM 173 C CA . PHE A 1 173 ? 4.037   -2.138  46.592  1.00 50.00 ? 173 PHE I CA 1 
ATOM 174 C CA . GLU A 1 174 ? 2.850   -5.211  48.539  1.00 50.00 ? 174 GLU I CA 1 
ATOM 175 C CA . ASN A 1 175 ? 0.225   -7.866  47.762  1.00 50.00 ? 175 ASN I CA 1 
ATOM 176 C CA . THR A 1 176 ? -1.089  -10.708 49.902  1.00 50.00 ? 176 THR I CA 1 
ATOM 177 C CA . SER A 1 177 ? -2.934  -13.966 49.227  1.00 50.00 ? 177 SER I CA 1 
ATOM 178 C CA . ALA A 1 178 ? -5.899  -15.405 51.093  1.00 50.00 ? 178 ALA I CA 1 
ATOM 179 C CA . PRO A 1 179 ? -4.666  -16.953 54.359  1.00 50.00 ? 179 PRO I CA 1 
ATOM 180 C CA . TYR A 1 180 ? -4.477  -20.723 54.948  1.00 50.00 ? 180 TYR I CA 1 
ATOM 181 C CA . GLN A 1 181 ? -5.650  -22.064 58.320  1.00 50.00 ? 181 GLN I CA 1 
ATOM 182 C CA . LEU A 1 182 ? -4.137  -25.272 59.644  1.00 50.00 ? 182 LEU I CA 1 
ATOM 183 C CA . GLN A 1 183 ? -6.833  -27.530 61.133  1.00 50.00 ? 183 GLN I CA 1 
ATOM 184 C CA . THR A 1 184 ? -5.020  -30.335 62.924  1.00 50.00 ? 184 THR I CA 1 
ATOM 185 C CA . PHE A 1 185 ? -5.847  -33.711 64.539  1.00 50.00 ? 185 PHE I CA 1 
ATOM 186 C CA . THR B 2 17  ? -16.787 4.601   -34.695 1.00 50.00 ? 17  THR 1 CA 1 
ATOM 187 C CA . VAL B 2 18  ? -18.187 1.090   -34.489 1.00 50.00 ? 18  VAL 1 CA 1 
ATOM 188 C CA . ALA B 2 19  ? -18.720 -0.359  -31.037 1.00 50.00 ? 19  ALA 1 CA 1 
ATOM 189 C CA . SER B 2 20  ? -19.587 -3.747  -32.483 1.00 50.00 ? 20  SER 1 CA 1 
ATOM 190 C CA . ILE B 2 21  ? -19.457 -5.027  -36.025 1.00 50.00 ? 21  ILE 1 CA 1 
ATOM 191 C CA . SER B 2 22  ? -21.947 -7.449  -37.529 1.00 50.00 ? 22  SER 1 CA 1 
ATOM 192 C CA . SER B 2 23  ? -20.688 -11.049 -37.237 1.00 50.00 ? 23  SER 1 CA 1 
ATOM 193 C CA . GLY B 2 24  ? -22.450 -14.393 -38.005 1.00 50.00 ? 24  GLY 1 CA 1 
ATOM 194 C CA . PRO B 2 25  ? -22.012 -18.128 -37.376 1.00 50.00 ? 25  PRO 1 CA 1 
ATOM 195 C CA . LYS B 2 26  ? -18.335 -19.382 -37.179 1.00 50.00 ? 26  LYS 1 CA 1 
ATOM 196 C CA . HIS B 2 27  ? -17.020 -23.037 -37.540 1.00 50.00 ? 27  HIS 1 CA 1 
ATOM 197 C CA . THR B 2 28  ? -13.275 -22.509 -37.580 1.00 50.00 ? 28  THR 1 CA 1 
ATOM 198 C CA . GLN B 2 29  ? -9.855  -23.794 -36.752 1.00 50.00 ? 29  GLN 1 CA 1 
ATOM 199 C CA . LYS B 2 30  ? -9.115  -20.230 -35.618 1.00 50.00 ? 30  LYS 1 CA 1 
ATOM 200 C CA . VAL B 2 31  ? -10.288 -19.860 -31.979 1.00 50.00 ? 31  VAL 1 CA 1 
ATOM 201 C CA . PRO B 2 32  ? -9.778  -16.345 -30.593 1.00 50.00 ? 32  PRO 1 CA 1 
ATOM 202 C CA . ILE B 2 33  ? -11.267 -17.213 -27.200 1.00 50.00 ? 33  ILE 1 CA 1 
ATOM 203 C CA . LEU B 2 34  ? -8.655  -19.812 -26.080 1.00 50.00 ? 34  LEU 1 CA 1 
ATOM 204 C CA . THR B 2 35  ? -5.580  -18.087 -24.669 1.00 50.00 ? 35  THR 1 CA 1 
ATOM 205 C CA . ALA B 2 36  ? -2.754  -18.628 -22.119 1.00 50.00 ? 36  ALA 1 CA 1 
ATOM 206 C CA . ASN B 2 37  ? -3.008  -15.963 -19.328 1.00 50.00 ? 37  ASN 1 CA 1 
ATOM 207 C CA . GLU B 2 38  ? 0.297   -17.143 -18.003 1.00 50.00 ? 38  GLU 1 CA 1 
ATOM 208 C CA . THR B 2 39  ? 1.917   -14.881 -20.609 1.00 50.00 ? 39  THR 1 CA 1 
ATOM 209 C CA . GLY B 2 40  ? 0.871   -11.700 -18.843 1.00 50.00 ? 40  GLY 1 CA 1 
ATOM 210 C CA . ALA B 2 41  ? -1.206  -10.362 -21.744 1.00 50.00 ? 41  ALA 1 CA 1 
ATOM 211 C CA . THR B 2 42  ? -4.939  -9.466  -21.749 1.00 50.00 ? 42  THR 1 CA 1 
ATOM 212 C CA . MET B 2 43  ? -5.926  -10.552 -25.247 1.00 50.00 ? 43  MET 1 CA 1 
ATOM 213 C CA . PRO B 2 44  ? -8.376  -8.114  -26.833 1.00 50.00 ? 44  PRO 1 CA 1 
ATOM 214 C CA . VAL B 2 45  ? -11.424 -10.366 -27.152 1.00 50.00 ? 45  VAL 1 CA 1 
ATOM 215 C CA . LEU B 2 46  ? -14.786 -8.867  -28.192 1.00 50.00 ? 46  LEU 1 CA 1 
ATOM 216 C CA . PRO B 2 47  ? -18.443 -9.897  -28.128 1.00 50.00 ? 47  PRO 1 CA 1 
ATOM 217 C CA . SER B 2 48  ? -18.200 -10.627 -31.818 1.00 50.00 ? 48  SER 1 CA 1 
ATOM 218 C CA . ASP B 2 49  ? -15.631 -13.409 -31.269 1.00 50.00 ? 49  ASP 1 CA 1 
ATOM 219 C CA . SER B 2 50  ? -18.063 -15.578 -29.471 1.00 50.00 ? 50  SER 1 CA 1 
ATOM 220 C CA . ILE B 2 51  ? -21.695 -14.597 -30.282 1.00 50.00 ? 51  ILE 1 CA 1 
ATOM 221 C CA . GLU B 2 52  ? -23.345 -13.315 -33.531 1.00 50.00 ? 52  GLU 1 CA 1 
ATOM 222 C CA . THR B 2 53  ? -23.502 -9.442  -33.308 1.00 50.00 ? 53  THR 1 CA 1 
ATOM 223 C CA . ARG B 2 54  ? -25.114 -6.607  -35.288 1.00 50.00 ? 54  ARG 1 CA 1 
ATOM 224 C CA . THR B 2 55  ? -23.472 -3.246  -36.002 1.00 50.00 ? 55  THR 1 CA 1 
ATOM 225 C CA . THR B 2 56  ? -23.692 -0.559  -33.349 1.00 50.00 ? 56  THR 1 CA 1 
ATOM 226 C CA . TYR B 2 57  ? -21.726 2.715   -32.960 1.00 50.00 ? 57  TYR 1 CA 1 
ATOM 227 C CA . MET B 2 58  ? -19.962 4.071   -29.921 1.00 50.00 ? 58  MET 1 CA 1 
ATOM 228 C CA . HIS B 2 59  ? -21.424 7.549   -29.782 1.00 50.00 ? 59  HIS 1 CA 1 
ATOM 229 C CA . PHE B 2 60  ? -18.796 8.284   -27.044 1.00 50.00 ? 60  PHE 1 CA 1 
ATOM 230 C CA . ASN B 2 61  ? -15.176 9.447   -26.742 1.00 50.00 ? 61  ASN 1 CA 1 
ATOM 231 C CA . GLY B 2 62  ? -14.006 8.726   -23.231 1.00 50.00 ? 62  GLY 1 CA 1 
ATOM 232 C CA . SER B 2 63  ? -13.511 12.416  -22.531 1.00 50.00 ? 63  SER 1 CA 1 
ATOM 233 C CA . GLU B 2 64  ? -14.318 12.340  -18.779 1.00 50.00 ? 64  GLU 1 CA 1 
ATOM 234 C CA . THR B 2 65  ? -11.900 9.582   -17.939 1.00 50.00 ? 65  THR 1 CA 1 
ATOM 235 C CA . ASP B 2 66  ? -8.903  11.520  -19.260 1.00 50.00 ? 66  ASP 1 CA 1 
ATOM 236 C CA . VAL B 2 67  ? -6.421  11.831  -16.369 1.00 50.00 ? 67  VAL 1 CA 1 
ATOM 237 C CA . GLU B 2 68  ? -6.565  15.622  -16.764 1.00 50.00 ? 68  GLU 1 CA 1 
ATOM 238 C CA . CYS B 2 69  ? -10.258 15.443  -16.001 1.00 50.00 ? 69  CYS 1 CA 1 
ATOM 239 C CA . PHE B 2 70  ? -9.904  12.828  -13.259 1.00 50.00 ? 70  PHE 1 CA 1 
ATOM 240 C CA . LEU B 2 71  ? -7.413  14.883  -11.213 1.00 50.00 ? 71  LEU 1 CA 1 
ATOM 241 C CA . GLY B 2 72  ? -8.595  18.255  -12.458 1.00 50.00 ? 72  GLY 1 CA 1 
ATOM 242 C CA . ARG B 2 73  ? -11.374 19.332  -10.017 1.00 50.00 ? 73  ARG 1 CA 1 
ATOM 243 C CA . ALA B 2 74  ? -10.696 21.105  -6.709  1.00 50.00 ? 74  ALA 1 CA 1 
ATOM 244 C CA . ALA B 2 75  ? -10.502 18.732  -3.669  1.00 50.00 ? 75  ALA 1 CA 1 
ATOM 245 C CA . CYS B 2 76  ? -10.290 19.889  -0.006  1.00 50.00 ? 76  CYS 1 CA 1 
ATOM 246 C CA . VAL B 2 77  ? -6.741  19.183  1.037   1.00 50.00 ? 77  VAL 1 CA 1 
ATOM 247 C CA . HIS B 2 78  ? -6.513  20.893  4.461   1.00 50.00 ? 78  HIS 1 CA 1 
ATOM 248 C CA . VAL B 2 79  ? -8.587  22.543  7.155   1.00 50.00 ? 79  VAL 1 CA 1 
ATOM 249 C CA . THR B 2 80  ? -6.748  24.626  9.777   1.00 50.00 ? 80  THR 1 CA 1 
ATOM 250 C CA . GLU B 2 81  ? -7.774  27.383  12.168  1.00 50.00 ? 81  GLU 1 CA 1 
ATOM 251 C CA . ILE B 2 82  ? -6.379  30.599  13.615  1.00 50.00 ? 82  ILE 1 CA 1 
ATOM 252 C CA . GLN B 2 83  ? -7.970  33.163  15.978  1.00 50.00 ? 83  GLN 1 CA 1 
ATOM 253 C CA . ASN B 2 84  ? -7.928  36.929  16.365  1.00 50.00 ? 84  ASN 1 CA 1 
ATOM 254 C CA . LYS B 2 85  ? -7.562  37.734  20.068  1.00 50.00 ? 85  LYS 1 CA 1 
ATOM 255 C CA . ASP B 2 86  ? -5.442  39.938  22.342  1.00 50.00 ? 86  ASP 1 CA 1 
ATOM 256 C CA . ALA B 2 87  ? -1.900  38.523  22.216  1.00 50.00 ? 87  ALA 1 CA 1 
ATOM 257 C CA . THR B 2 88  ? -1.069  40.445  25.314  1.00 50.00 ? 88  THR 1 CA 1 
ATOM 258 C CA . GLY B 2 89  ? 0.733   38.031  27.611  1.00 50.00 ? 89  GLY 1 CA 1 
ATOM 259 C CA . ILE B 2 90  ? 0.757   35.118  25.126  1.00 50.00 ? 90  ILE 1 CA 1 
ATOM 260 C CA . ASP B 2 91  ? 4.077   33.385  25.324  1.00 50.00 ? 91  ASP 1 CA 1 
ATOM 261 C CA . ASN B 2 92  ? 3.570   31.291  22.227  1.00 50.00 ? 92  ASN 1 CA 1 
ATOM 262 C CA . HIS B 2 93  ? 1.567   32.738  19.420  1.00 50.00 ? 93  HIS 1 CA 1 
ATOM 263 C CA . ARG B 2 94  ? 1.911   29.609  17.400  1.00 50.00 ? 94  ARG 1 CA 1 
ATOM 264 C CA . GLU B 2 95  ? 0.478   27.729  20.255  1.00 50.00 ? 95  GLU 1 CA 1 
ATOM 265 C CA . ALA B 2 96  ? -2.489  30.122  20.766  1.00 50.00 ? 96  ALA 1 CA 1 
ATOM 266 C CA . LYS B 2 97  ? -3.364  29.710  17.083  1.00 50.00 ? 97  LYS 1 CA 1 
ATOM 267 C CA . LEU B 2 98  ? -2.494  33.408  16.771  1.00 50.00 ? 98  LEU 1 CA 1 
ATOM 268 C CA . PHE B 2 99  ? -1.068  32.268  13.432  1.00 50.00 ? 99  PHE 1 CA 1 
ATOM 269 C CA . ASN B 2 100 ? -0.520  28.790  11.910  1.00 50.00 ? 100 ASN 1 CA 1 
ATOM 270 C CA . ASP B 2 101 ? 1.600   27.036  9.242   1.00 50.00 ? 101 ASP 1 CA 1 
ATOM 271 C CA . TRP B 2 102 ? 0.828   23.979  7.050   1.00 50.00 ? 102 TRP 1 CA 1 
ATOM 272 C CA . LYS B 2 103 ? 3.508   22.041  5.094   1.00 50.00 ? 103 LYS 1 CA 1 
ATOM 273 C CA . ILE B 2 104 ? 1.660   21.345  1.843   1.00 50.00 ? 104 ILE 1 CA 1 
ATOM 274 C CA . ASN B 2 105 ? 0.608   17.777  1.289   1.00 50.00 ? 105 ASN 1 CA 1 
ATOM 275 C CA . LEU B 2 106 ? -2.044  15.917  -0.782  1.00 50.00 ? 106 LEU 1 CA 1 
ATOM 276 C CA . SER B 2 107 ? -2.097  12.851  1.454   1.00 50.00 ? 107 SER 1 CA 1 
ATOM 277 C CA . SER B 2 108 ? -3.721  14.003  4.689   1.00 50.00 ? 108 SER 1 CA 1 
ATOM 278 C CA . LEU B 2 109 ? -7.438  13.968  3.657   1.00 50.00 ? 109 LEU 1 CA 1 
ATOM 279 C CA . VAL B 2 110 ? -7.970  10.591  1.950   1.00 50.00 ? 110 VAL 1 CA 1 
ATOM 280 C CA . GLN B 2 111 ? -10.424 11.340  -0.894  1.00 50.00 ? 111 GLN 1 CA 1 
ATOM 281 C CA . LEU B 2 112 ? -7.908  13.004  -3.258  1.00 50.00 ? 112 LEU 1 CA 1 
ATOM 282 C CA . ARG B 2 113 ? -5.093  10.768  -1.896  1.00 50.00 ? 113 ARG 1 CA 1 
ATOM 283 C CA . LYS B 2 114 ? -6.573  7.490   -3.118  1.00 50.00 ? 114 LYS 1 CA 1 
ATOM 284 C CA . LYS B 2 115 ? -7.089  9.119   -6.570  1.00 50.00 ? 115 LYS 1 CA 1 
ATOM 285 C CA . LEU B 2 116 ? -3.460  10.241  -6.866  1.00 50.00 ? 116 LEU 1 CA 1 
ATOM 286 C CA . GLU B 2 117 ? -2.011  6.945   -5.618  1.00 50.00 ? 117 GLU 1 CA 1 
ATOM 287 C CA . LEU B 2 118 ? -3.509  5.101   -8.591  1.00 50.00 ? 118 LEU 1 CA 1 
ATOM 288 C CA . PHE B 2 119 ? -0.235  6.297   -10.260 1.00 50.00 ? 119 PHE 1 CA 1 
ATOM 289 C CA . THR B 2 120 ? 3.423   6.094   -9.143  1.00 50.00 ? 120 THR 1 CA 1 
ATOM 290 C CA . TYR B 2 121 ? 4.814   9.445   -10.443 1.00 50.00 ? 121 TYR 1 CA 1 
ATOM 291 C CA . VAL B 2 122 ? 2.539   12.449  -11.195 1.00 50.00 ? 122 VAL 1 CA 1 
ATOM 292 C CA . ARG B 2 123 ? 3.424   15.890  -12.583 1.00 50.00 ? 123 ARG 1 CA 1 
ATOM 293 C CA . PHE B 2 124 ? 1.041   18.898  -12.593 1.00 50.00 ? 124 PHE 1 CA 1 
ATOM 294 C CA . ASP B 2 125 ? 0.621   22.633  -11.816 1.00 50.00 ? 125 ASP 1 CA 1 
ATOM 295 C CA . SER B 2 126 ? -1.576  23.367  -8.797  1.00 50.00 ? 126 SER 1 CA 1 
ATOM 296 C CA . GLU B 2 127 ? -4.368  25.806  -8.523  1.00 50.00 ? 127 GLU 1 CA 1 
ATOM 297 C CA . TYR B 2 128 ? -5.163  26.582  -4.826  1.00 50.00 ? 128 TYR 1 CA 1 
ATOM 298 C CA . THR B 2 129 ? -8.498  28.068  -3.620  1.00 50.00 ? 129 THR 1 CA 1 
ATOM 299 C CA . ILE B 2 130 ? -8.548  29.114  0.052   1.00 50.00 ? 130 ILE 1 CA 1 
ATOM 300 C CA . LEU B 2 131 ? -11.960 29.684  1.705   1.00 50.00 ? 131 LEU 1 CA 1 
ATOM 301 C CA . ALA B 2 132 ? -11.890 31.339  5.190   1.00 50.00 ? 132 ALA 1 CA 1 
ATOM 302 C CA . THR B 2 133 ? -15.113 31.673  7.281   1.00 50.00 ? 133 THR 1 CA 1 
ATOM 303 C CA . ALA B 2 134 ? -15.428 33.200  10.743  1.00 50.00 ? 134 ALA 1 CA 1 
ATOM 304 C CA . SER B 2 135 ? -17.161 31.902  13.837  1.00 50.00 ? 135 SER 1 CA 1 
ATOM 305 C CA . GLN B 2 136 ? -17.929 33.799  17.044  1.00 50.00 ? 136 GLN 1 CA 1 
ATOM 306 C CA . PRO B 2 137 ? -18.857 31.094  19.503  1.00 50.00 ? 137 PRO 1 CA 1 
ATOM 307 C CA . ASP B 2 138 ? -19.228 33.406  22.472  1.00 50.00 ? 138 ASP 1 CA 1 
ATOM 308 C CA . SER B 2 139 ? -21.121 36.608  22.800  1.00 50.00 ? 139 SER 1 CA 1 
ATOM 309 C CA . ALA B 2 140 ? -19.994 39.344  20.412  1.00 50.00 ? 140 ALA 1 CA 1 
ATOM 310 C CA . ASN B 2 141 ? -21.719 42.605  19.546  1.00 50.00 ? 141 ASN 1 CA 1 
ATOM 311 C CA . TYR B 2 142 ? -20.838 42.050  15.987  1.00 50.00 ? 142 TYR 1 CA 1 
ATOM 312 C CA . SER B 2 143 ? -18.918 40.207  13.319  1.00 50.00 ? 143 SER 1 CA 1 
ATOM 313 C CA . SER B 2 144 ? -15.619 42.007  12.611  1.00 50.00 ? 144 SER 1 CA 1 
ATOM 314 C CA . ASN B 2 145 ? -14.041 42.161  9.167   1.00 50.00 ? 145 ASN 1 CA 1 
ATOM 315 C CA . LEU B 2 146 ? -10.769 40.434  9.196   1.00 50.00 ? 146 LEU 1 CA 1 
ATOM 316 C CA . VAL B 2 147 ? -8.213  40.167  6.422   1.00 50.00 ? 147 VAL 1 CA 1 
ATOM 317 C CA . VAL B 2 148 ? -6.216  36.868  6.345   1.00 50.00 ? 148 VAL 1 CA 1 
ATOM 318 C CA . GLN B 2 149 ? -2.599  36.846  5.042   1.00 50.00 ? 149 GLN 1 CA 1 
ATOM 319 C CA . ALA B 2 150 ? -1.412  33.473  3.570   1.00 50.00 ? 150 ALA 1 CA 1 
ATOM 320 C CA . MET B 2 151 ? 2.374   33.429  3.069   1.00 50.00 ? 151 MET 1 CA 1 
ATOM 321 C CA . TYR B 2 152 ? 4.074   30.721  0.921   1.00 50.00 ? 152 TYR 1 CA 1 
ATOM 322 C CA . VAL B 2 153 ? 7.200   29.809  2.943   1.00 50.00 ? 153 VAL 1 CA 1 
ATOM 323 C CA . PRO B 2 154 ? 9.656   27.744  0.874   1.00 50.00 ? 154 PRO 1 CA 1 
ATOM 324 C CA . PRO B 2 155 ? 12.176  25.641  2.850   1.00 50.00 ? 155 PRO 1 CA 1 
ATOM 325 C CA . GLY B 2 156 ? 15.037  27.859  4.139   1.00 50.00 ? 156 GLY 1 CA 1 
ATOM 326 C CA . ALA B 2 157 ? 13.007  31.008  4.679   1.00 50.00 ? 157 ALA 1 CA 1 
ATOM 327 C CA . PRO B 2 158 ? 12.703  32.401  8.190   1.00 50.00 ? 158 PRO 1 CA 1 
ATOM 328 C CA . ASN B 2 159 ? 9.497   31.039  9.755   1.00 50.00 ? 159 ASN 1 CA 1 
ATOM 329 C CA . PRO B 2 160 ? 7.113   33.350  11.644  1.00 50.00 ? 160 PRO 1 CA 1 
ATOM 330 C CA . LYS B 2 161 ? 7.528   33.321  15.386  1.00 50.00 ? 161 LYS 1 CA 1 
ATOM 331 C CA . GLU B 2 162 ? 4.939   35.827  16.462  1.00 50.00 ? 162 GLU 1 CA 1 
ATOM 332 C CA . TRP B 2 163 ? 1.836   36.834  14.580  1.00 50.00 ? 163 TRP 1 CA 1 
ATOM 333 C CA . ASP B 2 164 ? 3.558   40.052  13.668  1.00 50.00 ? 164 ASP 1 CA 1 
ATOM 334 C CA . ASP B 2 165 ? 7.279   39.236  13.104  1.00 50.00 ? 165 ASP 1 CA 1 
ATOM 335 C CA . TYR B 2 166 ? 9.511   40.782  10.426  1.00 50.00 ? 166 TYR 1 CA 1 
ATOM 336 C CA . THR B 2 167 ? 8.777   37.542  8.544   1.00 50.00 ? 167 THR 1 CA 1 
ATOM 337 C CA . TRP B 2 168 ? 5.332   38.762  7.587   1.00 50.00 ? 168 TRP 1 CA 1 
ATOM 338 C CA . GLN B 2 169 ? 6.957   41.573  5.595   1.00 50.00 ? 169 GLN 1 CA 1 
ATOM 339 C CA . SER B 2 170 ? 7.383   38.805  3.070   1.00 50.00 ? 170 SER 1 CA 1 
ATOM 340 C CA . ALA B 2 171 ? 9.512   40.913  0.769   1.00 50.00 ? 171 ALA 1 CA 1 
ATOM 341 C CA . SER B 2 172 ? 10.702  38.003  -1.274  1.00 50.00 ? 172 SER 1 CA 1 
ATOM 342 C CA . ASN B 2 173 ? 8.049   35.313  -0.515  1.00 50.00 ? 173 ASN 1 CA 1 
ATOM 343 C CA . PRO B 2 174 ? 4.719   35.290  -2.351  1.00 50.00 ? 174 PRO 1 CA 1 
ATOM 344 C CA . SER B 2 175 ? 1.824   36.185  -0.025  1.00 50.00 ? 175 SER 1 CA 1 
ATOM 345 C CA . VAL B 2 176 ? -1.891  36.814  -0.711  1.00 50.00 ? 176 VAL 1 CA 1 
ATOM 346 C CA . PHE B 2 177 ? -4.174  39.031  1.559   1.00 50.00 ? 177 PHE 1 CA 1 
ATOM 347 C CA . PHE B 2 178 ? -7.960  38.317  1.231   1.00 50.00 ? 178 PHE 1 CA 1 
ATOM 348 C CA . LYS B 2 179 ? -11.006 38.864  3.479   1.00 50.00 ? 179 LYS 1 CA 1 
ATOM 349 C CA . VAL B 2 180 ? -12.533 36.238  5.746   1.00 50.00 ? 180 VAL 1 CA 1 
ATOM 350 C CA . GLY B 2 181 ? -15.746 35.002  3.980   1.00 50.00 ? 181 GLY 1 CA 1 
ATOM 351 C CA . ASP B 2 182 ? -14.080 35.481  0.647   1.00 50.00 ? 182 ASP 1 CA 1 
ATOM 352 C CA . THR B 2 183 ? -11.797 33.161  -1.203  1.00 50.00 ? 183 THR 1 CA 1 
ATOM 353 C CA . SER B 2 184 ? -8.286  33.580  -2.523  1.00 50.00 ? 184 SER 1 CA 1 
ATOM 354 C CA . ARG B 2 185 ? -7.042  31.841  -5.640  1.00 50.00 ? 185 ARG 1 CA 1 
ATOM 355 C CA . PHE B 2 186 ? -3.661  31.682  -7.290  1.00 50.00 ? 186 PHE 1 CA 1 
ATOM 356 C CA . SER B 2 187 ? -1.791  28.830  -9.082  1.00 50.00 ? 187 SER 1 CA 1 
ATOM 357 C CA . VAL B 2 188 ? 1.745   27.565  -8.453  1.00 50.00 ? 188 VAL 1 CA 1 
ATOM 358 C CA . PRO B 2 189 ? 3.858   25.896  -11.177 1.00 50.00 ? 189 PRO 1 CA 1 
ATOM 359 C CA . TYR B 2 190 ? 5.085   22.307  -10.602 1.00 50.00 ? 190 TYR 1 CA 1 
ATOM 360 C CA . VAL B 2 191 ? 7.666   22.898  -7.858  1.00 50.00 ? 191 VAL 1 CA 1 
ATOM 361 C CA . GLY B 2 192 ? 9.100   19.353  -7.634  1.00 50.00 ? 192 GLY 1 CA 1 
ATOM 362 C CA . LEU B 2 193 ? 12.855  18.903  -7.591  1.00 50.00 ? 193 LEU 1 CA 1 
ATOM 363 C CA . ALA B 2 194 ? 12.763  15.858  -9.993  1.00 50.00 ? 194 ALA 1 CA 1 
ATOM 364 C CA . SER B 2 195 ? 10.861  15.338  -13.236 1.00 50.00 ? 195 SER 1 CA 1 
ATOM 365 C CA . ALA B 2 196 ? 7.712   14.139  -11.441 1.00 50.00 ? 196 ALA 1 CA 1 
ATOM 366 C CA . TYR B 2 197 ? 6.493   13.992  -7.794  1.00 50.00 ? 197 TYR 1 CA 1 
ATOM 367 C CA . ASN B 2 198 ? 6.948   10.453  -6.360  1.00 50.00 ? 198 ASN 1 CA 1 
ATOM 368 C CA . CYS B 2 199 ? 3.608   9.101   -5.139  1.00 50.00 ? 199 CYS 1 CA 1 
ATOM 369 C CA . PHE B 2 200 ? 5.737   6.318   -3.651  1.00 50.00 ? 200 PHE 1 CA 1 
ATOM 370 C CA . TYR B 2 201 ? 9.432   5.996   -2.885  1.00 50.00 ? 201 TYR 1 CA 1 
ATOM 371 C CA . ASP B 2 202 ? 11.039  2.736   -1.693  1.00 50.00 ? 202 ASP 1 CA 1 
ATOM 372 C CA . GLY B 2 203 ? 14.128  4.506   -0.392  1.00 50.00 ? 203 GLY 1 CA 1 
ATOM 373 C CA . TYR B 2 204 ? 15.811  6.571   2.334   1.00 50.00 ? 204 TYR 1 CA 1 
ATOM 374 C CA . SER B 2 205 ? 17.456  10.007  2.291   1.00 50.00 ? 205 SER 1 CA 1 
ATOM 375 C CA . HIS B 2 206 ? 20.762  8.319   2.884   1.00 50.00 ? 206 HIS 1 CA 1 
ATOM 376 C CA . ASP B 2 207 ? 22.100  4.981   3.977   1.00 50.00 ? 207 ASP 1 CA 1 
ATOM 377 C CA . ASP B 2 208 ? 21.523  5.652   7.679   1.00 50.00 ? 208 ASP 1 CA 1 
ATOM 378 C CA . ALA B 2 209 ? 20.485  2.828   9.953   1.00 50.00 ? 209 ALA 1 CA 1 
ATOM 379 C CA . GLU B 2 210 ? 17.675  4.709   11.593  1.00 50.00 ? 210 GLU 1 CA 1 
ATOM 380 C CA . THR B 2 211 ? 16.621  7.300   8.964   1.00 50.00 ? 211 THR 1 CA 1 
ATOM 381 C CA . GLN B 2 212 ? 12.871  7.476   8.124   1.00 50.00 ? 212 GLN 1 CA 1 
ATOM 382 C CA . TYR B 2 213 ? 11.689  5.251   5.230   1.00 50.00 ? 213 TYR 1 CA 1 
ATOM 383 C CA . GLY B 2 214 ? 9.328   6.342   2.484   1.00 50.00 ? 214 GLY 1 CA 1 
ATOM 384 C CA . ILE B 2 215 ? 8.702   9.981   3.353   1.00 50.00 ? 215 ILE 1 CA 1 
ATOM 385 C CA . THR B 2 216 ? 10.696  12.063  0.846   1.00 50.00 ? 216 THR 1 CA 1 
ATOM 386 C CA . VAL B 2 217 ? 11.529  15.536  -0.302  1.00 50.00 ? 217 VAL 1 CA 1 
ATOM 387 C CA . LEU B 2 218 ? 10.697  14.149  -3.760  1.00 50.00 ? 218 LEU 1 CA 1 
ATOM 388 C CA . ASN B 2 219 ? 7.111   15.095  -2.920  1.00 50.00 ? 219 ASN 1 CA 1 
ATOM 389 C CA . HIS B 2 220 ? 7.716   18.383  -1.187  1.00 50.00 ? 220 HIS 1 CA 1 
ATOM 390 C CA . MET B 2 221 ? 5.483   21.207  -2.408  1.00 50.00 ? 221 MET 1 CA 1 
ATOM 391 C CA . GLY B 2 222 ? 6.363   24.060  -0.134  1.00 50.00 ? 222 GLY 1 CA 1 
ATOM 392 C CA . SER B 2 223 ? 4.550   25.146  2.988   1.00 50.00 ? 223 SER 1 CA 1 
ATOM 393 C CA . MET B 2 224 ? 2.084   27.934  3.927   1.00 50.00 ? 224 MET 1 CA 1 
ATOM 394 C CA . ALA B 2 225 ? 1.608   30.175  7.059   1.00 50.00 ? 225 ALA 1 CA 1 
ATOM 395 C CA . PHE B 2 226 ? -1.730  31.950  7.826   1.00 50.00 ? 226 PHE 1 CA 1 
ATOM 396 C CA . ARG B 2 227 ? -2.520  34.823  10.199  1.00 50.00 ? 227 ARG 1 CA 1 
ATOM 397 C CA . ILE B 2 228 ? -5.138  37.604  10.608  1.00 50.00 ? 228 ILE 1 CA 1 
ATOM 398 C CA . VAL B 2 229 ? -3.777  41.041  9.853   1.00 50.00 ? 229 VAL 1 CA 1 
ATOM 399 C CA . ASN B 2 230 ? -6.317  42.754  12.116  1.00 50.00 ? 230 ASN 1 CA 1 
ATOM 400 C CA . GLU B 2 231 ? -5.499  43.709  15.699  1.00 50.00 ? 231 GLU 1 CA 1 
ATOM 401 C CA . HIS B 2 232 ? -7.984  42.489  18.298  1.00 50.00 ? 232 HIS 1 CA 1 
ATOM 402 C CA . ASP B 2 233 ? -11.479 43.685  18.952  1.00 50.00 ? 233 ASP 1 CA 1 
ATOM 403 C CA . GLU B 2 234 ? -13.201 43.189  22.294  1.00 50.00 ? 234 GLU 1 CA 1 
ATOM 404 C CA . HIS B 2 235 ? -14.509 39.680  21.449  1.00 50.00 ? 235 HIS 1 CA 1 
ATOM 405 C CA . LYS B 2 236 ? -12.589 36.723  20.046  1.00 50.00 ? 236 LYS 1 CA 1 
ATOM 406 C CA . THR B 2 237 ? -13.097 35.488  16.488  1.00 50.00 ? 237 THR 1 CA 1 
ATOM 407 C CA . LEU B 2 238 ? -12.360 31.978  15.207  1.00 50.00 ? 238 LEU 1 CA 1 
ATOM 408 C CA . VAL B 2 239 ? -11.329 31.834  11.554  1.00 50.00 ? 239 VAL 1 CA 1 
ATOM 409 C CA . LYS B 2 240 ? -11.170 28.368  9.986   1.00 50.00 ? 240 LYS 1 CA 1 
ATOM 410 C CA . ILE B 2 241 ? -9.134  27.967  6.781   1.00 50.00 ? 241 ILE 1 CA 1 
ATOM 411 C CA . ARG B 2 242 ? -9.950  25.394  4.085   1.00 50.00 ? 242 ARG 1 CA 1 
ATOM 412 C CA . VAL B 2 243 ? -7.365  24.872  1.309   1.00 50.00 ? 243 VAL 1 CA 1 
ATOM 413 C CA . TYR B 2 244 ? -8.646  23.302  -1.971  1.00 50.00 ? 244 TYR 1 CA 1 
ATOM 414 C CA . HIS B 2 245 ? -6.229  21.934  -4.606  1.00 50.00 ? 245 HIS 1 CA 1 
ATOM 415 C CA . ARG B 2 246 ? -6.897  21.346  -8.347  1.00 50.00 ? 246 ARG 1 CA 1 
ATOM 416 C CA . ALA B 2 247 ? -4.297  19.722  -10.580 1.00 50.00 ? 247 ALA 1 CA 1 
ATOM 417 C CA . LYS B 2 248 ? -3.956  21.362  -14.041 1.00 50.00 ? 248 LYS 1 CA 1 
ATOM 418 C CA . HIS B 2 249 ? -1.682  20.088  -16.845 1.00 50.00 ? 249 HIS 1 CA 1 
ATOM 419 C CA . VAL B 2 250 ? -1.557  16.556  -15.448 1.00 50.00 ? 250 VAL 1 CA 1 
ATOM 420 C CA . GLU B 2 251 ? 0.889   13.828  -16.470 1.00 50.00 ? 251 GLU 1 CA 1 
ATOM 421 C CA . ALA B 2 252 ? 0.816   10.423  -14.707 1.00 50.00 ? 252 ALA 1 CA 1 
ATOM 422 C CA . TRP B 2 253 ? 3.032   7.331   -15.115 1.00 50.00 ? 253 TRP 1 CA 1 
ATOM 423 C CA . ILE B 2 254 ? 2.817   3.680   -14.053 1.00 50.00 ? 254 ILE 1 CA 1 
ATOM 424 C CA . PRO B 2 255 ? -0.660  2.636   -12.792 1.00 50.00 ? 255 PRO 1 CA 1 
ATOM 425 C CA . ARG B 2 256 ? -0.791  0.635   -9.524  1.00 50.00 ? 256 ARG 1 CA 1 
ATOM 426 C CA . ALA B 2 257 ? -3.374  -1.418  -7.584  1.00 50.00 ? 257 ALA 1 CA 1 
ATOM 427 C CA . PRO B 2 258 ? -5.952  0.854   -5.806  1.00 50.00 ? 258 PRO 1 CA 1 
ATOM 428 C CA . ARG B 2 259 ? -5.727  1.382   -2.049  1.00 50.00 ? 259 ARG 1 CA 1 
ATOM 429 C CA . ALA B 2 260 ? -7.711  -1.292  -0.191  1.00 50.00 ? 260 ALA 1 CA 1 
ATOM 430 C CA . LEU B 2 261 ? -7.030  -0.750  3.563   1.00 50.00 ? 261 LEU 1 CA 1 
ATOM 431 C CA . PRO B 2 262 ? -7.439  2.517   5.464   1.00 50.00 ? 262 PRO 1 CA 1 
ATOM 432 C CA . TYR B 2 263 ? -4.582  4.987   5.799   1.00 50.00 ? 263 TYR 1 CA 1 
ATOM 433 C CA . THR B 2 264 ? -2.801  5.750   9.079   1.00 50.00 ? 264 THR 1 CA 1 
ATOM 434 C CA . SER B 2 265 ? -0.060  8.259   8.217   1.00 50.00 ? 265 SER 1 CA 1 
ATOM 435 C CA . ILE B 2 266 ? 0.963   11.001  5.745   1.00 50.00 ? 266 ILE 1 CA 1 
ATOM 436 C CA . GLY B 2 267 ? 3.549   9.412   3.514   1.00 50.00 ? 267 GLY 1 CA 1 
ATOM 437 C CA . ARG B 2 268 ? 3.702   5.823   4.621   1.00 50.00 ? 268 ARG 1 CA 1 
ATOM 438 C CA . THR B 2 269 ? 1.794   2.931   3.159   1.00 50.00 ? 269 THR 1 CA 1 
ATOM 439 C CA . ASN B 2 270 ? 1.051   1.526   6.565   1.00 50.00 ? 270 ASN 1 CA 1 
ATOM 440 C CA . TYR B 2 271 ? -2.428  0.237   7.354   1.00 50.00 ? 271 TYR 1 CA 1 
ATOM 441 C CA . PRO B 2 272 ? -3.969  -0.276  10.793  1.00 50.00 ? 272 PRO 1 CA 1 
ATOM 442 C CA . LYS B 2 273 ? -3.686  -3.593  12.752  1.00 50.00 ? 273 LYS 1 CA 1 
ATOM 443 C CA . ASN B 2 274 ? -6.746  -5.761  13.197  1.00 50.00 ? 274 ASN 1 CA 1 
ATOM 444 C CA . THR B 2 275 ? -8.318  -3.962  10.271  1.00 50.00 ? 275 THR 1 CA 1 
ATOM 445 C CA . GLU B 2 276 ? -11.519 -5.633  8.857   1.00 50.00 ? 276 GLU 1 CA 1 
ATOM 446 C CA . PRO B 2 277 ? -11.845 -7.992  5.912   1.00 50.00 ? 277 PRO 1 CA 1 
ATOM 447 C CA . VAL B 2 278 ? -12.104 -5.721  2.878   1.00 50.00 ? 278 VAL 1 CA 1 
ATOM 448 C CA . ILE B 2 279 ? -13.679 -8.347  0.586   1.00 50.00 ? 279 ILE 1 CA 1 
ATOM 449 C CA . LYS B 2 280 ? -17.470 -8.741  1.329   1.00 50.00 ? 280 LYS 1 CA 1 
ATOM 450 C CA . LYS B 2 281 ? -18.293 -12.298 2.392   1.00 50.00 ? 281 LYS 1 CA 1 
ATOM 451 C CA . ARG B 2 282 ? -21.042 -14.008 0.472   1.00 50.00 ? 282 ARG 1 CA 1 
ATOM 452 C CA . LYS B 2 283 ? -24.395 -14.516 2.199   1.00 50.00 ? 283 LYS 1 CA 1 
ATOM 453 C CA . GLY B 2 284 ? -24.592 -18.069 0.817   1.00 50.00 ? 284 GLY 1 CA 1 
ATOM 454 C CA . ASP B 2 285 ? -22.473 -20.315 -1.288  1.00 50.00 ? 285 ASP 1 CA 1 
ATOM 455 C CA . ILE B 2 286 ? -19.961 -19.900 -4.026  1.00 50.00 ? 286 ILE 1 CA 1 
ATOM 456 C CA . LYS B 2 287 ? -22.991 -21.026 -6.025  1.00 50.00 ? 287 LYS 1 CA 1 
ATOM 457 C CA . SER B 2 288 ? -25.237 -18.187 -4.744  1.00 50.00 ? 288 SER 1 CA 1 
ATOM 458 C CA . TYR B 2 289 ? -26.560 -15.380 -6.950  1.00 50.00 ? 289 TYR 1 CA 1 
ATOM 459 C CA . GLY C 3 8   ? 9.415   -24.808 -35.591 1.00 50.00 ? 8   GLY 2 CA 1 
ATOM 460 C CA . TYR C 3 9   ? 10.038  -21.740 -33.387 1.00 50.00 ? 9   TYR 2 CA 1 
ATOM 461 C CA . SER C 3 10  ? 7.669   -21.997 -30.448 1.00 50.00 ? 10  SER 2 CA 1 
ATOM 462 C CA . ASP C 3 11  ? 6.860   -19.322 -27.949 1.00 50.00 ? 11  ASP 2 CA 1 
ATOM 463 C CA . ARG C 3 12  ? 7.906   -22.153 -25.696 1.00 50.00 ? 12  ARG 2 CA 1 
ATOM 464 C CA . VAL C 3 13  ? 11.660  -22.620 -26.250 1.00 50.00 ? 13  VAL 2 CA 1 
ATOM 465 C CA . GLN C 3 14  ? 14.039  -19.697 -25.763 1.00 50.00 ? 14  GLN 2 CA 1 
ATOM 466 C CA . GLN C 3 15  ? 17.648  -18.795 -25.332 1.00 50.00 ? 15  GLN 2 CA 1 
ATOM 467 C CA . ILE C 3 16  ? 18.926  -15.588 -23.685 1.00 50.00 ? 16  ILE 2 CA 1 
ATOM 468 C CA . THR C 3 17  ? 22.699  -15.006 -23.950 1.00 50.00 ? 17  THR 2 CA 1 
ATOM 469 C CA . LEU C 3 18  ? 23.979  -12.031 -21.982 1.00 50.00 ? 18  LEU 2 CA 1 
ATOM 470 C CA . GLY C 3 19  ? 27.635  -11.587 -21.424 1.00 50.00 ? 19  GLY 2 CA 1 
ATOM 471 C CA . ASN C 3 20  ? 29.346  -14.883 -20.747 1.00 50.00 ? 20  ASN 2 CA 1 
ATOM 472 C CA . SER C 3 21  ? 26.187  -16.575 -19.580 1.00 50.00 ? 21  SER 2 CA 1 
ATOM 473 C CA . THR C 3 22  ? 23.294  -18.287 -21.352 1.00 50.00 ? 22  THR 2 CA 1 
ATOM 474 C CA . ILE C 3 23  ? 19.874  -19.581 -20.268 1.00 50.00 ? 23  ILE 2 CA 1 
ATOM 475 C CA . THR C 3 24  ? 17.744  -22.036 -22.236 1.00 50.00 ? 24  THR 2 CA 1 
ATOM 476 C CA . THR C 3 25  ? 14.113  -22.773 -21.465 1.00 50.00 ? 25  THR 2 CA 1 
ATOM 477 C CA . GLN C 3 26  ? 12.137  -25.436 -23.289 1.00 50.00 ? 26  GLN 2 CA 1 
ATOM 478 C CA . GLU C 3 27  ? 8.848   -24.463 -21.623 1.00 50.00 ? 27  GLU 2 CA 1 
ATOM 479 C CA . ALA C 3 28  ? 8.433   -20.724 -21.617 1.00 50.00 ? 28  ALA 2 CA 1 
ATOM 480 C CA . ALA C 3 29  ? 5.197   -18.681 -21.967 1.00 50.00 ? 29  ALA 2 CA 1 
ATOM 481 C CA . ASN C 3 30  ? 6.454   -15.740 -24.075 1.00 50.00 ? 30  ASN 2 CA 1 
ATOM 482 C CA . ALA C 3 31  ? 8.253   -12.997 -22.008 1.00 50.00 ? 31  ALA 2 CA 1 
ATOM 483 C CA . VAL C 3 32  ? 7.084   -9.654  -20.740 1.00 50.00 ? 32  VAL 2 CA 1 
ATOM 484 C CA . VAL C 3 33  ? 8.852   -6.384  -21.415 1.00 50.00 ? 33  VAL 2 CA 1 
ATOM 485 C CA . CYS C 3 34  ? 7.668   -3.899  -18.813 1.00 50.00 ? 34  CYS 2 CA 1 
ATOM 486 C CA . TYR C 3 35  ? 5.483   -1.149  -20.261 1.00 50.00 ? 35  TYR 2 CA 1 
ATOM 487 C CA . ALA C 3 36  ? 6.568   -2.410  -23.634 1.00 50.00 ? 36  ALA 2 CA 1 
ATOM 488 C CA . GLU C 3 37  ? 9.987   -0.747  -23.343 1.00 50.00 ? 37  GLU 2 CA 1 
ATOM 489 C CA . TRP C 3 38  ? 13.402  -2.418  -23.540 1.00 50.00 ? 38  TRP 2 CA 1 
ATOM 490 C CA . PRO C 3 39  ? 16.297  -1.245  -21.347 1.00 50.00 ? 39  PRO 2 CA 1 
ATOM 491 C CA . GLU C 3 40  ? 18.395  1.542   -23.042 1.00 50.00 ? 40  GLU 2 CA 1 
ATOM 492 C CA . TYR C 3 41  ? 21.267  3.840   -21.870 1.00 50.00 ? 41  TYR 2 CA 1 
ATOM 493 C CA . LEU C 3 42  ? 20.772  7.346   -20.624 1.00 50.00 ? 42  LEU 2 CA 1 
ATOM 494 C CA . PRO C 3 43  ? 20.462  9.859   -23.443 1.00 50.00 ? 43  PRO 2 CA 1 
ATOM 495 C CA . ASP C 3 44  ? 22.202  13.252  -23.205 1.00 50.00 ? 44  ASP 2 CA 1 
ATOM 496 C CA . VAL C 3 45  ? 18.978  15.173  -23.602 1.00 50.00 ? 45  VAL 2 CA 1 
ATOM 497 C CA . ASP C 3 46  ? 17.914  13.532  -20.315 1.00 50.00 ? 46  ASP 2 CA 1 
ATOM 498 C CA . ALA C 3 47  ? 21.259  13.849  -18.528 1.00 50.00 ? 47  ALA 2 CA 1 
ATOM 499 C CA . SER C 3 48  ? 22.044  16.187  -15.655 1.00 50.00 ? 48  SER 2 CA 1 
ATOM 500 C CA . ASP C 3 49  ? 25.252  15.075  -13.868 1.00 50.00 ? 49  ASP 2 CA 1 
ATOM 501 C CA . VAL C 3 50  ? 28.160  16.230  -16.084 1.00 50.00 ? 50  VAL 2 CA 1 
ATOM 502 C CA . ASN C 3 51  ? 30.295  13.178  -15.386 1.00 50.00 ? 51  ASN 2 CA 1 
ATOM 503 C CA . LYS C 3 52  ? 31.101  10.741  -18.231 1.00 50.00 ? 52  LYS 2 CA 1 
ATOM 504 C CA . THR C 3 53  ? 29.566  7.393   -17.045 1.00 50.00 ? 53  THR 2 CA 1 
ATOM 505 C CA . SER C 3 54  ? 31.299  3.941   -16.883 1.00 50.00 ? 54  SER 2 CA 1 
ATOM 506 C CA . LYS C 3 55  ? 29.732  1.055   -18.788 1.00 50.00 ? 55  LYS 2 CA 1 
ATOM 507 C CA . PRO C 3 56  ? 31.419  -2.152  -17.684 1.00 50.00 ? 56  PRO 2 CA 1 
ATOM 508 C CA . ASP C 3 57  ? 29.340  -3.962  -20.260 1.00 50.00 ? 57  ASP 2 CA 1 
ATOM 509 C CA . THR C 3 58  ? 29.861  -7.727  -20.253 1.00 50.00 ? 58  THR 2 CA 1 
ATOM 510 C CA . SER C 3 59  ? 31.428  -7.913  -16.791 1.00 50.00 ? 59  SER 2 CA 1 
ATOM 511 C CA . VAL C 3 60  ? 28.272  -6.601  -15.125 1.00 50.00 ? 60  VAL 2 CA 1 
ATOM 512 C CA . CYS C 3 61  ? 25.638  -7.522  -17.747 1.00 50.00 ? 61  CYS 2 CA 1 
ATOM 513 C CA . ARG C 3 62  ? 25.607  -11.284 -17.248 1.00 50.00 ? 62  ARG 2 CA 1 
ATOM 514 C CA . PHE C 3 63  ? 23.254  -13.614 -15.326 1.00 50.00 ? 63  PHE 2 CA 1 
ATOM 515 C CA . TYR C 3 64  ? 23.588  -13.995 -11.520 1.00 50.00 ? 64  TYR 2 CA 1 
ATOM 516 C CA . THR C 3 65  ? 21.601  -16.928 -10.038 1.00 50.00 ? 65  THR 2 CA 1 
ATOM 517 C CA . LEU C 3 66  ? 20.485  -16.119 -6.472  1.00 50.00 ? 66  LEU 2 CA 1 
ATOM 518 C CA . ASP C 3 67  ? 20.239  -18.894 -3.909  1.00 50.00 ? 67  ASP 2 CA 1 
ATOM 519 C CA . SER C 3 68  ? 17.253  -21.199 -4.288  1.00 50.00 ? 68  SER 2 CA 1 
ATOM 520 C CA . LYS C 3 69  ? 13.897  -21.101 -2.421  1.00 50.00 ? 69  LYS 2 CA 1 
ATOM 521 C CA . THR C 3 70  ? 11.662  -24.059 -1.479  1.00 50.00 ? 70  THR 2 CA 1 
ATOM 522 C CA . TRP C 3 71  ? 7.980   -23.977 -2.342  1.00 50.00 ? 71  TRP 2 CA 1 
ATOM 523 C CA . THR C 3 72  ? 6.002   -26.028 0.028   1.00 50.00 ? 72  THR 2 CA 1 
ATOM 524 C CA . THR C 3 73  ? 2.386   -26.245 0.731   1.00 50.00 ? 73  THR 2 CA 1 
ATOM 525 C CA . GLY C 3 74  ? 2.706   -23.690 3.408   1.00 50.00 ? 74  GLY 2 CA 1 
ATOM 526 C CA . SER C 3 75  ? 4.643   -21.033 1.434   1.00 50.00 ? 75  SER 2 CA 1 
ATOM 527 C CA . LYS C 3 76  ? 3.277   -17.507 1.416   1.00 50.00 ? 76  LYS 2 CA 1 
ATOM 528 C CA . GLY C 3 77  ? 5.589   -15.913 -1.235  1.00 50.00 ? 77  GLY 2 CA 1 
ATOM 529 C CA . TRP C 3 78  ? 9.048   -14.178 -1.387  1.00 50.00 ? 78  TRP 2 CA 1 
ATOM 530 C CA . CYS C 3 79  ? 10.131  -10.661 -2.238  1.00 50.00 ? 79  CYS 2 CA 1 
ATOM 531 C CA . TRP C 3 80  ? 13.496  -9.371  -3.546  1.00 50.00 ? 80  TRP 2 CA 1 
ATOM 532 C CA . LYS C 3 81  ? 14.432  -5.720  -4.165  1.00 50.00 ? 81  LYS 2 CA 1 
ATOM 533 C CA . LEU C 3 82  ? 16.673  -4.439  -7.058  1.00 50.00 ? 82  LEU 2 CA 1 
ATOM 534 C CA . PRO C 3 83  ? 19.456  -3.468  -7.174  1.00 50.00 ? 83  PRO 2 CA 1 
ATOM 535 C CA . ASP C 3 84  ? 19.771  -4.875  -3.619  1.00 50.00 ? 84  ASP 2 CA 1 
ATOM 536 C CA . ALA C 3 85  ? 19.492  -8.554  -4.467  1.00 50.00 ? 85  ALA 2 CA 1 
ATOM 537 C CA . LEU C 3 86  ? 22.620  -8.098  -6.565  1.00 50.00 ? 86  LEU 2 CA 1 
ATOM 538 C CA . LYS C 3 87  ? 24.645  -5.937  -4.053  1.00 50.00 ? 87  LYS 2 CA 1 
ATOM 539 C CA . ASP C 3 88  ? 27.162  -8.728  -3.768  1.00 50.00 ? 88  ASP 2 CA 1 
ATOM 540 C CA . MET C 3 89  ? 27.320  -10.271 -7.221  1.00 50.00 ? 89  MET 2 CA 1 
ATOM 541 C CA . GLY C 3 90  ? 30.740  -10.075 -8.823  1.00 50.00 ? 90  GLY 2 CA 1 
ATOM 542 C CA . VAL C 3 91  ? 31.813  -6.777  -10.316 1.00 50.00 ? 91  VAL 2 CA 1 
ATOM 543 C CA . PHE C 3 92  ? 28.183  -5.534  -10.492 1.00 50.00 ? 92  PHE 2 CA 1 
ATOM 544 C CA . GLY C 3 93  ? 28.233  -5.195  -6.756  1.00 50.00 ? 93  GLY 2 CA 1 
ATOM 545 C CA . GLN C 3 94  ? 31.664  -3.579  -6.517  1.00 50.00 ? 94  GLN 2 CA 1 
ATOM 546 C CA . ASN C 3 95  ? 30.702  -0.880  -9.022  1.00 50.00 ? 95  ASN 2 CA 1 
ATOM 547 C CA . MET C 3 96  ? 27.572  -0.356  -6.979  1.00 50.00 ? 96  MET 2 CA 1 
ATOM 548 C CA . PHE C 3 97  ? 29.392  0.468   -3.721  1.00 50.00 ? 97  PHE 2 CA 1 
ATOM 549 C CA . PHE C 3 98  ? 32.121  2.437   -5.435  1.00 50.00 ? 98  PHE 2 CA 1 
ATOM 550 C CA . HIS C 3 99  ? 30.099  4.958   -7.547  1.00 50.00 ? 99  HIS 2 CA 1 
ATOM 551 C CA . SER C 3 100 ? 27.900  7.731   -6.254  1.00 50.00 ? 100 SER 2 CA 1 
ATOM 552 C CA . LEU C 3 101 ? 25.190  7.019   -8.874  1.00 50.00 ? 101 LEU 2 CA 1 
ATOM 553 C CA . GLY C 3 102 ? 24.391  4.100   -11.211 1.00 50.00 ? 102 GLY 2 CA 1 
ATOM 554 C CA . ARG C 3 103 ? 21.437  3.030   -13.390 1.00 50.00 ? 103 ARG 2 CA 1 
ATOM 555 C CA . SER C 3 104 ? 20.328  -0.328  -14.798 1.00 50.00 ? 104 SER 2 CA 1 
ATOM 556 C CA . GLY C 3 105 ? 17.592  -2.442  -16.428 1.00 50.00 ? 105 GLY 2 CA 1 
ATOM 557 C CA . TYR C 3 106 ? 17.400  -6.247  -15.867 1.00 50.00 ? 106 TYR 2 CA 1 
ATOM 558 C CA . THR C 3 107 ? 16.310  -9.532  -17.377 1.00 50.00 ? 107 THR 2 CA 1 
ATOM 559 C CA . VAL C 3 108 ? 14.624  -11.631 -14.568 1.00 50.00 ? 108 VAL 2 CA 1 
ATOM 560 C CA . HIS C 3 109 ? 14.201  -15.389 -15.251 1.00 50.00 ? 109 HIS 2 CA 1 
ATOM 561 C CA . VAL C 3 110 ? 12.248  -17.328 -12.510 1.00 50.00 ? 110 VAL 2 CA 1 
ATOM 562 C CA . GLN C 3 111 ? 12.478  -21.133 -12.755 1.00 50.00 ? 111 GLN 2 CA 1 
ATOM 563 C CA . CYS C 3 112 ? 10.303  -23.904 -11.322 1.00 50.00 ? 112 CYS 2 CA 1 
ATOM 564 C CA . ASN C 3 113 ? 9.829   -27.315 -12.988 1.00 50.00 ? 113 ASN 2 CA 1 
ATOM 565 C CA . ALA C 3 114 ? 7.626   -30.218 -11.759 1.00 50.00 ? 114 ALA 2 CA 1 
ATOM 566 C CA . THR C 3 115 ? 5.856   -33.047 -13.671 1.00 50.00 ? 115 THR 2 CA 1 
ATOM 567 C CA . LYS C 3 116 ? 2.488   -33.478 -15.460 1.00 50.00 ? 116 LYS 2 CA 1 
ATOM 568 C CA . PHE C 3 117 ? 0.961   -34.780 -12.194 1.00 50.00 ? 117 PHE 2 CA 1 
ATOM 569 C CA . HIS C 3 118 ? 1.782   -31.664 -10.100 1.00 50.00 ? 118 HIS 2 CA 1 
ATOM 570 C CA . SER C 3 119 ? -0.492  -28.572 -9.901  1.00 50.00 ? 119 SER 2 CA 1 
ATOM 571 C CA . GLY C 3 120 ? 0.339   -25.134 -8.443  1.00 50.00 ? 120 GLY 2 CA 1 
ATOM 572 C CA . CYS C 3 121 ? 0.642   -21.675 -9.975  1.00 50.00 ? 121 CYS 2 CA 1 
ATOM 573 C CA . LEU C 3 122 ? 3.046   -18.831 -8.940  1.00 50.00 ? 122 LEU 2 CA 1 
ATOM 574 C CA . LEU C 3 123 ? 2.522   -15.102 -9.839  1.00 50.00 ? 123 LEU 2 CA 1 
ATOM 575 C CA . VAL C 3 124 ? 5.862   -13.453 -10.826 1.00 50.00 ? 124 VAL 2 CA 1 
ATOM 576 C CA . VAL C 3 125 ? 5.418   -9.635  -10.736 1.00 50.00 ? 125 VAL 2 CA 1 
ATOM 577 C CA . VAL C 3 126 ? 7.660   -6.561  -10.847 1.00 50.00 ? 126 VAL 2 CA 1 
ATOM 578 C CA . ILE C 3 127 ? 6.434   -3.543  -8.836  1.00 50.00 ? 127 ILE 2 CA 1 
ATOM 579 C CA . PRO C 3 128 ? 8.072   -0.154  -9.592  1.00 50.00 ? 128 PRO 2 CA 1 
ATOM 580 C CA . GLU C 3 129 ? 8.584   1.759   -6.350  1.00 50.00 ? 129 GLU 2 CA 1 
ATOM 581 C CA . HIS C 3 130 ? 7.215   -0.794  -3.883  1.00 50.00 ? 130 HIS 2 CA 1 
ATOM 582 C CA . GLN C 3 131 ? 7.185   1.260   -0.629  1.00 50.00 ? 131 GLN 2 CA 1 
ATOM 583 C CA . LEU C 3 132 ? 6.479   -1.345  2.132   1.00 50.00 ? 132 LEU 2 CA 1 
ATOM 584 C CA . ALA C 3 133 ? 4.252   -0.805  5.205   1.00 50.00 ? 133 ALA 2 CA 1 
ATOM 585 C CA . SER C 3 134 ? 5.278   -1.205  8.867   1.00 50.00 ? 134 SER 2 CA 1 
ATOM 586 C CA . HIS C 3 135 ? 3.203   -3.936  10.577  1.00 50.00 ? 135 HIS 2 CA 1 
ATOM 587 C CA . GLU C 3 136 ? 3.071   -1.610  13.599  1.00 50.00 ? 136 GLU 2 CA 1 
ATOM 588 C CA . GLY C 3 137 ? 0.585   0.740   11.866  1.00 50.00 ? 137 GLY 2 CA 1 
ATOM 589 C CA . GLY C 3 138 ? 0.539   4.449   12.645  1.00 50.00 ? 138 GLY 2 CA 1 
ATOM 590 C CA . ASN C 3 139 ? 3.668   6.035   11.189  1.00 50.00 ? 139 ASN 2 CA 1 
ATOM 591 C CA . VAL C 3 140 ? 6.223   3.488   12.368  1.00 50.00 ? 140 VAL 2 CA 1 
ATOM 592 C CA . SER C 3 141 ? 9.010   3.367   9.717   1.00 50.00 ? 141 SER 2 CA 1 
ATOM 593 C CA . VAL C 3 142 ? 10.564  0.232   8.200   1.00 50.00 ? 142 VAL 2 CA 1 
ATOM 594 C CA . LYS C 3 143 ? 14.277  0.256   9.004   1.00 50.00 ? 143 LYS 2 CA 1 
ATOM 595 C CA . TYR C 3 144 ? 16.882  0.090   6.254   1.00 50.00 ? 144 TYR 2 CA 1 
ATOM 596 C CA . THR C 3 145 ? 18.186  -3.332  6.962   1.00 50.00 ? 145 THR 2 CA 1 
ATOM 597 C CA . PHE C 3 146 ? 14.685  -4.669  6.676   1.00 50.00 ? 146 PHE 2 CA 1 
ATOM 598 C CA . THR C 3 147 ? 14.220  -3.383  3.164   1.00 50.00 ? 147 THR 2 CA 1 
ATOM 599 C CA . HIS C 3 148 ? 17.695  -4.458  2.091   1.00 50.00 ? 148 HIS 2 CA 1 
ATOM 600 C CA . PRO C 3 149 ? 17.598  -8.216  2.607   1.00 50.00 ? 149 PRO 2 CA 1 
ATOM 601 C CA . GLY C 3 150 ? 20.207  -8.801  -0.105  1.00 50.00 ? 150 GLY 2 CA 1 
ATOM 602 C CA . GLU C 3 151 ? 20.135  -12.046 -2.073  1.00 50.00 ? 151 GLU 2 CA 1 
ATOM 603 C CA . ARG C 3 152 ? 18.101  -13.673 0.677   1.00 50.00 ? 152 ARG 2 CA 1 
ATOM 604 C CA . GLY C 3 153 ? 15.096  -11.459 -0.126  1.00 50.00 ? 153 GLY 2 CA 1 
ATOM 605 C CA . ILE C 3 154 ? 12.177  -11.230 2.282   1.00 50.00 ? 154 ILE 2 CA 1 
ATOM 606 C CA . ASP C 3 155 ? 10.158  -14.373 3.163   1.00 50.00 ? 155 ASP 2 CA 1 
ATOM 607 C CA . LEU C 3 156 ? 6.542   -13.494 3.501   1.00 50.00 ? 156 LEU 2 CA 1 
ATOM 608 C CA . SER C 3 157 ? 5.934   -16.469 5.763   1.00 50.00 ? 157 SER 2 CA 1 
ATOM 609 C CA . SER C 3 158 ? 8.628   -15.423 8.224   1.00 50.00 ? 158 SER 2 CA 1 
ATOM 610 C CA . ALA C 3 159 ? 7.496   -13.671 11.433  1.00 50.00 ? 159 ALA 2 CA 1 
ATOM 611 C CA . ASN C 3 160 ? 6.913   -9.955  11.975  1.00 50.00 ? 160 ASN 2 CA 1 
ATOM 612 C CA . GLU C 3 161 ? 10.174  -8.463  13.286  1.00 50.00 ? 161 GLU 2 CA 1 
ATOM 613 C CA . VAL C 3 162 ? 10.698  -5.040  14.856  1.00 50.00 ? 162 VAL 2 CA 1 
ATOM 614 C CA . GLY C 3 163 ? 11.428  -2.311  12.397  1.00 50.00 ? 163 GLY 2 CA 1 
ATOM 615 C CA . GLY C 3 164 ? 10.660  -4.702  9.595   1.00 50.00 ? 164 GLY 2 CA 1 
ATOM 616 C CA . PRO C 3 165 ? 7.752   -4.535  7.107   1.00 50.00 ? 165 PRO 2 CA 1 
ATOM 617 C CA . VAL C 3 166 ? 4.377   -6.319  7.404   1.00 50.00 ? 166 VAL 2 CA 1 
ATOM 618 C CA . LYS C 3 167 ? 4.363   -9.695  5.528   1.00 50.00 ? 167 LYS 2 CA 1 
ATOM 619 C CA . ASP C 3 168 ? 0.656   -10.220 4.945   1.00 50.00 ? 168 ASP 2 CA 1 
ATOM 620 C CA . VAL C 3 169 ? 0.177   -11.461 1.356   1.00 50.00 ? 169 VAL 2 CA 1 
ATOM 621 C CA . LEU C 3 170 ? -3.529  -10.520 0.612   1.00 50.00 ? 170 LEU 2 CA 1 
ATOM 622 C CA . TYR C 3 171 ? -2.196  -6.910  1.009   1.00 50.00 ? 171 TYR 2 CA 1 
ATOM 623 C CA . ASN C 3 172 ? 1.003   -6.769  -1.121  1.00 50.00 ? 172 ASN 2 CA 1 
ATOM 624 C CA . MET C 3 173 ? 2.943   -5.456  1.911   1.00 50.00 ? 173 MET 2 CA 1 
ATOM 625 C CA . ASN C 3 174 ? 1.273   -2.073  1.361   1.00 50.00 ? 174 ASN 2 CA 1 
ATOM 626 C CA . GLY C 3 175 ? -2.502  -1.799  1.757   1.00 50.00 ? 175 GLY 2 CA 1 
ATOM 627 C CA . THR C 3 176 ? -3.539  -3.000  -1.739  1.00 50.00 ? 176 THR 2 CA 1 
ATOM 628 C CA . LEU C 3 177 ? -5.127  -6.342  -2.656  1.00 50.00 ? 177 LEU 2 CA 1 
ATOM 629 C CA . LEU C 3 178 ? -3.165  -9.315  -4.074  1.00 50.00 ? 178 LEU 2 CA 1 
ATOM 630 C CA . GLY C 3 179 ? -5.776  -9.665  -6.805  1.00 50.00 ? 179 GLY 2 CA 1 
ATOM 631 C CA . ASN C 3 180 ? -4.789  -6.324  -8.419  1.00 50.00 ? 180 ASN 2 CA 1 
ATOM 632 C CA . LEU C 3 181 ? -1.069  -6.907  -8.720  1.00 50.00 ? 181 LEU 2 CA 1 
ATOM 633 C CA . LEU C 3 182 ? -1.927  -7.938  -12.255 1.00 50.00 ? 182 LEU 2 CA 1 
ATOM 634 C CA . ILE C 3 183 ? -1.869  -4.237  -13.223 1.00 50.00 ? 183 ILE 2 CA 1 
ATOM 635 C CA . PHE C 3 184 ? 2.002   -4.560  -12.862 1.00 50.00 ? 184 PHE 2 CA 1 
ATOM 636 C CA . PRO C 3 185 ? 4.124   -6.314  -15.569 1.00 50.00 ? 185 PRO 2 CA 1 
ATOM 637 C CA . HIS C 3 186 ? 3.840   -9.937  -14.518 1.00 50.00 ? 186 HIS 2 CA 1 
ATOM 638 C CA . GLN C 3 187 ? 3.700   -13.542 -15.786 1.00 50.00 ? 187 GLN 2 CA 1 
ATOM 639 C CA . PHE C 3 188 ? 2.321   -16.749 -14.099 1.00 50.00 ? 188 PHE 2 CA 1 
ATOM 640 C CA . ILE C 3 189 ? 4.229   -20.076 -13.781 1.00 50.00 ? 189 ILE 2 CA 1 
ATOM 641 C CA . ASN C 3 190 ? 1.376   -22.733 -13.926 1.00 50.00 ? 190 ASN 2 CA 1 
ATOM 642 C CA . LEU C 3 191 ? 3.056   -26.139 -13.550 1.00 50.00 ? 191 LEU 2 CA 1 
ATOM 643 C CA . ARG C 3 192 ? 0.682   -27.469 -16.138 1.00 50.00 ? 192 ARG 2 CA 1 
ATOM 644 C CA . THR C 3 193 ? 1.792   -24.920 -18.781 1.00 50.00 ? 193 THR 2 CA 1 
ATOM 645 C CA . ASN C 3 194 ? 4.889   -23.042 -17.954 1.00 50.00 ? 194 ASN 2 CA 1 
ATOM 646 C CA . ASN C 3 195 ? 8.177   -23.798 -16.083 1.00 50.00 ? 195 ASN 2 CA 1 
ATOM 647 C CA . THR C 3 196 ? 9.805   -20.341 -16.230 1.00 50.00 ? 196 THR 2 CA 1 
ATOM 648 C CA . ALA C 3 197 ? 8.747   -16.655 -16.249 1.00 50.00 ? 197 ALA 2 CA 1 
ATOM 649 C CA . THR C 3 198 ? 10.940  -13.951 -17.885 1.00 50.00 ? 198 THR 2 CA 1 
ATOM 650 C CA . ILE C 3 199 ? 10.445  -10.214 -17.514 1.00 50.00 ? 199 ILE 2 CA 1 
ATOM 651 C CA . VAL C 3 200 ? 12.719  -7.496  -19.074 1.00 50.00 ? 200 VAL 2 CA 1 
ATOM 652 C CA . ILE C 3 201 ? 12.761  -4.361  -16.880 1.00 50.00 ? 201 ILE 2 CA 1 
ATOM 653 C CA . PRO C 3 202 ? 13.658  -0.967  -18.365 1.00 50.00 ? 202 PRO 2 CA 1 
ATOM 654 C CA . TYR C 3 203 ? 15.008  1.601   -15.842 1.00 50.00 ? 203 TYR 2 CA 1 
ATOM 655 C CA . ILE C 3 204 ? 11.972  3.440   -14.298 1.00 50.00 ? 204 ILE 2 CA 1 
ATOM 656 C CA . ASN C 3 205 ? 12.635  6.510   -12.104 1.00 50.00 ? 205 ASN 2 CA 1 
ATOM 657 C CA . SER C 3 206 ? 11.673  10.208  -11.738 1.00 50.00 ? 206 SER 2 CA 1 
ATOM 658 C CA . VAL C 3 207 ? 15.362  11.168  -11.979 1.00 50.00 ? 207 VAL 2 CA 1 
ATOM 659 C CA . PRO C 3 208 ? 17.818  10.261  -14.739 1.00 50.00 ? 208 PRO 2 CA 1 
ATOM 660 C CA . ILE C 3 209 ? 20.200  8.332   -12.470 1.00 50.00 ? 209 ILE 2 CA 1 
ATOM 661 C CA . ASP C 3 210 ? 20.028  7.774   -8.729  1.00 50.00 ? 210 ASP 2 CA 1 
ATOM 662 C CA . SER C 3 211 ? 21.845  6.217   -5.794  1.00 50.00 ? 211 SER 2 CA 1 
ATOM 663 C CA . MET C 3 212 ? 21.914  2.416   -5.885  1.00 50.00 ? 212 MET 2 CA 1 
ATOM 664 C CA . THR C 3 213 ? 22.064  2.005   -2.149  1.00 50.00 ? 213 THR 2 CA 1 
ATOM 665 C CA . ARG C 3 214 ? 19.518  4.404   -0.660  1.00 50.00 ? 214 ARG 2 CA 1 
ATOM 666 C CA . HIS C 3 215 ? 16.754  3.553   -3.119  1.00 50.00 ? 215 HIS 2 CA 1 
ATOM 667 C CA . ASN C 3 216 ? 15.564  0.271   -4.646  1.00 50.00 ? 216 ASN 2 CA 1 
ATOM 668 C CA . ASN C 3 217 ? 13.537  0.831   -7.800  1.00 50.00 ? 217 ASN 2 CA 1 
ATOM 669 C CA . VAL C 3 218 ? 11.635  -2.467  -8.222  1.00 50.00 ? 218 VAL 2 CA 1 
ATOM 670 C CA . SER C 3 219 ? 10.692  -5.386  -5.996  1.00 50.00 ? 219 SER 2 CA 1 
ATOM 671 C CA . LEU C 3 220 ? 10.407  -8.730  -7.816  1.00 50.00 ? 220 LEU 2 CA 1 
ATOM 672 C CA . MET C 3 221 ? 7.757   -10.840 -6.030  1.00 50.00 ? 221 MET 2 CA 1 
ATOM 673 C CA . VAL C 3 222 ? 7.080   -14.590 -6.531  1.00 50.00 ? 222 VAL 2 CA 1 
ATOM 674 C CA . ILE C 3 223 ? 3.768   -15.622 -4.803  1.00 50.00 ? 223 ILE 2 CA 1 
ATOM 675 C CA . PRO C 3 224 ? 2.167   -19.099 -4.804  1.00 50.00 ? 224 PRO 2 CA 1 
ATOM 676 C CA . ILE C 3 225 ? -1.541  -18.485 -5.650  1.00 50.00 ? 225 ILE 2 CA 1 
ATOM 677 C CA . ALA C 3 226 ? -2.868  -21.972 -6.496  1.00 50.00 ? 226 ALA 2 CA 1 
ATOM 678 C CA . PRO C 3 227 ? -1.167  -24.056 -3.783  1.00 50.00 ? 227 PRO 2 CA 1 
ATOM 679 C CA . LEU C 3 228 ? 1.422   -26.657 -4.725  1.00 50.00 ? 228 LEU 2 CA 1 
ATOM 680 C CA . THR C 3 229 ? -0.174  -30.097 -4.998  1.00 50.00 ? 229 THR 2 CA 1 
ATOM 681 C CA . VAL C 3 230 ? 2.203   -33.018 -5.548  1.00 50.00 ? 230 VAL 2 CA 1 
ATOM 682 C CA . PRO C 3 231 ? 1.314   -36.445 -6.890  1.00 50.00 ? 231 PRO 2 CA 1 
ATOM 683 C CA . THR C 3 232 ? 0.683   -39.122 -4.328  1.00 50.00 ? 232 THR 2 CA 1 
ATOM 684 C CA . GLY C 3 233 ? 3.544   -39.957 -2.094  1.00 50.00 ? 233 GLY 2 CA 1 
ATOM 685 C CA . ALA C 3 234 ? 5.662   -37.401 -3.933  1.00 50.00 ? 234 ALA 2 CA 1 
ATOM 686 C CA . THR C 3 235 ? 7.855   -35.212 -1.817  1.00 50.00 ? 235 THR 2 CA 1 
ATOM 687 C CA . PRO C 3 236 ? 5.712   -32.284 -0.962  1.00 50.00 ? 236 PRO 2 CA 1 
ATOM 688 C CA . SER C 3 237 ? 7.962   -29.489 -2.234  1.00 50.00 ? 237 SER 2 CA 1 
ATOM 689 C CA . LEU C 3 238 ? 9.703   -27.958 -5.313  1.00 50.00 ? 238 LEU 2 CA 1 
ATOM 690 C CA . PRO C 3 239 ? 12.681  -25.499 -5.356  1.00 50.00 ? 239 PRO 2 CA 1 
ATOM 691 C CA . ILE C 3 240 ? 12.125  -22.144 -7.118  1.00 50.00 ? 240 ILE 2 CA 1 
ATOM 692 C CA . THR C 3 241 ? 15.331  -20.484 -8.515  1.00 50.00 ? 241 THR 2 CA 1 
ATOM 693 C CA . VAL C 3 242 ? 15.654  -16.785 -9.480  1.00 50.00 ? 242 VAL 2 CA 1 
ATOM 694 C CA . THR C 3 243 ? 18.450  -15.782 -12.015 1.00 50.00 ? 243 THR 2 CA 1 
ATOM 695 C CA . ILE C 3 244 ? 18.757  -12.024 -12.768 1.00 50.00 ? 244 ILE 2 CA 1 
ATOM 696 C CA . ALA C 3 245 ? 21.031  -10.084 -15.191 1.00 50.00 ? 245 ALA 2 CA 1 
ATOM 697 C CA . PRO C 3 246 ? 21.728  -6.347  -15.084 1.00 50.00 ? 246 PRO 2 CA 1 
ATOM 698 C CA . MET C 3 247 ? 21.421  -4.899  -18.606 1.00 50.00 ? 247 MET 2 CA 1 
ATOM 699 C CA . CYS C 3 248 ? 22.600  -1.599  -20.001 1.00 50.00 ? 248 CYS 2 CA 1 
ATOM 700 C CA . THR C 3 249 ? 24.239  -0.731  -16.635 1.00 50.00 ? 249 THR 2 CA 1 
ATOM 701 C CA . GLU C 3 250 ? 25.981  2.630   -16.211 1.00 50.00 ? 250 GLU 2 CA 1 
ATOM 702 C CA . PHE C 3 251 ? 27.813  3.915   -13.134 1.00 50.00 ? 251 PHE 2 CA 1 
ATOM 703 C CA . SER C 3 252 ? 28.844  7.501   -12.506 1.00 50.00 ? 252 SER 2 CA 1 
ATOM 704 C CA . GLY C 3 253 ? 30.564  9.574   -9.803  1.00 50.00 ? 253 GLY 2 CA 1 
ATOM 705 C CA . ILE C 3 254 ? 33.335  7.225   -8.693  1.00 50.00 ? 254 ILE 2 CA 1 
ATOM 706 C CA . ARG C 3 255 ? 35.097  7.663   -5.391  1.00 50.00 ? 255 ARG 2 CA 1 
ATOM 707 C CA . SER C 3 256 ? 35.681  6.162   -2.059  1.00 50.00 ? 256 SER 2 CA 1 
ATOM 708 C CA . LYS C 3 257 ? 33.183  3.300   -1.619  1.00 50.00 ? 257 LYS 2 CA 1 
ATOM 709 C CA . SER C 3 258 ? 29.963  3.598   0.344   1.00 50.00 ? 258 SER 2 CA 1 
ATOM 710 C CA . ILE C 3 259 ? 29.578  2.149   3.847   1.00 50.00 ? 259 ILE 2 CA 1 
ATOM 711 C CA . VAL C 3 260 ? 25.956  1.146   4.531   1.00 50.00 ? 260 VAL 2 CA 1 
ATOM 712 C CA . PRO C 3 261 ? 24.196  0.108   7.646   1.00 50.00 ? 261 PRO 2 CA 1 
ATOM 713 C CA . GLN C 3 262 ? 24.617  -3.341  9.031   1.00 50.00 ? 262 GLN 2 CA 1 
ATOM 714 C CA . GLY D 4 1   ? -14.464 52.914  -17.792 1.00 50.00 ? 1   GLY 3 CA 1 
ATOM 715 C CA . LEU D 4 2   ? -16.552 50.184  -19.587 1.00 50.00 ? 2   LEU 3 CA 1 
ATOM 716 C CA . PRO D 4 3   ? -20.105 49.559  -18.172 1.00 50.00 ? 3   PRO 3 CA 1 
ATOM 717 C CA . THR D 4 4   ? -20.733 46.028  -16.807 1.00 50.00 ? 4   THR 3 CA 1 
ATOM 718 C CA . THR D 4 5   ? -23.512 44.126  -15.002 1.00 50.00 ? 5   THR 3 CA 1 
ATOM 719 C CA . THR D 4 6   ? -22.716 41.109  -12.714 1.00 50.00 ? 6   THR 3 CA 1 
ATOM 720 C CA . LEU D 4 7   ? -24.857 37.972  -13.016 1.00 50.00 ? 7   LEU 3 CA 1 
ATOM 721 C CA . PRO D 4 8   ? -26.190 35.517  -10.474 1.00 50.00 ? 8   PRO 3 CA 1 
ATOM 722 C CA . GLY D 4 9   ? -23.285 33.198  -9.489  1.00 50.00 ? 9   GLY 3 CA 1 
ATOM 723 C CA . SER D 4 10  ? -20.709 35.959  -9.189  1.00 50.00 ? 10  SER 3 CA 1 
ATOM 724 C CA . GLY D 4 11  ? -18.238 35.173  -6.476  1.00 50.00 ? 11  GLY 3 CA 1 
ATOM 725 C CA . GLN D 4 12  ? -19.172 31.474  -6.223  1.00 50.00 ? 12  GLN 3 CA 1 
ATOM 726 C CA . PHE D 4 13  ? -16.442 28.764  -6.058  1.00 50.00 ? 13  PHE 3 CA 1 
ATOM 727 C CA . LEU D 4 14  ? -17.465 25.661  -8.098  1.00 50.00 ? 14  LEU 3 CA 1 
ATOM 728 C CA . THR D 4 15  ? -14.843 22.911  -7.541  1.00 50.00 ? 15  THR 3 CA 1 
ATOM 729 C CA . THR D 4 16  ? -15.312 21.838  -11.201 1.00 50.00 ? 16  THR 3 CA 1 
ATOM 730 C CA . ASP D 4 17  ? -14.929 25.082  -13.129 1.00 50.00 ? 17  ASP 3 CA 1 
ATOM 731 C CA . ASP D 4 18  ? -11.689 25.620  -15.150 1.00 50.00 ? 18  ASP 3 CA 1 
ATOM 732 C CA . ARG D 4 19  ? -10.258 29.126  -15.381 1.00 50.00 ? 19  ARG 3 CA 1 
ATOM 733 C CA . GLN D 4 20  ? -6.978  31.081  -15.367 1.00 50.00 ? 20  GLN 3 CA 1 
ATOM 734 C CA . SER D 4 21  ? -5.257  32.300  -12.191 1.00 50.00 ? 21  SER 3 CA 1 
ATOM 735 C CA . PRO D 4 22  ? -2.232  34.421  -11.437 1.00 50.00 ? 22  PRO 3 CA 1 
ATOM 736 C CA . SER D 4 23  ? 0.949   32.366  -10.828 1.00 50.00 ? 23  SER 3 CA 1 
ATOM 737 C CA . ALA D 4 24  ? 2.345   32.921  -7.296  1.00 50.00 ? 24  ALA 3 CA 1 
ATOM 738 C CA . LEU D 4 25  ? 5.847   32.111  -8.589  1.00 50.00 ? 25  LEU 3 CA 1 
ATOM 739 C CA . PRO D 4 26  ? 6.287   34.433  -11.575 1.00 50.00 ? 26  PRO 3 CA 1 
ATOM 740 C CA . ASN D 4 27  ? 9.043   33.319  -13.829 1.00 50.00 ? 27  ASN 3 CA 1 
ATOM 741 C CA . TYR D 4 28  ? 10.062  30.095  -12.203 1.00 50.00 ? 28  TYR 3 CA 1 
ATOM 742 C CA . GLU D 4 29  ? 11.401  27.343  -14.390 1.00 50.00 ? 29  GLU 3 CA 1 
ATOM 743 C CA . PRO D 4 30  ? 10.190  23.801  -13.741 1.00 50.00 ? 30  PRO 3 CA 1 
ATOM 744 C CA . THR D 4 31  ? 12.535  20.785  -13.877 1.00 50.00 ? 31  THR 3 CA 1 
ATOM 745 C CA . PRO D 4 32  ? 12.878  19.350  -17.383 1.00 50.00 ? 32  PRO 3 CA 1 
ATOM 746 C CA . ARG D 4 33  ? 10.777  16.222  -18.038 1.00 50.00 ? 33  ARG 3 CA 1 
ATOM 747 C CA . ILE D 4 34  ? 12.876  13.049  -18.665 1.00 50.00 ? 34  ILE 3 CA 1 
ATOM 748 C CA . HIS D 4 35  ? 11.293  9.942   -20.259 1.00 50.00 ? 35  HIS 3 CA 1 
ATOM 749 C CA . ILE D 4 36  ? 9.591   7.430   -17.900 1.00 50.00 ? 36  ILE 3 CA 1 
ATOM 750 C CA . PRO D 4 37  ? 7.986   4.232   -19.337 1.00 50.00 ? 37  PRO 3 CA 1 
ATOM 751 C CA . GLY D 4 38  ? 4.333   3.700   -18.432 1.00 50.00 ? 38  GLY 3 CA 1 
ATOM 752 C CA . LYS D 4 39  ? 2.368   6.923   -19.053 1.00 50.00 ? 39  LYS 3 CA 1 
ATOM 753 C CA . VAL D 4 40  ? -1.409  6.618   -18.533 1.00 50.00 ? 40  VAL 3 CA 1 
ATOM 754 C CA . HIS D 4 41  ? -3.754  8.915   -20.398 1.00 50.00 ? 41  HIS 3 CA 1 
ATOM 755 C CA . ASN D 4 42  ? -7.275  7.560   -19.835 1.00 50.00 ? 42  ASN 3 CA 1 
ATOM 756 C CA . LEU D 4 43  ? -8.690  5.413   -17.047 1.00 50.00 ? 43  LEU 3 CA 1 
ATOM 757 C CA . LEU D 4 44  ? -10.173 3.518   -20.044 1.00 50.00 ? 44  LEU 3 CA 1 
ATOM 758 C CA . GLU D 4 45  ? -6.650  2.404   -20.862 1.00 50.00 ? 45  GLU 3 CA 1 
ATOM 759 C CA . ILE D 4 46  ? -6.141  0.598   -17.596 1.00 50.00 ? 46  ILE 3 CA 1 
ATOM 760 C CA . ILE D 4 47  ? -9.558  -1.066  -17.020 1.00 50.00 ? 47  ILE 3 CA 1 
ATOM 761 C CA . GLN D 4 48  ? -8.723  -3.276  -20.060 1.00 50.00 ? 48  GLN 3 CA 1 
ATOM 762 C CA . VAL D 4 49  ? -5.914  -5.048  -18.139 1.00 50.00 ? 49  VAL 3 CA 1 
ATOM 763 C CA . ASP D 4 50  ? -7.479  -8.077  -16.420 1.00 50.00 ? 50  ASP 3 CA 1 
ATOM 764 C CA . THR D 4 51  ? -7.171  -8.679  -12.681 1.00 50.00 ? 51  THR 3 CA 1 
ATOM 765 C CA . LEU D 4 52  ? -8.268  -11.578 -10.479 1.00 50.00 ? 52  LEU 3 CA 1 
ATOM 766 C CA . ILE D 4 53  ? -11.773 -11.734 -8.930  1.00 50.00 ? 53  ILE 3 CA 1 
ATOM 767 C CA . PRO D 4 54  ? -12.110 -13.025 -5.324  1.00 50.00 ? 54  PRO 3 CA 1 
ATOM 768 C CA . MET D 4 55  ? -14.976 -15.232 -6.529  1.00 50.00 ? 55  MET 3 CA 1 
ATOM 769 C CA . ASN D 4 56  ? -14.735 -17.631 -3.611  1.00 50.00 ? 56  ASN 3 CA 1 
ATOM 770 C CA . ASN D 4 57  ? -15.886 -14.986 -1.197  1.00 50.00 ? 57  ASN 3 CA 1 
ATOM 771 C CA . THR D 4 58  ? -17.169 -17.527 1.316   1.00 50.00 ? 58  THR 3 CA 1 
ATOM 772 C CA . HIS D 4 59  ? -14.353 -17.075 3.764   1.00 50.00 ? 59  HIS 3 CA 1 
ATOM 773 C CA . THR D 4 60  ? -14.508 -15.097 6.918   1.00 50.00 ? 60  THR 3 CA 1 
ATOM 774 C CA . LYS D 4 61  ? -11.336 -12.978 6.817   1.00 50.00 ? 61  LYS 3 CA 1 
ATOM 775 C CA . ASP D 4 62  ? -9.615  -11.912 3.513   1.00 50.00 ? 62  ASP 3 CA 1 
ATOM 776 C CA . GLU D 4 63  ? -7.468  -14.818 2.253   1.00 50.00 ? 63  GLU 3 CA 1 
ATOM 777 C CA . VAL D 4 64  ? -5.584  -15.896 -0.885  1.00 50.00 ? 64  VAL 3 CA 1 
ATOM 778 C CA . ASN D 4 65  ? -8.143  -18.610 -1.084  1.00 50.00 ? 65  ASN 3 CA 1 
ATOM 779 C CA . SER D 4 66  ? -11.062 -16.565 -2.087  1.00 50.00 ? 66  SER 3 CA 1 
ATOM 780 C CA . TYR D 4 67  ? -9.341  -16.120 -5.421  1.00 50.00 ? 67  TYR 3 CA 1 
ATOM 781 C CA . LEU D 4 68  ? -9.494  -19.912 -5.912  1.00 50.00 ? 68  LEU 3 CA 1 
ATOM 782 C CA . ILE D 4 69  ? -12.673 -21.513 -7.378  1.00 50.00 ? 69  ILE 3 CA 1 
ATOM 783 C CA . PRO D 4 70  ? -12.446 -25.228 -6.472  1.00 50.00 ? 70  PRO 3 CA 1 
ATOM 784 C CA . LEU D 4 71  ? -13.363 -28.042 -8.838  1.00 50.00 ? 71  LEU 3 CA 1 
ATOM 785 C CA . ASN D 4 72  ? -14.267 -31.614 -7.762  1.00 50.00 ? 72  ASN 3 CA 1 
ATOM 786 C CA . ALA D 4 73  ? -13.284 -34.737 -9.810  1.00 50.00 ? 73  ALA 3 CA 1 
ATOM 787 C CA . ASN D 4 74  ? -16.014 -36.926 -11.115 1.00 50.00 ? 74  ASN 3 CA 1 
ATOM 788 C CA . ARG D 4 75  ? -19.089 -34.700 -10.473 1.00 50.00 ? 75  ARG 3 CA 1 
ATOM 789 C CA . GLN D 4 76  ? -21.503 -34.581 -13.480 1.00 50.00 ? 76  GLN 3 CA 1 
ATOM 790 C CA . ASN D 4 77  ? -24.286 -32.084 -14.331 1.00 50.00 ? 77  ASN 3 CA 1 
ATOM 791 C CA . GLU D 4 78  ? -23.517 -29.831 -11.264 1.00 50.00 ? 78  GLU 3 CA 1 
ATOM 792 C CA . GLN D 4 79  ? -22.787 -26.133 -10.690 1.00 50.00 ? 79  GLN 3 CA 1 
ATOM 793 C CA . VAL D 4 80  ? -19.285 -24.656 -10.199 1.00 50.00 ? 80  VAL 3 CA 1 
ATOM 794 C CA . PHE D 4 81  ? -20.084 -21.057 -9.092  1.00 50.00 ? 81  PHE 3 CA 1 
ATOM 795 C CA . GLY D 4 82  ? -22.723 -18.302 -9.586  1.00 50.00 ? 82  GLY 3 CA 1 
ATOM 796 C CA . THR D 4 83  ? -22.760 -14.526 -9.147  1.00 50.00 ? 83  THR 3 CA 1 
ATOM 797 C CA . ASN D 4 84  ? -24.925 -11.602 -10.289 1.00 50.00 ? 84  ASN 3 CA 1 
ATOM 798 C CA . LEU D 4 85  ? -23.269 -8.933  -12.434 1.00 50.00 ? 85  LEU 3 CA 1 
ATOM 799 C CA . PHE D 4 86  ? -23.364 -5.851  -10.209 1.00 50.00 ? 86  PHE 3 CA 1 
ATOM 800 C CA . ILE D 4 87  ? -19.845 -4.796  -11.183 1.00 50.00 ? 87  ILE 3 CA 1 
ATOM 801 C CA . GLY D 4 88  ? -19.855 -2.138  -8.488  1.00 50.00 ? 88  GLY 3 CA 1 
ATOM 802 C CA . ASP D 4 89  ? -20.476 -4.513  -5.626  1.00 50.00 ? 89  ASP 3 CA 1 
ATOM 803 C CA . GLY D 4 90  ? -19.932 -8.010  -4.316  1.00 50.00 ? 90  GLY 3 CA 1 
ATOM 804 C CA . VAL D 4 91  ? -17.147 -10.092 -5.944  1.00 50.00 ? 91  VAL 3 CA 1 
ATOM 805 C CA . PHE D 4 92  ? -16.324 -7.399  -8.525  1.00 50.00 ? 92  PHE 3 CA 1 
ATOM 806 C CA . LYS D 4 93  ? -16.014 -4.590  -6.081  1.00 50.00 ? 93  LYS 3 CA 1 
ATOM 807 C CA . THR D 4 94  ? -12.313 -4.871  -5.096  1.00 50.00 ? 94  THR 3 CA 1 
ATOM 808 C CA . THR D 4 95  ? -11.064 -5.727  -8.559  1.00 50.00 ? 95  THR 3 CA 1 
ATOM 809 C CA . LEU D 4 96  ? -9.420  -2.892  -10.518 1.00 50.00 ? 96  LEU 3 CA 1 
ATOM 810 C CA . LEU D 4 97  ? -12.457 -2.772  -12.791 1.00 50.00 ? 97  LEU 3 CA 1 
ATOM 811 C CA . GLY D 4 98  ? -14.830 -2.676  -9.862  1.00 50.00 ? 98  GLY 3 CA 1 
ATOM 812 C CA . GLU D 4 99  ? -12.621 -0.129  -8.156  1.00 50.00 ? 99  GLU 3 CA 1 
ATOM 813 C CA . ILE D 4 100 ? -12.633 2.320   -11.098 1.00 50.00 ? 100 ILE 3 CA 1 
ATOM 814 C CA . VAL D 4 101 ? -16.285 1.870   -12.029 1.00 50.00 ? 101 VAL 3 CA 1 
ATOM 815 C CA . GLN D 4 102 ? -16.966 3.186   -8.564  1.00 50.00 ? 102 GLN 3 CA 1 
ATOM 816 C CA . TYR D 4 103 ? -15.479 6.575   -9.495  1.00 50.00 ? 103 TYR 3 CA 1 
ATOM 817 C CA . TYR D 4 104 ? -18.283 6.944   -12.073 1.00 50.00 ? 104 TYR 3 CA 1 
ATOM 818 C CA . THR D 4 105 ? -22.041 6.920   -11.944 1.00 50.00 ? 105 THR 3 CA 1 
ATOM 819 C CA . HIS D 4 106 ? -22.989 5.150   -15.208 1.00 50.00 ? 106 HIS 3 CA 1 
ATOM 820 C CA . TRP D 4 107 ? -21.269 2.384   -17.230 1.00 50.00 ? 107 TRP 3 CA 1 
ATOM 821 C CA . SER D 4 108 ? -22.124 0.731   -20.554 1.00 50.00 ? 108 SER 3 CA 1 
ATOM 822 C CA . GLY D 4 109 ? -20.168 -1.846  -22.588 1.00 50.00 ? 109 GLY 3 CA 1 
ATOM 823 C CA . SER D 4 110 ? -18.992 -5.426  -22.826 1.00 50.00 ? 110 SER 3 CA 1 
ATOM 824 C CA . LEU D 4 111 ? -17.094 -7.238  -20.033 1.00 50.00 ? 111 LEU 3 CA 1 
ATOM 825 C CA . ARG D 4 112 ? -14.505 -9.918  -20.553 1.00 50.00 ? 112 ARG 3 CA 1 
ATOM 826 C CA . PHE D 4 113 ? -14.602 -12.769 -17.981 1.00 50.00 ? 113 PHE 3 CA 1 
ATOM 827 C CA . SER D 4 114 ? -11.861 -15.443 -18.382 1.00 50.00 ? 114 SER 3 CA 1 
ATOM 828 C CA . LEU D 4 115 ? -10.985 -18.549 -16.317 1.00 50.00 ? 115 LEU 3 CA 1 
ATOM 829 C CA . MET D 4 116 ? -7.420  -19.995 -16.263 1.00 50.00 ? 116 MET 3 CA 1 
ATOM 830 C CA . TYR D 4 117 ? -7.231  -23.725 -15.294 1.00 50.00 ? 117 TYR 3 CA 1 
ATOM 831 C CA . THR D 4 118 ? -4.474  -24.847 -12.886 1.00 50.00 ? 118 THR 3 CA 1 
ATOM 832 C CA . GLY D 4 119 ? -5.043  -28.663 -12.536 1.00 50.00 ? 119 GLY 3 CA 1 
ATOM 833 C CA . PRO D 4 120 ? -2.367  -31.253 -13.384 1.00 50.00 ? 120 PRO 3 CA 1 
ATOM 834 C CA . ALA D 4 121 ? -1.534  -31.380 -17.048 1.00 50.00 ? 121 ALA 3 CA 1 
ATOM 835 C CA . LEU D 4 122 ? -2.704  -35.078 -17.340 1.00 50.00 ? 122 LEU 3 CA 1 
ATOM 836 C CA . SER D 4 123 ? -6.266  -34.235 -16.191 1.00 50.00 ? 123 SER 3 CA 1 
ATOM 837 C CA . SER D 4 124 ? -9.134  -33.064 -18.432 1.00 50.00 ? 124 SER 3 CA 1 
ATOM 838 C CA . ALA D 4 125 ? -12.484 -31.303 -18.016 1.00 50.00 ? 125 ALA 3 CA 1 
ATOM 839 C CA . LYS D 4 126 ? -15.298 -29.637 -19.980 1.00 50.00 ? 126 LYS 3 CA 1 
ATOM 840 C CA . LEU D 4 127 ? -17.129 -26.729 -18.359 1.00 50.00 ? 127 LEU 3 CA 1 
ATOM 841 C CA . ILE D 4 128 ? -19.953 -24.494 -19.634 1.00 50.00 ? 128 ILE 3 CA 1 
ATOM 842 C CA . LEU D 4 129 ? -20.012 -20.778 -18.679 1.00 50.00 ? 129 LEU 3 CA 1 
ATOM 843 C CA . ALA D 4 130 ? -23.390 -19.062 -19.134 1.00 50.00 ? 130 ALA 3 CA 1 
ATOM 844 C CA . TYR D 4 131 ? -24.377 -15.366 -19.109 1.00 50.00 ? 131 TYR 3 CA 1 
ATOM 845 C CA . THR D 4 132 ? -28.145 -14.887 -18.345 1.00 50.00 ? 132 THR 3 CA 1 
ATOM 846 C CA . PRO D 4 133 ? -29.430 -11.496 -19.613 1.00 50.00 ? 133 PRO 3 CA 1 
ATOM 847 C CA . PRO D 4 134 ? -31.638 -9.403  -17.346 1.00 50.00 ? 134 PRO 3 CA 1 
ATOM 848 C CA . GLY D 4 135 ? -35.201 -10.595 -16.995 1.00 50.00 ? 135 GLY 3 CA 1 
ATOM 849 C CA . ALA D 4 136 ? -34.816 -14.214 -15.892 1.00 50.00 ? 136 ALA 3 CA 1 
ATOM 850 C CA . ARG D 4 137 ? -33.584 -15.590 -12.527 1.00 50.00 ? 137 ARG 3 CA 1 
ATOM 851 C CA . GLY D 4 138 ? -30.057 -16.931 -11.888 1.00 50.00 ? 138 GLY 3 CA 1 
ATOM 852 C CA . PRO D 4 139 ? -30.267 -20.326 -13.651 1.00 50.00 ? 139 PRO 3 CA 1 
ATOM 853 C CA . GLN D 4 140 ? -30.903 -23.244 -11.390 1.00 50.00 ? 140 GLN 3 CA 1 
ATOM 854 C CA . ASP D 4 141 ? -29.519 -26.129 -13.474 1.00 50.00 ? 141 ASP 3 CA 1 
ATOM 855 C CA . ARG D 4 142 ? -27.434 -26.286 -16.683 1.00 50.00 ? 142 ARG 3 CA 1 
ATOM 856 C CA . ARG D 4 143 ? -30.505 -26.874 -18.775 1.00 50.00 ? 143 ARG 3 CA 1 
ATOM 857 C CA . GLU D 4 144 ? -31.749 -23.568 -17.696 1.00 50.00 ? 144 GLU 3 CA 1 
ATOM 858 C CA . ALA D 4 145 ? -28.282 -22.063 -18.000 1.00 50.00 ? 145 ALA 3 CA 1 
ATOM 859 C CA . MET D 4 146 ? -27.446 -23.365 -21.466 1.00 50.00 ? 146 MET 3 CA 1 
ATOM 860 C CA . LEU D 4 147 ? -30.383 -21.482 -23.097 1.00 50.00 ? 147 LEU 3 CA 1 
ATOM 861 C CA . GLY D 4 148 ? -28.614 -18.071 -22.748 1.00 50.00 ? 148 GLY 3 CA 1 
ATOM 862 C CA . THR D 4 149 ? -25.114 -16.845 -23.703 1.00 50.00 ? 149 THR 3 CA 1 
ATOM 863 C CA . HIS D 4 150 ? -22.713 -19.686 -23.045 1.00 50.00 ? 150 HIS 3 CA 1 
ATOM 864 C CA . VAL D 4 151 ? -19.329 -21.186 -24.117 1.00 50.00 ? 151 VAL 3 CA 1 
ATOM 865 C CA . VAL D 4 152 ? -18.420 -24.911 -23.729 1.00 50.00 ? 152 VAL 3 CA 1 
ATOM 866 C CA . TRP D 4 153 ? -14.800 -24.669 -22.534 1.00 50.00 ? 153 TRP 3 CA 1 
ATOM 867 C CA . ASP D 4 154 ? -12.581 -27.711 -23.273 1.00 50.00 ? 154 ASP 3 CA 1 
ATOM 868 C CA . ILE D 4 155 ? -9.561  -27.718 -20.869 1.00 50.00 ? 155 ILE 3 CA 1 
ATOM 869 C CA . GLY D 4 156 ? -6.455  -28.205 -22.905 1.00 50.00 ? 156 GLY 3 CA 1 
ATOM 870 C CA . LEU D 4 157 ? -3.029  -27.007 -23.750 1.00 50.00 ? 157 LEU 3 CA 1 
ATOM 871 C CA . GLN D 4 158 ? -4.450  -23.516 -24.022 1.00 50.00 ? 158 GLN 3 CA 1 
ATOM 872 C CA . SER D 4 159 ? -4.993  -22.815 -20.379 1.00 50.00 ? 159 SER 3 CA 1 
ATOM 873 C CA . THR D 4 160 ? -7.459  -19.875 -20.348 1.00 50.00 ? 160 THR 3 CA 1 
ATOM 874 C CA . ILE D 4 161 ? -10.883 -19.301 -21.825 1.00 50.00 ? 161 ILE 3 CA 1 
ATOM 875 C CA . VAL D 4 162 ? -12.196 -15.783 -22.390 1.00 50.00 ? 162 VAL 3 CA 1 
ATOM 876 C CA . MET D 4 163 ? -15.946 -15.380 -22.137 1.00 50.00 ? 163 MET 3 CA 1 
ATOM 877 C CA . THR D 4 164 ? -17.408 -11.969 -23.141 1.00 50.00 ? 164 THR 3 CA 1 
ATOM 878 C CA . ILE D 4 165 ? -20.635 -10.712 -21.494 1.00 50.00 ? 165 ILE 3 CA 1 
ATOM 879 C CA . PRO D 4 166 ? -21.916 -8.864  -24.563 1.00 50.00 ? 166 PRO 3 CA 1 
ATOM 880 C CA . TRP D 4 167 ? -23.817 -5.660  -23.747 1.00 50.00 ? 167 TRP 3 CA 1 
ATOM 881 C CA . THR D 4 168 ? -27.473 -6.781  -23.623 1.00 50.00 ? 168 THR 3 CA 1 
ATOM 882 C CA . SER D 4 169 ? -29.642 -3.822  -22.716 1.00 50.00 ? 169 SER 3 CA 1 
ATOM 883 C CA . GLY D 4 170 ? -32.707 -1.740  -23.436 1.00 50.00 ? 170 GLY 3 CA 1 
ATOM 884 C CA . VAL D 4 171 ? -31.427 1.470   -21.732 1.00 50.00 ? 171 VAL 3 CA 1 
ATOM 885 C CA . GLN D 4 172 ? -27.954 2.435   -22.984 1.00 50.00 ? 172 GLN 3 CA 1 
ATOM 886 C CA . PHE D 4 173 ? -26.410 3.028   -19.567 1.00 50.00 ? 173 PHE 3 CA 1 
ATOM 887 C CA . ARG D 4 174 ? -26.703 1.230   -16.259 1.00 50.00 ? 174 ARG 3 CA 1 
ATOM 888 C CA . TYR D 4 175 ? -25.866 2.495   -12.789 1.00 50.00 ? 175 TYR 3 CA 1 
ATOM 889 C CA . THR D 4 176 ? -22.559 1.286   -11.248 1.00 50.00 ? 176 THR 3 CA 1 
ATOM 890 C CA . ASP D 4 177 ? -24.171 1.210   -7.778  1.00 50.00 ? 177 ASP 3 CA 1 
ATOM 891 C CA . PRO D 4 178 ? -26.584 -1.728  -7.902  1.00 50.00 ? 178 PRO 3 CA 1 
ATOM 892 C CA . ASP D 4 179 ? -29.993 -0.811  -9.207  1.00 50.00 ? 179 ASP 3 CA 1 
ATOM 893 C CA . THR D 4 180 ? -32.878 -2.997  -10.323 1.00 50.00 ? 180 THR 3 CA 1 
ATOM 894 C CA . TYR D 4 181 ? -34.256 -1.435  -13.450 1.00 50.00 ? 181 TYR 3 CA 1 
ATOM 895 C CA . THR D 4 182 ? -30.684 -1.146  -14.568 1.00 50.00 ? 182 THR 3 CA 1 
ATOM 896 C CA . SER D 4 183 ? -29.582 -4.674  -13.579 1.00 50.00 ? 183 SER 3 CA 1 
ATOM 897 C CA . ALA D 4 184 ? -27.335 -6.760  -15.838 1.00 50.00 ? 184 ALA 3 CA 1 
ATOM 898 C CA . GLY D 4 185 ? -27.941 -10.508 -15.387 1.00 50.00 ? 185 GLY 3 CA 1 
ATOM 899 C CA . PHE D 4 186 ? -26.161 -13.454 -13.882 1.00 50.00 ? 186 PHE 3 CA 1 
ATOM 900 C CA . LEU D 4 187 ? -23.068 -15.488 -14.680 1.00 50.00 ? 187 LEU 3 CA 1 
ATOM 901 C CA . SER D 4 188 ? -22.989 -19.229 -13.788 1.00 50.00 ? 188 SER 3 CA 1 
ATOM 902 C CA . CYS D 4 189 ? -20.618 -22.182 -14.625 1.00 50.00 ? 189 CYS 3 CA 1 
ATOM 903 C CA . TRP D 4 190 ? -21.431 -25.969 -14.579 1.00 50.00 ? 190 TRP 3 CA 1 
ATOM 904 C CA . TYR D 4 191 ? -19.665 -29.242 -15.425 1.00 50.00 ? 191 TYR 3 CA 1 
ATOM 905 C CA . GLN D 4 192 ? -20.326 -30.005 -19.132 1.00 50.00 ? 192 GLN 3 CA 1 
ATOM 906 C CA . THR D 4 193 ? -18.905 -33.464 -18.747 1.00 50.00 ? 193 THR 3 CA 1 
ATOM 907 C CA . SER D 4 194 ? -16.731 -33.499 -15.583 1.00 50.00 ? 194 SER 3 CA 1 
ATOM 908 C CA . LEU D 4 195 ? -13.161 -33.041 -14.247 1.00 50.00 ? 195 LEU 3 CA 1 
ATOM 909 C CA . ILE D 4 196 ? -11.080 -36.297 -14.450 1.00 50.00 ? 196 ILE 3 CA 1 
ATOM 910 C CA . LEU D 4 197 ? -7.711  -36.546 -12.583 1.00 50.00 ? 197 LEU 3 CA 1 
ATOM 911 C CA . PRO D 4 198 ? -4.903  -38.855 -13.719 1.00 50.00 ? 198 PRO 3 CA 1 
ATOM 912 C CA . PRO D 4 199 ? -3.788  -41.726 -11.521 1.00 50.00 ? 199 PRO 3 CA 1 
ATOM 913 C CA . GLU D 4 200 ? -1.591  -40.982 -8.513  1.00 50.00 ? 200 GLU 3 CA 1 
ATOM 914 C CA . THR D 4 201 ? -3.345  -37.658 -8.191  1.00 50.00 ? 201 THR 3 CA 1 
ATOM 915 C CA . THR D 4 202 ? -5.936  -36.373 -5.800  1.00 50.00 ? 202 THR 3 CA 1 
ATOM 916 C CA . GLY D 4 203 ? -8.130  -33.737 -4.366  1.00 50.00 ? 203 GLY 3 CA 1 
ATOM 917 C CA . GLN D 4 204 ? -9.413  -30.402 -5.577  1.00 50.00 ? 204 GLN 3 CA 1 
ATOM 918 C CA . VAL D 4 205 ? -8.055  -28.427 -8.535  1.00 50.00 ? 205 VAL 3 CA 1 
ATOM 919 C CA . TYR D 4 206 ? -8.716  -24.682 -8.835  1.00 50.00 ? 206 TYR 3 CA 1 
ATOM 920 C CA . LEU D 4 207 ? -9.611  -22.195 -11.534 1.00 50.00 ? 207 LEU 3 CA 1 
ATOM 921 C CA . LEU D 4 208 ? -8.365  -18.577 -11.261 1.00 50.00 ? 208 LEU 3 CA 1 
ATOM 922 C CA . SER D 4 209 ? -10.869 -16.044 -12.736 1.00 50.00 ? 209 SER 3 CA 1 
ATOM 923 C CA . PHE D 4 210 ? -10.153 -12.557 -14.142 1.00 50.00 ? 210 PHE 3 CA 1 
ATOM 924 C CA . ILE D 4 211 ? -12.280 -9.533  -15.174 1.00 50.00 ? 211 ILE 3 CA 1 
ATOM 925 C CA . SER D 4 212 ? -11.452 -6.623  -17.540 1.00 50.00 ? 212 SER 3 CA 1 
ATOM 926 C CA . ALA D 4 213 ? -13.573 -4.367  -19.793 1.00 50.00 ? 213 ALA 3 CA 1 
ATOM 927 C CA . CYS D 4 214 ? -13.876 -4.662  -23.601 1.00 50.00 ? 214 CYS 3 CA 1 
ATOM 928 C CA . PRO D 4 215 ? -12.869 -1.713  -25.785 1.00 50.00 ? 215 PRO 3 CA 1 
ATOM 929 C CA . ASP D 4 216 ? -16.643 -1.154  -26.063 1.00 50.00 ? 216 ASP 3 CA 1 
ATOM 930 C CA . PHE D 4 217 ? -16.869 0.212   -22.541 1.00 50.00 ? 217 PHE 3 CA 1 
ATOM 931 C CA . LYS D 4 218 ? -18.018 3.683   -21.461 1.00 50.00 ? 218 LYS 3 CA 1 
ATOM 932 C CA . LEU D 4 219 ? -18.027 5.174   -17.922 1.00 50.00 ? 219 LEU 3 CA 1 
ATOM 933 C CA . ARG D 4 220 ? -19.438 8.661   -17.218 1.00 50.00 ? 220 ARG 3 CA 1 
ATOM 934 C CA . LEU D 4 221 ? -20.445 11.195  -14.570 1.00 50.00 ? 221 LEU 3 CA 1 
ATOM 935 C CA . MET D 4 222 ? -17.641 11.122  -12.019 1.00 50.00 ? 222 MET 3 CA 1 
ATOM 936 C CA . LYS D 4 223 ? -18.385 10.943  -8.346  1.00 50.00 ? 223 LYS 3 CA 1 
ATOM 937 C CA . ASP D 4 224 ? -16.860 9.914   -5.024  1.00 50.00 ? 224 ASP 3 CA 1 
ATOM 938 C CA . THR D 4 225 ? -16.127 6.282   -4.144  1.00 50.00 ? 225 THR 3 CA 1 
ATOM 939 C CA . GLN D 4 226 ? -17.735 4.478   -1.255  1.00 50.00 ? 226 GLN 3 CA 1 
ATOM 940 C CA . THR D 4 227 ? -14.454 2.607   -1.065  1.00 50.00 ? 227 THR 3 CA 1 
ATOM 941 C CA . ILE D 4 228 ? -12.534 5.041   1.153   1.00 50.00 ? 228 ILE 3 CA 1 
ATOM 942 C CA . SER D 4 229 ? -13.299 7.319   4.080   1.00 50.00 ? 229 SER 3 CA 1 
ATOM 943 C CA . GLN D 4 230 ? -11.713 8.745   7.204   1.00 50.00 ? 230 GLN 3 CA 1 
ATOM 944 C CA . THR D 4 231 ? -12.505 10.211  10.581  1.00 50.00 ? 231 THR 3 CA 1 
ATOM 945 C CA . VAL D 4 232 ? -9.638  12.631  11.352  1.00 50.00 ? 232 VAL 3 CA 1 
ATOM 946 C CA . ALA D 4 233 ? -7.062  14.225  9.102   1.00 50.00 ? 233 ALA 3 CA 1 
ATOM 947 C CA . LEU D 4 234 ? -3.877  12.145  8.934   1.00 50.00 ? 234 LEU 3 CA 1 
ATOM 948 C CA . THR D 4 235 ? -0.553  13.666  10.025  1.00 50.00 ? 235 THR 3 CA 1 
ATOM 949 C CA . GLU D 4 236 ? 3.143   12.825  9.501   1.00 50.00 ? 236 GLU 3 CA 1 
ATOM 950 C CA . ILE E 5 29  ? -7.014  34.333  -24.511 1.00 50.00 ? 29  ILE 4 CA 1 
ATOM 951 C CA . ASN E 5 30  ? -4.393  33.946  -21.791 1.00 50.00 ? 30  ASN 4 CA 1 
ATOM 952 C CA . TYR E 5 31  ? -4.463  37.005  -19.506 1.00 50.00 ? 31  TYR 4 CA 1 
ATOM 953 C CA . TYR E 5 32  ? -1.391  35.916  -17.637 1.00 50.00 ? 32  TYR 4 CA 1 
ATOM 954 C CA . LYS E 5 33  ? 2.227   35.488  -18.508 1.00 50.00 ? 33  LYS 4 CA 1 
ATOM 955 C CA . ASP E 5 34  ? 3.174   32.157  -16.966 1.00 50.00 ? 34  ASP 4 CA 1 
ATOM 956 C CA . ALA E 5 35  ? 2.097   28.761  -18.280 1.00 50.00 ? 35  ALA 4 CA 1 
ATOM 957 C CA . ALA E 5 36  ? 0.991   27.464  -14.910 1.00 50.00 ? 36  ALA 4 CA 1 
ATOM 958 C CA . SER E 5 37  ? -1.679  30.018  -14.920 1.00 50.00 ? 37  SER 4 CA 1 
ATOM 959 C CA . THR E 5 38  ? -3.614  28.661  -17.871 1.00 50.00 ? 38  THR 4 CA 1 
ATOM 960 C CA . SER E 5 39  ? -6.697  26.508  -17.506 1.00 50.00 ? 39  SER 4 CA 1 
ATOM 961 C CA . SER E 5 40  ? -6.924  22.743  -17.632 1.00 50.00 ? 40  SER 4 CA 1 
ATOM 962 C CA . ALA E 5 41  ? -5.307  20.885  -20.470 1.00 50.00 ? 41  ALA 4 CA 1 
ATOM 963 C CA . GLY E 5 42  ? -7.640  19.377  -23.205 1.00 50.00 ? 42  GLY 4 CA 1 
ATOM 964 C CA . GLN E 5 43  ? -8.072  15.623  -23.859 1.00 50.00 ? 43  GLN 4 CA 1 
ATOM 965 C CA . SER E 5 44  ? -5.054  13.534  -24.470 1.00 50.00 ? 44  SER 4 CA 1 
ATOM 966 C CA . LEU E 5 45  ? -7.107  11.719  -26.975 1.00 50.00 ? 45  LEU 4 CA 1 
ATOM 967 C CA . SER E 5 46  ? -3.967  9.544   -26.800 1.00 50.00 ? 46  SER 4 CA 1 
ATOM 968 C CA . MET E 5 47  ? -5.146  6.149   -25.535 1.00 50.00 ? 47  MET 4 CA 1 
ATOM 969 C CA . ASP E 5 48  ? -3.022  3.063   -26.112 1.00 50.00 ? 48  ASP 4 CA 1 
ATOM 970 C CA . PRO E 5 49  ? -3.586  0.258   -23.682 1.00 50.00 ? 49  PRO 4 CA 1 
ATOM 971 C CA . SER E 5 50  ? -1.082  -2.075  -25.265 1.00 50.00 ? 50  SER 4 CA 1 
ATOM 972 C CA . LYS E 5 51  ? 1.763   -1.052  -22.961 1.00 50.00 ? 51  LYS 4 CA 1 
ATOM 973 C CA . PHE E 5 52  ? -0.421  -2.438  -20.136 1.00 50.00 ? 52  PHE 4 CA 1 
ATOM 974 C CA . THR E 5 53  ? -2.475  -5.151  -21.870 1.00 50.00 ? 53  THR 4 CA 1 
ATOM 975 C CA . GLU E 5 54  ? 0.075   -6.732  -24.181 1.00 50.00 ? 54  GLU 4 CA 1 
ATOM 976 C CA . PRO E 5 55  ? 3.608   -6.109  -22.993 1.00 50.00 ? 55  PRO 4 CA 1 
ATOM 977 C CA . VAL E 5 56  ? 4.744   -9.482  -24.446 1.00 50.00 ? 56  VAL 4 CA 1 
ATOM 978 C CA . LYS E 5 57  ? 8.077   -9.752  -26.243 1.00 50.00 ? 57  LYS 4 CA 1 
ATOM 979 C CA . ASP E 5 58  ? 6.873   -11.924 -29.158 1.00 50.00 ? 58  ASP 4 CA 1 
ATOM 980 C CA . LEU E 5 59  ? 3.627   -10.631 -30.601 1.00 50.00 ? 59  LEU 4 CA 1 
ATOM 981 C CA . MET E 5 60  ? 0.498   -12.656 -30.007 1.00 50.00 ? 60  MET 4 CA 1 
ATOM 982 C CA . LEU E 5 61  ? -2.189  -12.810 -32.733 1.00 50.00 ? 61  LEU 4 CA 1 
ATOM 983 C CA . LYS E 5 62  ? -5.778  -13.314 -31.591 1.00 50.00 ? 62  LYS 4 CA 1 
ATOM 984 C CA . GLY E 5 63  ? -6.989  -16.584 -33.141 1.00 50.00 ? 63  GLY 4 CA 1 
ATOM 985 C CA . ALA E 5 64  ? -3.570  -18.076 -33.485 1.00 50.00 ? 64  ALA 4 CA 1 
ATOM 986 C CA . PRO E 5 65  ? -2.662  -20.480 -30.687 1.00 50.00 ? 65  PRO 4 CA 1 
ATOM 987 C CA . ALA E 5 66  ? -1.271  -18.832 -27.540 1.00 50.00 ? 66  ALA 4 CA 1 
ATOM 988 C CA . LEU E 5 67  ? 1.527   -21.370 -27.100 1.00 50.00 ? 67  LEU 4 CA 1 
ATOM 989 C CA . ASN E 5 68  ? 2.966   -22.999 -30.201 1.00 50.00 ? 68  ASN 4 CA 1 
# 
